data_7TN2
#
_entry.id   7TN2
#
_cell.length_a   1.00
_cell.length_b   1.00
_cell.length_c   1.00
_cell.angle_alpha   90.00
_cell.angle_beta   90.00
_cell.angle_gamma   90.00
#
_symmetry.space_group_name_H-M   'P 1'
#
loop_
_entity.id
_entity.type
_entity.pdbx_description
1 polymer 'Histone H3'
2 polymer 'Histone H4'
3 polymer 'Histone H2A type 1'
4 polymer 'Histone H2B'
5 polymer 'DNA Tracking Strand'
6 polymer 'DNA Lagging Strand'
7 polymer 'Chromo domain-containing protein 1'
#
loop_
_entity_poly.entity_id
_entity_poly.type
_entity_poly.pdbx_seq_one_letter_code
_entity_poly.pdbx_strand_id
1 'polypeptide(L)'
;ARTKQTARKSTGGKAPRKQLATKAARKSAPATGGVKKPHRYRPGTVALREIRRYQKSTELLIRKLPFQRLVREIAQDFKT
DLRFQSSAVMALQEASEAYLVALFEDTNLAAIHAKRVTIMPKDIQLARRIRGERA
;
A,E
2 'polypeptide(L)'
;SGRGKGGKGLGKGGAKRHRKVLRDNIQGITKPAIRRLARRGGVKRISGLIYEETRGVLKVFLENVIRDAVTYTEHAKRKT
VTAMDVVYALKRQGRTLYGFGG
;
B,F
3 'polypeptide(L)'
;SGRGKQGGKTRAKAKTRSSRAGLQFPVGRVHRLLRKGNYAERVGAGAPVYLAAVLEYLTAEILELAGNAARDNKKTRIIP
RHLQLAVRNDEELNKLLGRVTIAQGGVLPNIQSVLLPKKTESSKSAKSK
;
C,G
4 'polypeptide(L)'
;AKSAPAPKKGSKKAVTKTQKKDGKKRRKTRKESYAIYVYKVLKQVHPDTGISCKAMSIMNSFVNDVFERIAGEASRLAHY
NKRSTITSREIQTAVRLLLPGELAKHAVSEGTKAVTKYTSAK
;
D,H
5 'polydeoxyribonucleotide'
;(DA)(DG)(DT)(DT)(DC)(DA)(DT)(DC)(DC)(DC)(DT)(DT)(DA)(DT)(DG)(DT)(DG)(DA)(DT)(DG)
(DG)(DA)(DC)(DC)(DC)(DT)(DA)(DT)(DA)(DC)(DG)(DC)(DG)(DG)(DC)(DC)(DG)(DC)(DC)(DC)
(DT)(DG)(DG)(DA)(DG)(DA)(DA)(DT)(DC)(DC)(DC)(DG)(DG)(DT)(DG)(DC)(DC)(DG)(DA)(DG)
(DG)(DC)(DC)(DG)(DC)(DT)(DC)(DA)(DA)(DT)(DT)(DG)(DG)(DT)(DC)(DG)(DT)(DA)(DG)(DA)
(DC)(DA)(DG)(DC)(DT)(DC)(DT)(DA)(DG)(DC)(DA)(DA)(DC)(DC)(DG)(DC)(DT)(DT)(DA)(DA)
(DA)(DC)(DG)(DC)(DA)(DC)(DG)(DT)(DA)(DC)(DG)(DC)(DG)(DC)(DT)(DG)(DT)(DC)(DC)(DC)
(DC)(DC)(DG)(DC)(DG)(DT)(DT)(DT)(DT)(DA)(DA)(DC)(DC)(DG)(DC)(DC)(DA)(DA)(DG)(DG)
(DG)(DG)(DA)(DT)(DT)(DA)(DC)(DT)(DC)(DC)(DC)(DT)(DA)(DG)(DT)(DC)(DT)(DC)(DC)(DA)
(DG)(DG)(DC)(DA)(DC)(DG)(DT)(DG)(DT)(DC)(DA)(DG)(DA)(DT)(DA)(DT)(DA)(DT)(DA)(DC)
(DA)(DT)(DC)(DC)(DT)(DG)(DT)(DG)(DC)(DA)(DT)(DG)(DT)(DA)(DT)(DT)(DG)(DA)(DA)(DC)
(DA)(DG)(DC)(DG)(DA)(DC)(DC)(DT)(DT)(DG)(DC)(DC)(DG)(DG)(DT)(DG)(DC)(DC)(DA)(DG)
(DT)(DC)(DG)(DG)(DA)(DT)
;
I
6 'polydeoxyribonucleotide'
;(DA)(DT)(DC)(DC)(DG)(DA)(DC)(DT)(DG)(DG)(DC)(DA)(DC)(DC)(DG)(DG)(DC)(DA)(DA)(DG)
(DG)(DT)(DC)(DG)(DC)(DT)(DG)(DT)(DT)(DC)(DA)(DA)(DT)(DA)(DC)(DA)(DT)(DG)(DC)(DA)
(DC)(DA)(DG)(DG)(DA)(DT)(DG)(DT)(DA)(DT)(DA)(DT)(DA)(DT)(DC)(DT)(DG)(DA)(DC)(DA)
(DC)(DG)(DT)(DG)(DC)(DC)(DT)(DG)(DG)(DA)(DG)(DA)(DC)(DT)(DA)(DG)(DG)(DG)(DA)(DG)
(DT)(DA)(DA)(DT)(DC)(DC)(DC)(DC)(DT)(DT)(DG)(DG)(DC)(DG)(DG)(DT)(DT)(DA)(DA)(DA)
(DA)(DC)(DG)(DC)(DG)(DG)(DG)(DG)(DG)(DA)(DC)(DA)(DG)(DC)(DG)(DC)(DG)(DT)(DA)(DC)
(DG)(DT)(DG)(DC)(DG)(DT)(DT)(DT)(DA)(DA)(DG)(DC)(DG)(DG)(DT)(DT)(DG)(DC)(DT)(DA)
(DG)(DA)(DG)(DC)(DT)(DG)(DT)(DC)(DT)(DA)(DC)(DG)(DA)(DC)(DC)(DA)(DA)(DT)(DT)(DG)
(DA)(DG)(DC)(DG)(DG)(DC)(DC)(DT)(DC)(DG)(DG)(DC)(DA)(DC)(DC)(DG)(DG)(DG)(DA)(DT)
(DT)(DC)(DT)(DC)(DC)(DA)(DG)(DG)(DG)(DC)(DG)(DG)(DC)(DC)(DG)(DC)(DG)(DT)(DA)(DT)
(DA)(DG)(DG)(DG)(DT)(DC)(DC)(DA)(DT)(DC)(DA)(DC)(DA)(DT)(DA)(DA)(DG)(DG)(DG)(DA)
(DT)(DG)(DA)(DA)(DC)(DT)
;
J
7 'polypeptide(L)'
;GPQSTVKIPTRFSNRQNKTVNYNIDYSDDDLLESEDDYGSEEALSEENVHEASANPQPEDFHGIDIVINHRLKTSLEEGK
VLEKTVPDLNNCKENYEFLIKWTDESHLHNTWETYESIGQVRGLKRLDNYCKQFIIEDQQVRLDPYVTAEDIEIMDMERE
RRLDEFEEFHVPERIIDSQRASLEDGTSQLQYLVKWRRLNYDEATWENATDIVKLAPEQVKHFQNRENSKILPQYSSNYT
SQRPRFEKLSVQPPFIKGGELRDFQLTGINWMAFLWSKGDNGILADEMGLGKTVQTVAFISWLIFARRQNGPHIIVVPLS
TMPAWLDTFEKWAPDLNCICYMGNQKSRDTIREYEFYTNPRAKGKKTMKFNVLLTTYEYILKDRAELGSIKWQFMAVDEA
HRLKNAESSLYESLNSFKVANRMLITGTPLQNNIKELAALVNFLMPGRFTIDQEIDFENQDEEQEEYIHDLHRRIQPFIL
RRLKKDVEKSLPSKTERILRVELSDVQTEYYKNILTKNYSALTAGAKGGHFSLLNIMNELKKASNHPYLFDNAEERVLQK
FGDGKMTRENVLRGLIMSSGKMVLLDQLLTRLKKDGHRVLIFSQMVRMLDILGDYLSIKGINFQRLDGTVPSAQRRISID
HFNSPDSNDFVFLLSTRAGGLGINLMTADTVVIFDSDWNPQADLQAMARAHRIGQKNHVMVYRLVSKDTVEEEVLERARK
KMILEYAIISLGVTDGNKYTKKNEPNAGELSAILKFGAGNMFTATDNQKKLEDLNLDDVLNHAEDHVTTPDLGESHLGGE
EFLKQFEVTDYKADIDWDDIIPEEELKKLQDEEQKRKDEEYVKEQLEMMNRRDNALKKIKNSVNGDGTAANSDSDDDSTS
RSSRRRARANDMDSIGESEVRALYKAILKFGNLKEILDELIADGTLPVKSFEKYGETYDEMMEAAKDCVHEEEKNRKEIL
EKLEKHATAYRAKLKSGEIKAENQPKDNPLTRLSLKKREKKAVLFNFKGVKSLNAESLLSRVEDLKYLKNLINSNYKDDP
LKFSLGNNTPKPVQNWSSNWTKEEDEKLLIGVFKYGYGSWTQIRDDPFLGITDKIFLNEVHNPVAKKSASSSDTTPTPSK
KGKGITGSSKKVPGAIHLGRRVDYLLSFLRGGLNTKSPS
;
W
#
loop_
_chem_comp.id
_chem_comp.type
_chem_comp.name
_chem_comp.formula
DA DNA linking 2'-DEOXYADENOSINE-5'-MONOPHOSPHATE 'C10 H14 N5 O6 P'
DC DNA linking 2'-DEOXYCYTIDINE-5'-MONOPHOSPHATE 'C9 H14 N3 O7 P'
DG DNA linking 2'-DEOXYGUANOSINE-5'-MONOPHOSPHATE 'C10 H14 N5 O7 P'
DT DNA linking THYMIDINE-5'-MONOPHOSPHATE 'C10 H15 N2 O8 P'
#
# COMPACT_ATOMS: atom_id res chain seq x y z
N HIS A 39 21.86 5.66 23.88
CA HIS A 39 21.16 4.55 23.25
C HIS A 39 22.01 3.95 22.13
N ARG A 40 23.28 3.69 22.46
CA ARG A 40 24.24 3.16 21.51
C ARG A 40 24.23 1.64 21.58
N TYR A 41 23.86 0.99 20.48
CA TYR A 41 23.87 -0.45 20.42
C TYR A 41 25.27 -0.97 20.16
N ARG A 42 25.50 -2.22 20.54
CA ARG A 42 26.79 -2.84 20.31
C ARG A 42 27.01 -3.07 18.82
N PRO A 43 28.26 -3.27 18.41
CA PRO A 43 28.51 -3.72 17.03
C PRO A 43 28.13 -5.19 16.86
N GLY A 44 27.58 -5.51 15.68
CA GLY A 44 27.20 -6.87 15.39
C GLY A 44 25.84 -7.28 15.87
N THR A 45 24.97 -6.33 16.19
CA THR A 45 23.65 -6.63 16.73
C THR A 45 22.52 -6.20 15.81
N VAL A 46 22.83 -5.75 14.59
CA VAL A 46 21.77 -5.27 13.71
C VAL A 46 20.91 -6.42 13.22
N ALA A 47 21.53 -7.57 12.93
CA ALA A 47 20.78 -8.72 12.42
C ALA A 47 19.86 -9.28 13.48
N LEU A 48 20.31 -9.35 14.73
CA LEU A 48 19.46 -9.85 15.80
C LEU A 48 18.27 -8.93 16.04
N ARG A 49 18.47 -7.62 15.98
CA ARG A 49 17.36 -6.71 16.13
C ARG A 49 16.38 -6.82 14.98
N GLU A 50 16.86 -7.08 13.76
CA GLU A 50 15.93 -7.28 12.66
C GLU A 50 15.17 -8.59 12.75
N ILE A 51 15.81 -9.65 13.25
CA ILE A 51 15.11 -10.90 13.47
C ILE A 51 14.02 -10.71 14.51
N ARG A 52 14.32 -9.99 15.59
CA ARG A 52 13.29 -9.74 16.60
C ARG A 52 12.19 -8.85 16.06
N ARG A 53 12.52 -7.93 15.17
CA ARG A 53 11.50 -7.03 14.65
C ARG A 53 10.55 -7.74 13.70
N TYR A 54 11.07 -8.52 12.76
CA TYR A 54 10.23 -9.12 11.75
C TYR A 54 9.55 -10.40 12.20
N GLN A 55 10.01 -11.01 13.28
CA GLN A 55 9.32 -12.16 13.84
C GLN A 55 8.18 -11.76 14.77
N LYS A 56 8.05 -10.48 15.09
CA LYS A 56 6.96 -9.97 15.89
C LYS A 56 5.79 -9.48 15.06
N SER A 57 6.07 -8.86 13.93
CA SER A 57 5.03 -8.28 13.09
C SER A 57 4.41 -9.35 12.19
N THR A 58 3.32 -8.95 11.53
CA THR A 58 2.58 -9.86 10.66
C THR A 58 2.35 -9.32 9.25
N GLU A 59 2.89 -8.15 8.91
CA GLU A 59 2.61 -7.55 7.63
C GLU A 59 3.34 -8.28 6.51
N LEU A 60 2.88 -8.06 5.28
CA LEU A 60 3.55 -8.65 4.12
C LEU A 60 4.84 -7.90 3.84
N LEU A 61 5.87 -8.65 3.45
CA LEU A 61 7.21 -8.11 3.36
C LEU A 61 7.64 -7.81 1.94
N ILE A 62 6.92 -8.28 0.95
CA ILE A 62 7.12 -7.89 -0.44
C ILE A 62 6.16 -6.76 -0.74
N ARG A 63 6.55 -5.86 -1.64
CA ARG A 63 5.70 -4.74 -1.98
C ARG A 63 4.65 -5.17 -3.01
N LYS A 64 3.45 -4.62 -2.86
CA LYS A 64 2.28 -5.17 -3.55
C LYS A 64 2.34 -4.96 -5.05
N LEU A 65 2.68 -3.76 -5.49
CA LEU A 65 2.66 -3.46 -6.92
C LEU A 65 3.63 -4.31 -7.72
N PRO A 66 4.90 -4.46 -7.34
CA PRO A 66 5.78 -5.39 -8.06
C PRO A 66 5.29 -6.82 -8.08
N PHE A 67 4.79 -7.32 -6.95
CA PHE A 67 4.30 -8.69 -6.89
C PHE A 67 3.14 -8.91 -7.83
N GLN A 68 2.24 -7.94 -7.93
CA GLN A 68 1.11 -8.06 -8.83
C GLN A 68 1.55 -8.07 -10.29
N ARG A 69 2.52 -7.23 -10.64
CA ARG A 69 3.05 -7.30 -12.00
C ARG A 69 3.64 -8.67 -12.31
N LEU A 70 4.35 -9.26 -11.35
CA LEU A 70 4.90 -10.60 -11.55
C LEU A 70 3.80 -11.63 -11.75
N VAL A 71 2.73 -11.54 -10.96
CA VAL A 71 1.65 -12.50 -11.08
C VAL A 71 1.01 -12.44 -12.46
N ARG A 72 0.75 -11.23 -12.95
CA ARG A 72 0.13 -11.10 -14.27
C ARG A 72 1.05 -11.58 -15.38
N GLU A 73 2.35 -11.34 -15.26
CA GLU A 73 3.27 -11.85 -16.27
C GLU A 73 3.29 -13.37 -16.30
N ILE A 74 3.26 -14.03 -15.14
CA ILE A 74 3.26 -15.48 -15.13
C ILE A 74 1.95 -16.02 -15.70
N ALA A 75 0.82 -15.43 -15.31
CA ALA A 75 -0.47 -15.90 -15.80
C ALA A 75 -0.62 -15.71 -17.30
N GLN A 76 0.11 -14.75 -17.87
CA GLN A 76 0.05 -14.53 -19.32
C GLN A 76 0.43 -15.76 -20.13
N ASP A 77 1.24 -16.66 -19.60
CA ASP A 77 1.73 -17.81 -20.35
C ASP A 77 0.77 -18.99 -20.35
N PHE A 78 -0.31 -18.92 -19.59
CA PHE A 78 -1.32 -19.97 -19.59
C PHE A 78 -2.59 -19.58 -20.30
N LYS A 79 -2.93 -18.29 -20.31
CA LYS A 79 -4.09 -17.80 -21.03
C LYS A 79 -3.96 -16.30 -21.22
N THR A 80 -4.39 -15.80 -22.36
CA THR A 80 -4.33 -14.38 -22.64
C THR A 80 -5.63 -13.70 -22.22
N ASP A 81 -5.50 -12.43 -21.86
CA ASP A 81 -6.65 -11.60 -21.46
C ASP A 81 -7.35 -12.19 -20.24
N LEU A 82 -6.60 -12.30 -19.15
CA LEU A 82 -7.15 -12.72 -17.88
C LEU A 82 -7.33 -11.51 -16.98
N ARG A 83 -8.37 -11.56 -16.16
CA ARG A 83 -8.63 -10.54 -15.16
C ARG A 83 -8.46 -11.17 -13.77
N PHE A 84 -8.13 -10.34 -12.80
CA PHE A 84 -7.88 -10.81 -11.44
C PHE A 84 -8.71 -10.02 -10.45
N GLN A 85 -9.40 -10.72 -9.56
CA GLN A 85 -9.90 -10.07 -8.36
C GLN A 85 -8.72 -9.63 -7.49
N SER A 86 -8.91 -8.53 -6.76
CA SER A 86 -7.82 -8.04 -5.93
C SER A 86 -7.49 -9.00 -4.79
N SER A 87 -8.49 -9.72 -4.30
CA SER A 87 -8.27 -10.72 -3.26
C SER A 87 -7.58 -11.98 -3.77
N ALA A 88 -7.66 -12.27 -5.07
CA ALA A 88 -6.89 -13.37 -5.62
C ALA A 88 -5.40 -13.09 -5.55
N VAL A 89 -5.00 -11.85 -5.84
CA VAL A 89 -3.59 -11.48 -5.73
C VAL A 89 -3.18 -11.39 -4.27
N MET A 90 -4.06 -10.93 -3.39
CA MET A 90 -3.72 -10.96 -1.97
C MET A 90 -3.53 -12.37 -1.43
N ALA A 91 -4.37 -13.31 -1.87
CA ALA A 91 -4.22 -14.70 -1.45
C ALA A 91 -2.93 -15.30 -1.97
N LEU A 92 -2.61 -15.04 -3.24
CA LEU A 92 -1.34 -15.50 -3.77
C LEU A 92 -0.16 -14.96 -2.99
N GLN A 93 -0.19 -13.69 -2.59
CA GLN A 93 0.94 -13.13 -1.86
C GLN A 93 1.06 -13.73 -0.47
N GLU A 94 -0.06 -13.87 0.24
CA GLU A 94 0.00 -14.52 1.55
C GLU A 94 0.60 -15.91 1.45
N ALA A 95 0.16 -16.70 0.48
CA ALA A 95 0.67 -18.05 0.35
C ALA A 95 2.13 -18.09 -0.04
N SER A 96 2.55 -17.25 -0.98
CA SER A 96 3.94 -17.30 -1.44
C SER A 96 4.91 -16.84 -0.36
N GLU A 97 4.53 -15.87 0.46
CA GLU A 97 5.43 -15.47 1.54
C GLU A 97 5.45 -16.47 2.68
N ALA A 98 4.32 -17.10 3.01
CA ALA A 98 4.39 -18.20 3.99
C ALA A 98 5.31 -19.31 3.51
N TYR A 99 5.24 -19.66 2.23
CA TYR A 99 6.11 -20.69 1.67
C TYR A 99 7.58 -20.30 1.78
N LEU A 100 7.93 -19.07 1.43
CA LEU A 100 9.34 -18.68 1.45
C LEU A 100 9.88 -18.59 2.87
N VAL A 101 9.09 -18.11 3.82
CA VAL A 101 9.58 -18.04 5.20
C VAL A 101 9.81 -19.44 5.75
N ALA A 102 8.88 -20.35 5.51
CA ALA A 102 9.08 -21.72 5.98
C ALA A 102 10.23 -22.42 5.28
N LEU A 103 10.56 -22.04 4.05
CA LEU A 103 11.74 -22.60 3.41
C LEU A 103 13.03 -22.03 3.96
N PHE A 104 13.05 -20.76 4.33
CA PHE A 104 14.24 -20.19 4.96
C PHE A 104 14.53 -20.79 6.32
N GLU A 105 13.49 -21.24 7.04
CA GLU A 105 13.78 -21.95 8.30
C GLU A 105 14.54 -23.26 8.08
N ASP A 106 14.12 -24.08 7.11
CA ASP A 106 14.83 -25.31 6.81
C ASP A 106 16.21 -25.05 6.24
N THR A 107 16.34 -24.01 5.41
CA THR A 107 17.65 -23.64 4.89
C THR A 107 18.61 -23.26 6.02
N ASN A 108 18.10 -22.55 7.03
CA ASN A 108 18.93 -22.20 8.17
C ASN A 108 19.37 -23.44 8.94
N LEU A 109 18.48 -24.43 9.08
CA LEU A 109 18.90 -25.67 9.73
C LEU A 109 19.99 -26.40 8.95
N ALA A 110 19.87 -26.43 7.63
CA ALA A 110 20.91 -27.02 6.79
C ALA A 110 22.23 -26.27 6.92
N ALA A 111 22.20 -24.96 7.12
CA ALA A 111 23.43 -24.19 7.31
C ALA A 111 24.08 -24.49 8.64
N ILE A 112 23.28 -24.56 9.71
CA ILE A 112 23.83 -24.89 11.02
C ILE A 112 24.39 -26.32 11.03
N HIS A 113 23.81 -27.21 10.24
CA HIS A 113 24.32 -28.58 10.16
C HIS A 113 25.75 -28.60 9.62
N ALA A 114 26.04 -27.76 8.64
CA ALA A 114 27.38 -27.67 8.07
C ALA A 114 28.30 -26.77 8.87
N LYS A 115 27.89 -26.36 10.06
CA LYS A 115 28.70 -25.53 10.97
C LYS A 115 28.98 -24.15 10.38
N ARG A 116 27.96 -23.53 9.80
CA ARG A 116 28.06 -22.19 9.26
C ARG A 116 26.96 -21.34 9.85
N VAL A 117 27.08 -20.03 9.64
CA VAL A 117 26.01 -19.09 9.95
C VAL A 117 25.47 -18.41 8.70
N THR A 118 26.12 -18.59 7.56
CA THR A 118 25.74 -17.99 6.30
C THR A 118 25.00 -19.03 5.48
N ILE A 119 23.81 -18.70 5.04
CA ILE A 119 23.08 -19.59 4.14
C ILE A 119 23.60 -19.41 2.74
N MET A 120 23.65 -20.48 1.99
CA MET A 120 24.19 -20.54 0.64
C MET A 120 23.20 -21.25 -0.26
N PRO A 121 23.34 -21.13 -1.58
CA PRO A 121 22.40 -21.81 -2.48
C PRO A 121 22.34 -23.32 -2.29
N LYS A 122 23.45 -23.96 -1.90
CA LYS A 122 23.44 -25.39 -1.67
C LYS A 122 22.56 -25.79 -0.50
N ASP A 123 22.34 -24.89 0.46
CA ASP A 123 21.44 -25.16 1.57
C ASP A 123 19.98 -25.16 1.13
N ILE A 124 19.60 -24.21 0.27
CA ILE A 124 18.25 -24.22 -0.28
C ILE A 124 18.04 -25.48 -1.10
N GLN A 125 19.04 -25.89 -1.86
CA GLN A 125 18.89 -27.09 -2.68
C GLN A 125 18.77 -28.34 -1.82
N LEU A 126 19.54 -28.44 -0.74
CA LEU A 126 19.37 -29.58 0.15
C LEU A 126 17.98 -29.60 0.78
N ALA A 127 17.54 -28.45 1.30
CA ALA A 127 16.23 -28.42 1.94
C ALA A 127 15.12 -28.77 0.98
N ARG A 128 15.23 -28.37 -0.27
CA ARG A 128 14.19 -28.69 -1.23
C ARG A 128 14.25 -30.12 -1.72
N ARG A 129 15.44 -30.75 -1.72
CA ARG A 129 15.49 -32.15 -2.09
C ARG A 129 15.00 -33.07 -0.99
N ILE A 130 15.25 -32.73 0.27
CA ILE A 130 14.78 -33.57 1.36
C ILE A 130 13.27 -33.42 1.55
N ARG A 131 12.71 -32.25 1.28
CA ARG A 131 11.27 -32.08 1.33
C ARG A 131 10.56 -32.85 0.25
N GLY A 132 11.24 -33.23 -0.81
CA GLY A 132 10.64 -33.93 -1.91
C GLY A 132 10.20 -33.05 -3.06
N GLU A 133 10.83 -31.90 -3.24
CA GLU A 133 10.53 -31.01 -4.37
C GLU A 133 11.53 -31.15 -5.50
N ARG A 134 12.74 -31.58 -5.21
CA ARG A 134 13.74 -31.83 -6.25
C ARG A 134 14.01 -33.32 -6.38
N GLY B 14 16.31 10.72 -28.87
CA GLY B 14 16.98 9.66 -29.58
C GLY B 14 16.03 8.53 -29.97
N ALA B 15 16.01 7.48 -29.16
CA ALA B 15 15.12 6.34 -29.35
C ALA B 15 14.04 6.41 -28.27
N LYS B 16 12.90 7.01 -28.64
CA LYS B 16 11.79 7.18 -27.70
C LYS B 16 10.59 6.29 -27.99
N ARG B 17 10.39 5.87 -29.24
CA ARG B 17 9.25 5.03 -29.55
C ARG B 17 9.42 3.59 -29.10
N HIS B 18 10.64 3.17 -28.78
CA HIS B 18 10.90 1.80 -28.38
C HIS B 18 10.59 1.65 -26.89
N ARG B 19 9.48 1.00 -26.57
CA ARG B 19 9.04 0.83 -25.18
C ARG B 19 9.78 -0.35 -24.55
N LYS B 20 11.08 -0.15 -24.39
CA LYS B 20 11.95 -1.17 -23.81
C LYS B 20 12.77 -0.54 -22.70
N VAL B 21 13.91 -1.16 -22.39
CA VAL B 21 14.83 -0.69 -21.35
C VAL B 21 14.10 -0.59 -20.03
N LEU B 22 13.30 -1.59 -19.70
CA LEU B 22 12.56 -1.65 -18.45
C LEU B 22 12.98 -2.88 -17.68
N ARG B 23 13.09 -2.74 -16.35
CA ARG B 23 13.51 -3.85 -15.51
C ARG B 23 12.53 -5.01 -15.63
N ASP B 24 13.04 -6.22 -15.40
CA ASP B 24 12.21 -7.41 -15.45
C ASP B 24 11.30 -7.46 -14.22
N ASN B 25 10.20 -8.20 -14.35
CA ASN B 25 9.22 -8.27 -13.26
C ASN B 25 9.69 -9.15 -12.12
N ILE B 26 10.51 -10.16 -12.40
CA ILE B 26 11.05 -10.99 -11.34
C ILE B 26 12.04 -10.21 -10.50
N GLN B 27 12.67 -9.19 -11.08
CA GLN B 27 13.60 -8.34 -10.35
C GLN B 27 12.91 -7.34 -9.45
N GLY B 28 11.59 -7.23 -9.53
CA GLY B 28 10.85 -6.43 -8.59
C GLY B 28 10.78 -7.03 -7.20
N ILE B 29 11.09 -8.32 -7.09
CA ILE B 29 11.36 -8.92 -5.78
C ILE B 29 12.77 -8.52 -5.41
N THR B 30 12.89 -7.41 -4.70
CA THR B 30 14.18 -6.80 -4.47
C THR B 30 14.96 -7.55 -3.41
N LYS B 31 16.25 -7.27 -3.37
CA LYS B 31 17.12 -7.91 -2.38
C LYS B 31 16.75 -7.54 -0.94
N PRO B 32 16.41 -6.29 -0.61
CA PRO B 32 15.89 -6.01 0.74
C PRO B 32 14.65 -6.79 1.11
N ALA B 33 13.75 -7.05 0.16
CA ALA B 33 12.56 -7.84 0.46
C ALA B 33 12.92 -9.29 0.79
N ILE B 34 13.83 -9.87 0.02
CA ILE B 34 14.30 -11.23 0.28
C ILE B 34 15.03 -11.30 1.62
N ARG B 35 15.74 -10.23 1.98
CA ARG B 35 16.40 -10.21 3.28
C ARG B 35 15.41 -10.14 4.44
N ARG B 36 14.33 -9.37 4.28
CA ARG B 36 13.31 -9.37 5.31
C ARG B 36 12.64 -10.73 5.47
N LEU B 37 12.41 -11.42 4.36
CA LEU B 37 11.84 -12.76 4.44
C LEU B 37 12.79 -13.73 5.14
N ALA B 38 14.08 -13.62 4.88
CA ALA B 38 15.05 -14.44 5.59
C ALA B 38 15.11 -14.08 7.06
N ARG B 39 14.89 -12.82 7.41
CA ARG B 39 14.90 -12.41 8.82
C ARG B 39 13.70 -12.98 9.57
N ARG B 40 12.53 -13.02 8.94
CA ARG B 40 11.39 -13.62 9.61
C ARG B 40 11.58 -15.13 9.80
N GLY B 41 12.39 -15.77 8.97
CA GLY B 41 12.80 -17.14 9.17
C GLY B 41 13.95 -17.34 10.12
N GLY B 42 14.54 -16.28 10.65
CA GLY B 42 15.57 -16.39 11.66
C GLY B 42 16.97 -16.53 11.15
N VAL B 43 17.27 -16.02 9.98
CA VAL B 43 18.58 -16.16 9.35
C VAL B 43 19.45 -14.96 9.73
N LYS B 44 20.73 -15.22 10.01
CA LYS B 44 21.65 -14.17 10.44
C LYS B 44 22.49 -13.60 9.30
N ARG B 45 23.19 -14.42 8.54
CA ARG B 45 23.96 -13.95 7.40
C ARG B 45 23.45 -14.61 6.13
N ILE B 46 23.58 -13.91 5.03
CA ILE B 46 23.02 -14.31 3.75
C ILE B 46 24.09 -14.21 2.69
N SER B 47 24.25 -15.26 1.90
CA SER B 47 25.20 -15.22 0.80
C SER B 47 24.69 -14.31 -0.31
N GLY B 48 25.62 -13.86 -1.15
CA GLY B 48 25.24 -13.00 -2.26
C GLY B 48 24.55 -13.72 -3.39
N LEU B 49 24.79 -15.02 -3.52
CA LEU B 49 24.16 -15.82 -4.56
C LEU B 49 22.76 -16.29 -4.19
N ILE B 50 22.29 -15.97 -2.98
CA ILE B 50 20.99 -16.44 -2.54
C ILE B 50 19.88 -15.75 -3.32
N TYR B 51 20.07 -14.49 -3.68
CA TYR B 51 18.96 -13.69 -4.18
C TYR B 51 18.48 -14.18 -5.55
N GLU B 52 19.40 -14.60 -6.42
CA GLU B 52 18.96 -15.20 -7.67
C GLU B 52 18.42 -16.60 -7.47
N GLU B 53 18.88 -17.30 -6.44
CA GLU B 53 18.32 -18.61 -6.14
C GLU B 53 16.88 -18.50 -5.70
N THR B 54 16.61 -17.59 -4.77
CA THR B 54 15.27 -17.40 -4.24
C THR B 54 14.28 -17.02 -5.32
N ARG B 55 14.65 -16.11 -6.22
CA ARG B 55 13.79 -15.75 -7.33
C ARG B 55 13.43 -16.95 -8.17
N GLY B 56 14.35 -17.90 -8.35
CA GLY B 56 14.02 -19.08 -9.12
C GLY B 56 13.04 -19.97 -8.41
N VAL B 57 13.12 -20.02 -7.08
CA VAL B 57 12.22 -20.87 -6.32
C VAL B 57 10.81 -20.30 -6.33
N LEU B 58 10.67 -19.02 -5.98
CA LEU B 58 9.37 -18.38 -6.02
C LEU B 58 8.71 -18.53 -7.37
N LYS B 59 9.45 -18.26 -8.44
CA LYS B 59 8.89 -18.36 -9.78
C LYS B 59 8.35 -19.74 -10.07
N VAL B 60 8.99 -20.79 -9.55
CA VAL B 60 8.45 -22.12 -9.75
C VAL B 60 7.17 -22.29 -8.96
N PHE B 61 7.19 -21.88 -7.69
CA PHE B 61 6.02 -22.02 -6.83
C PHE B 61 4.81 -21.35 -7.45
N LEU B 62 4.94 -20.09 -7.82
CA LEU B 62 3.83 -19.38 -8.44
C LEU B 62 3.34 -20.09 -9.70
N GLU B 63 4.26 -20.58 -10.52
CA GLU B 63 3.83 -21.21 -11.77
C GLU B 63 2.99 -22.44 -11.50
N ASN B 64 3.21 -23.12 -10.38
CA ASN B 64 2.41 -24.30 -10.11
C ASN B 64 1.04 -23.92 -9.60
N VAL B 65 0.93 -22.83 -8.85
CA VAL B 65 -0.37 -22.49 -8.29
C VAL B 65 -1.23 -21.85 -9.35
N ILE B 66 -0.68 -20.91 -10.10
CA ILE B 66 -1.44 -20.20 -11.13
C ILE B 66 -1.93 -21.15 -12.19
N ARG B 67 -1.09 -22.08 -12.65
CA ARG B 67 -1.53 -23.06 -13.63
C ARG B 67 -2.78 -23.79 -13.16
N ASP B 68 -2.88 -24.08 -11.87
CA ASP B 68 -4.07 -24.77 -11.40
C ASP B 68 -5.24 -23.81 -11.30
N ALA B 69 -5.01 -22.60 -10.81
CA ALA B 69 -6.12 -21.66 -10.65
C ALA B 69 -6.73 -21.32 -11.99
N VAL B 70 -5.91 -21.07 -13.01
CA VAL B 70 -6.43 -20.80 -14.33
C VAL B 70 -7.24 -21.97 -14.84
N THR B 71 -6.82 -23.21 -14.56
CA THR B 71 -7.63 -24.34 -14.94
C THR B 71 -9.02 -24.25 -14.31
N TYR B 72 -9.07 -23.99 -13.00
CA TYR B 72 -10.37 -23.88 -12.34
C TYR B 72 -11.18 -22.75 -12.93
N THR B 73 -10.51 -21.74 -13.47
CA THR B 73 -11.20 -20.60 -14.04
C THR B 73 -11.75 -20.94 -15.42
N GLU B 74 -11.00 -21.71 -16.21
CA GLU B 74 -11.47 -22.04 -17.54
C GLU B 74 -12.62 -23.03 -17.50
N HIS B 75 -12.62 -23.91 -16.50
CA HIS B 75 -13.71 -24.87 -16.38
C HIS B 75 -15.03 -24.17 -16.10
N ALA B 76 -15.01 -23.11 -15.31
CA ALA B 76 -16.20 -22.35 -14.98
C ALA B 76 -16.65 -21.42 -16.10
N LYS B 77 -15.95 -21.40 -17.23
CA LYS B 77 -16.26 -20.58 -18.39
C LYS B 77 -16.06 -19.10 -18.12
N ARG B 78 -15.14 -18.75 -17.24
CA ARG B 78 -14.87 -17.38 -16.86
C ARG B 78 -13.58 -16.88 -17.46
N LYS B 79 -13.36 -15.57 -17.35
CA LYS B 79 -12.11 -14.94 -17.69
C LYS B 79 -11.45 -14.30 -16.48
N THR B 80 -12.05 -14.35 -15.32
CA THR B 80 -11.56 -13.67 -14.13
C THR B 80 -11.12 -14.73 -13.13
N VAL B 81 -9.88 -14.63 -12.68
CA VAL B 81 -9.39 -15.49 -11.61
C VAL B 81 -9.86 -14.92 -10.29
N THR B 82 -10.63 -15.72 -9.54
CA THR B 82 -11.20 -15.28 -8.29
C THR B 82 -10.38 -15.81 -7.13
N ALA B 83 -10.75 -15.39 -5.92
CA ALA B 83 -10.03 -15.85 -4.73
C ALA B 83 -10.29 -17.32 -4.44
N MET B 84 -11.48 -17.83 -4.77
CA MET B 84 -11.76 -19.24 -4.54
C MET B 84 -10.97 -20.13 -5.47
N ASP B 85 -10.70 -19.68 -6.69
CA ASP B 85 -9.83 -20.45 -7.58
C ASP B 85 -8.46 -20.67 -6.97
N VAL B 86 -7.90 -19.61 -6.37
CA VAL B 86 -6.60 -19.71 -5.72
C VAL B 86 -6.67 -20.60 -4.49
N VAL B 87 -7.74 -20.48 -3.72
CA VAL B 87 -7.87 -21.30 -2.53
C VAL B 87 -7.96 -22.78 -2.90
N TYR B 88 -8.71 -23.11 -3.95
CA TYR B 88 -8.81 -24.50 -4.37
C TYR B 88 -7.49 -25.01 -4.93
N ALA B 89 -6.81 -24.19 -5.73
CA ALA B 89 -5.52 -24.57 -6.28
C ALA B 89 -4.50 -24.82 -5.19
N LEU B 90 -4.53 -24.01 -4.13
CA LEU B 90 -3.62 -24.24 -3.01
C LEU B 90 -4.01 -25.49 -2.24
N LYS B 91 -5.30 -25.71 -2.05
CA LYS B 91 -5.77 -26.86 -1.29
C LYS B 91 -5.40 -28.17 -1.98
N ARG B 92 -5.45 -28.21 -3.29
CA ARG B 92 -5.21 -29.47 -3.97
C ARG B 92 -3.74 -29.85 -4.04
N GLN B 93 -2.83 -28.99 -3.59
CA GLN B 93 -1.43 -29.36 -3.48
C GLN B 93 -0.93 -29.28 -2.05
N GLY B 94 -1.83 -29.52 -1.09
CA GLY B 94 -1.45 -29.66 0.30
C GLY B 94 -1.02 -28.38 0.97
N ARG B 95 -1.61 -27.25 0.62
CA ARG B 95 -1.28 -25.97 1.22
C ARG B 95 -2.56 -25.20 1.50
N THR B 96 -3.36 -25.70 2.44
CA THR B 96 -4.61 -25.06 2.79
C THR B 96 -4.37 -23.67 3.36
N LEU B 97 -5.16 -22.71 2.89
CA LEU B 97 -5.08 -21.33 3.33
C LEU B 97 -6.41 -20.94 3.95
N TYR B 98 -6.37 -20.38 5.16
CA TYR B 98 -7.53 -19.85 5.82
C TYR B 98 -7.57 -18.33 5.67
N GLY B 99 -8.78 -17.78 5.66
CA GLY B 99 -8.95 -16.34 5.70
C GLY B 99 -9.49 -15.71 4.45
N PHE B 100 -9.51 -16.42 3.32
CA PHE B 100 -10.07 -15.88 2.09
C PHE B 100 -11.25 -16.68 1.59
N GLY B 101 -11.57 -17.80 2.23
CA GLY B 101 -12.55 -18.73 1.71
C GLY B 101 -13.97 -18.29 1.94
N GLY B 102 -14.15 -17.01 2.28
CA GLY B 102 -15.48 -16.46 2.46
C GLY B 102 -15.54 -14.96 2.19
N LYS C 13 -29.28 -57.13 -31.59
CA LYS C 13 -28.22 -56.16 -31.36
C LYS C 13 -27.12 -56.68 -30.45
N ALA C 14 -27.10 -56.21 -29.20
CA ALA C 14 -26.07 -56.67 -28.22
C ALA C 14 -24.68 -56.20 -28.60
N LYS C 15 -24.34 -54.94 -28.28
CA LYS C 15 -23.05 -54.40 -28.63
C LYS C 15 -22.54 -53.54 -27.47
N THR C 16 -21.37 -53.89 -26.95
CA THR C 16 -20.82 -53.17 -25.82
C THR C 16 -20.46 -51.74 -26.23
N ARG C 17 -20.50 -50.84 -25.24
CA ARG C 17 -20.10 -49.47 -25.48
C ARG C 17 -18.59 -49.34 -25.68
N SER C 18 -17.82 -50.32 -25.21
CA SER C 18 -16.39 -50.32 -25.46
C SER C 18 -16.08 -50.47 -26.94
N SER C 19 -16.80 -51.36 -27.62
CA SER C 19 -16.58 -51.53 -29.05
C SER C 19 -17.06 -50.32 -29.84
N ARG C 20 -18.06 -49.59 -29.33
CA ARG C 20 -18.49 -48.37 -29.98
C ARG C 20 -17.52 -47.23 -29.79
N ALA C 21 -16.72 -47.24 -28.73
CA ALA C 21 -15.69 -46.25 -28.56
C ALA C 21 -14.32 -46.71 -29.04
N GLY C 22 -14.17 -47.96 -29.43
CA GLY C 22 -12.88 -48.47 -29.86
C GLY C 22 -11.91 -48.70 -28.73
N LEU C 23 -12.37 -49.25 -27.61
CA LEU C 23 -11.57 -49.37 -26.40
C LEU C 23 -11.49 -50.82 -25.95
N GLN C 24 -10.49 -51.10 -25.13
CA GLN C 24 -10.35 -52.40 -24.49
C GLN C 24 -10.90 -52.42 -23.07
N PHE C 25 -10.90 -51.30 -22.40
CA PHE C 25 -11.38 -51.19 -21.04
C PHE C 25 -12.91 -51.13 -21.00
N PRO C 26 -13.53 -51.63 -19.94
CA PRO C 26 -14.99 -51.79 -19.91
C PRO C 26 -15.71 -50.49 -19.59
N VAL C 27 -16.48 -49.99 -20.54
CA VAL C 27 -17.20 -48.74 -20.32
C VAL C 27 -18.39 -48.93 -19.39
N GLY C 28 -19.09 -50.06 -19.52
CA GLY C 28 -20.23 -50.32 -18.66
C GLY C 28 -19.87 -50.52 -17.20
N ARG C 29 -18.76 -51.20 -16.94
CA ARG C 29 -18.31 -51.36 -15.55
C ARG C 29 -17.91 -50.02 -14.95
N VAL C 30 -17.21 -49.18 -15.72
CA VAL C 30 -16.82 -47.87 -15.23
C VAL C 30 -18.04 -47.02 -14.95
N HIS C 31 -19.06 -47.10 -15.80
CA HIS C 31 -20.29 -46.37 -15.54
C HIS C 31 -20.94 -46.82 -14.25
N ARG C 32 -21.03 -48.12 -14.04
CA ARG C 32 -21.57 -48.63 -12.78
C ARG C 32 -20.77 -48.16 -11.57
N LEU C 33 -19.45 -48.13 -11.69
CA LEU C 33 -18.63 -47.71 -10.55
C LEU C 33 -18.75 -46.22 -10.28
N LEU C 34 -19.04 -45.43 -11.30
CA LEU C 34 -19.30 -44.02 -11.08
C LEU C 34 -20.64 -43.80 -10.40
N ARG C 35 -21.66 -44.56 -10.78
CA ARG C 35 -22.97 -44.34 -10.20
C ARG C 35 -23.08 -44.85 -8.77
N LYS C 36 -22.15 -45.68 -8.31
CA LYS C 36 -22.23 -46.28 -6.99
C LYS C 36 -21.15 -45.80 -6.04
N GLY C 37 -20.31 -44.86 -6.46
CA GLY C 37 -19.28 -44.33 -5.61
C GLY C 37 -19.60 -43.02 -4.95
N ASN C 38 -20.84 -42.54 -5.05
CA ASN C 38 -21.27 -41.29 -4.44
C ASN C 38 -20.40 -40.13 -4.90
N TYR C 39 -20.29 -39.96 -6.21
CA TYR C 39 -19.53 -38.85 -6.75
C TYR C 39 -20.41 -37.68 -7.17
N ALA C 40 -21.64 -37.94 -7.53
CA ALA C 40 -22.60 -36.90 -7.87
C ALA C 40 -23.97 -37.57 -7.90
N GLU C 41 -25.00 -36.75 -8.12
CA GLU C 41 -26.34 -37.26 -8.23
C GLU C 41 -26.58 -37.92 -9.59
N ARG C 42 -25.99 -37.39 -10.66
CA ARG C 42 -26.18 -37.90 -12.00
C ARG C 42 -24.82 -38.08 -12.68
N VAL C 43 -24.77 -38.95 -13.68
CA VAL C 43 -23.56 -39.23 -14.43
C VAL C 43 -23.87 -39.12 -15.91
N GLY C 44 -23.16 -38.24 -16.61
CA GLY C 44 -23.37 -38.06 -18.03
C GLY C 44 -22.99 -39.29 -18.83
N ALA C 45 -23.38 -39.28 -20.10
CA ALA C 45 -23.19 -40.45 -20.95
C ALA C 45 -21.77 -40.55 -21.50
N GLY C 46 -21.08 -39.44 -21.64
CA GLY C 46 -19.73 -39.46 -22.15
C GLY C 46 -18.64 -39.46 -21.11
N ALA C 47 -18.99 -39.44 -19.84
CA ALA C 47 -18.01 -39.48 -18.76
C ALA C 47 -17.39 -40.87 -18.59
N PRO C 48 -18.16 -41.96 -18.66
CA PRO C 48 -17.51 -43.27 -18.63
C PRO C 48 -16.60 -43.52 -19.80
N VAL C 49 -16.99 -43.10 -21.00
CA VAL C 49 -16.17 -43.33 -22.19
C VAL C 49 -14.84 -42.59 -22.07
N TYR C 50 -14.90 -41.32 -21.69
CA TYR C 50 -13.69 -40.53 -21.50
C TYR C 50 -12.79 -41.15 -20.44
N LEU C 51 -13.36 -41.49 -19.28
CA LEU C 51 -12.55 -42.01 -18.19
C LEU C 51 -11.92 -43.35 -18.54
N ALA C 52 -12.64 -44.21 -19.26
CA ALA C 52 -12.09 -45.50 -19.66
C ALA C 52 -10.99 -45.33 -20.69
N ALA C 53 -11.13 -44.39 -21.62
CA ALA C 53 -10.05 -44.10 -22.55
C ALA C 53 -8.80 -43.62 -21.84
N VAL C 54 -8.95 -42.79 -20.82
CA VAL C 54 -7.77 -42.29 -20.10
C VAL C 54 -7.08 -43.40 -19.32
N LEU C 55 -7.86 -44.24 -18.63
CA LEU C 55 -7.25 -45.35 -17.92
C LEU C 55 -6.54 -46.32 -18.86
N GLU C 56 -7.09 -46.54 -20.04
CA GLU C 56 -6.41 -47.40 -21.01
C GLU C 56 -5.12 -46.78 -21.51
N TYR C 57 -5.11 -45.48 -21.79
CA TYR C 57 -3.88 -44.82 -22.20
C TYR C 57 -2.79 -44.97 -21.15
N LEU C 58 -3.12 -44.71 -19.88
CA LEU C 58 -2.10 -44.78 -18.84
C LEU C 58 -1.59 -46.20 -18.63
N THR C 59 -2.47 -47.19 -18.71
CA THR C 59 -2.03 -48.58 -18.63
C THR C 59 -1.06 -48.92 -19.75
N ALA C 60 -1.37 -48.53 -20.98
CA ALA C 60 -0.46 -48.82 -22.08
C ALA C 60 0.87 -48.10 -21.94
N GLU C 61 0.86 -46.87 -21.41
CA GLU C 61 2.11 -46.15 -21.17
C GLU C 61 3.02 -46.91 -20.23
N ILE C 62 2.48 -47.38 -19.09
CA ILE C 62 3.39 -48.04 -18.17
C ILE C 62 3.80 -49.43 -18.67
N LEU C 63 2.90 -50.15 -19.34
CA LEU C 63 3.25 -51.49 -19.80
C LEU C 63 4.27 -51.50 -20.91
N GLU C 64 4.30 -50.47 -21.76
CA GLU C 64 5.35 -50.40 -22.78
C GLU C 64 6.73 -50.32 -22.15
N LEU C 65 6.92 -49.41 -21.20
CA LEU C 65 8.21 -49.25 -20.55
C LEU C 65 8.58 -50.47 -19.73
N ALA C 66 7.61 -51.11 -19.09
CA ALA C 66 7.91 -52.31 -18.32
C ALA C 66 8.34 -53.46 -19.22
N GLY C 67 7.73 -53.60 -20.41
CA GLY C 67 8.22 -54.60 -21.33
C GLY C 67 9.59 -54.32 -21.89
N ASN C 68 9.92 -53.05 -22.11
CA ASN C 68 11.29 -52.72 -22.50
C ASN C 68 12.27 -53.10 -21.41
N ALA C 69 11.97 -52.75 -20.16
CA ALA C 69 12.83 -53.13 -19.05
C ALA C 69 12.94 -54.64 -18.90
N ALA C 70 11.89 -55.38 -19.25
CA ALA C 70 11.97 -56.83 -19.22
C ALA C 70 12.88 -57.37 -20.31
N ARG C 71 12.91 -56.72 -21.47
CA ARG C 71 13.83 -57.12 -22.53
C ARG C 71 15.27 -56.85 -22.15
N ASP C 72 15.54 -55.72 -21.49
CA ASP C 72 16.91 -55.42 -21.10
C ASP C 72 17.51 -56.44 -20.15
N ASN C 73 16.68 -57.19 -19.42
CA ASN C 73 17.17 -58.23 -18.53
C ASN C 73 17.01 -59.62 -19.13
N LYS C 74 16.69 -59.71 -20.42
CA LYS C 74 16.52 -60.98 -21.10
C LYS C 74 15.43 -61.81 -20.43
N LYS C 75 14.26 -61.21 -20.24
CA LYS C 75 13.11 -61.86 -19.64
C LYS C 75 11.92 -61.67 -20.55
N THR C 76 10.98 -62.62 -20.49
CA THR C 76 9.76 -62.52 -21.27
C THR C 76 8.52 -62.32 -20.41
N ARG C 77 8.65 -62.26 -19.09
CA ARG C 77 7.55 -61.91 -18.21
C ARG C 77 7.89 -60.67 -17.43
N ILE C 78 6.90 -59.82 -17.21
CA ILE C 78 7.05 -58.63 -16.39
C ILE C 78 6.87 -59.02 -14.93
N ILE C 79 7.81 -58.60 -14.09
CA ILE C 79 7.76 -58.82 -12.65
C ILE C 79 7.77 -57.45 -11.98
N PRO C 80 7.45 -57.33 -10.69
CA PRO C 80 7.40 -56.00 -10.05
C PRO C 80 8.66 -55.16 -10.20
N ARG C 81 9.83 -55.81 -10.33
CA ARG C 81 11.07 -55.08 -10.54
C ARG C 81 11.01 -54.25 -11.80
N HIS C 82 10.39 -54.79 -12.86
CA HIS C 82 10.34 -54.08 -14.13
C HIS C 82 9.37 -52.92 -14.10
N LEU C 83 8.25 -53.04 -13.39
CA LEU C 83 7.36 -51.90 -13.19
C LEU C 83 8.06 -50.81 -12.40
N GLN C 84 8.83 -51.18 -11.39
CA GLN C 84 9.56 -50.18 -10.62
C GLN C 84 10.60 -49.47 -11.48
N LEU C 85 11.38 -50.21 -12.26
CA LEU C 85 12.36 -49.58 -13.13
C LEU C 85 11.69 -48.66 -14.13
N ALA C 86 10.61 -49.12 -14.76
CA ALA C 86 9.86 -48.30 -15.70
C ALA C 86 9.40 -46.99 -15.06
N VAL C 87 8.80 -47.06 -13.88
CA VAL C 87 8.23 -45.86 -13.27
C VAL C 87 9.32 -44.90 -12.85
N ARG C 88 10.35 -45.39 -12.16
CA ARG C 88 11.34 -44.47 -11.63
C ARG C 88 12.30 -43.95 -12.68
N ASN C 89 12.33 -44.54 -13.87
CA ASN C 89 13.17 -43.99 -14.93
C ASN C 89 12.44 -43.03 -15.86
N ASP C 90 11.11 -43.02 -15.85
CA ASP C 90 10.35 -42.06 -16.64
C ASP C 90 10.01 -40.87 -15.78
N GLU C 91 10.29 -39.67 -16.29
CA GLU C 91 10.23 -38.48 -15.47
C GLU C 91 8.81 -38.07 -15.10
N GLU C 92 7.81 -38.44 -15.90
CA GLU C 92 6.44 -38.05 -15.61
C GLU C 92 5.64 -39.13 -14.91
N LEU C 93 5.94 -40.40 -15.14
CA LEU C 93 5.35 -41.45 -14.34
C LEU C 93 5.87 -41.41 -12.92
N ASN C 94 7.13 -41.02 -12.75
CA ASN C 94 7.70 -40.90 -11.42
C ASN C 94 7.03 -39.79 -10.63
N LYS C 95 6.56 -38.74 -11.30
CA LYS C 95 5.91 -37.65 -10.60
C LYS C 95 4.47 -37.99 -10.25
N LEU C 96 3.79 -38.75 -11.12
CA LEU C 96 2.43 -39.19 -10.82
C LEU C 96 2.41 -40.15 -9.64
N LEU C 97 3.43 -41.00 -9.52
CA LEU C 97 3.50 -42.01 -8.48
C LEU C 97 4.59 -41.68 -7.46
N GLY C 98 4.71 -40.41 -7.12
CA GLY C 98 5.79 -39.99 -6.25
C GLY C 98 5.66 -40.50 -4.83
N ARG C 99 4.45 -40.72 -4.37
CA ARG C 99 4.19 -41.19 -3.01
C ARG C 99 3.59 -42.59 -2.99
N VAL C 100 4.05 -43.45 -3.89
CA VAL C 100 3.55 -44.81 -4.01
C VAL C 100 4.71 -45.77 -3.82
N THR C 101 4.46 -46.85 -3.08
CA THR C 101 5.42 -47.92 -2.86
C THR C 101 5.00 -49.13 -3.69
N ILE C 102 5.90 -49.59 -4.54
CA ILE C 102 5.67 -50.79 -5.35
C ILE C 102 6.34 -51.95 -4.64
N ALA C 103 5.54 -52.92 -4.21
CA ALA C 103 6.06 -54.03 -3.43
C ALA C 103 6.95 -54.93 -4.27
N GLN C 104 8.06 -55.36 -3.68
CA GLN C 104 9.07 -56.18 -4.35
C GLN C 104 9.69 -55.47 -5.53
N GLY C 105 9.79 -54.15 -5.45
CA GLY C 105 10.30 -53.36 -6.55
C GLY C 105 11.77 -53.03 -6.45
N GLY C 106 12.29 -52.88 -5.24
CA GLY C 106 13.66 -52.46 -5.06
C GLY C 106 13.82 -50.96 -5.23
N VAL C 107 15.04 -50.56 -5.59
CA VAL C 107 15.37 -49.17 -5.84
C VAL C 107 16.16 -49.09 -7.14
N LEU C 108 16.41 -47.87 -7.59
CA LEU C 108 17.29 -47.65 -8.72
C LEU C 108 18.75 -47.68 -8.28
N PRO C 109 19.63 -48.34 -9.04
CA PRO C 109 21.06 -48.27 -8.74
C PRO C 109 21.59 -46.85 -8.87
N ASN C 110 22.12 -46.33 -7.77
CA ASN C 110 22.53 -44.93 -7.72
C ASN C 110 23.48 -44.73 -6.54
N ILE C 111 24.77 -44.55 -6.83
CA ILE C 111 25.79 -44.27 -5.82
C ILE C 111 26.25 -42.84 -5.99
N GLN C 112 26.38 -42.12 -4.88
CA GLN C 112 26.89 -40.76 -4.92
C GLN C 112 28.36 -40.75 -5.30
N SER C 113 28.75 -39.77 -6.12
CA SER C 113 30.10 -39.70 -6.65
C SER C 113 31.15 -39.43 -5.58
N VAL C 114 30.77 -38.79 -4.46
CA VAL C 114 31.70 -38.54 -3.38
C VAL C 114 32.18 -39.83 -2.74
N LEU C 115 31.40 -40.90 -2.83
CA LEU C 115 31.72 -42.16 -2.17
C LEU C 115 32.57 -43.08 -3.04
N LEU C 116 32.70 -42.79 -4.33
CA LEU C 116 33.48 -43.63 -5.21
C LEU C 116 34.97 -43.47 -4.93
N PRO C 117 35.77 -44.50 -5.17
CA PRO C 117 37.21 -44.40 -4.89
C PRO C 117 37.91 -43.50 -5.88
N LYS C 118 38.89 -42.76 -5.37
CA LYS C 118 39.66 -41.83 -6.20
C LYS C 118 41.04 -42.40 -6.52
N ARG D 26 -20.76 -72.35 0.74
CA ARG D 26 -21.91 -72.31 -0.15
C ARG D 26 -21.45 -72.04 -1.58
N ARG D 27 -21.05 -70.81 -1.85
CA ARG D 27 -20.52 -70.42 -3.14
C ARG D 27 -19.46 -69.35 -2.96
N LYS D 28 -18.35 -69.49 -3.67
CA LYS D 28 -17.25 -68.53 -3.61
C LYS D 28 -17.67 -67.26 -4.35
N THR D 29 -17.78 -66.16 -3.61
CA THR D 29 -18.26 -64.90 -4.18
C THR D 29 -17.30 -64.41 -5.26
N ARG D 30 -17.86 -63.86 -6.33
CA ARG D 30 -17.05 -63.35 -7.42
C ARG D 30 -16.30 -62.09 -7.01
N LYS D 31 -15.17 -61.85 -7.67
CA LYS D 31 -14.30 -60.73 -7.36
C LYS D 31 -13.88 -60.08 -8.67
N GLU D 32 -14.24 -58.82 -8.85
CA GLU D 32 -13.93 -58.11 -10.08
C GLU D 32 -12.53 -57.55 -10.05
N SER D 33 -11.83 -57.66 -11.17
CA SER D 33 -10.54 -57.02 -11.35
C SER D 33 -10.44 -56.55 -12.79
N TYR D 34 -9.34 -55.86 -13.08
CA TYR D 34 -9.05 -55.38 -14.42
C TYR D 34 -8.08 -56.28 -15.16
N ALA D 35 -7.88 -57.50 -14.70
CA ALA D 35 -6.78 -58.33 -15.19
C ALA D 35 -6.93 -58.65 -16.67
N ILE D 36 -8.15 -58.94 -17.14
CA ILE D 36 -8.29 -59.33 -18.54
C ILE D 36 -8.07 -58.15 -19.47
N TYR D 37 -8.46 -56.95 -19.04
CA TYR D 37 -8.25 -55.77 -19.88
C TYR D 37 -6.79 -55.35 -19.90
N VAL D 38 -6.12 -55.42 -18.74
CA VAL D 38 -4.68 -55.19 -18.71
C VAL D 38 -3.96 -56.18 -19.61
N TYR D 39 -4.44 -57.42 -19.64
CA TYR D 39 -3.82 -58.41 -20.51
C TYR D 39 -4.03 -58.12 -21.99
N LYS D 40 -5.22 -57.63 -22.37
CA LYS D 40 -5.43 -57.24 -23.75
C LYS D 40 -4.53 -56.09 -24.16
N VAL D 41 -4.39 -55.08 -23.31
CA VAL D 41 -3.51 -53.97 -23.64
C VAL D 41 -2.06 -54.43 -23.75
N LEU D 42 -1.65 -55.34 -22.86
CA LEU D 42 -0.30 -55.87 -22.95
C LEU D 42 -0.06 -56.58 -24.28
N LYS D 43 -1.01 -57.39 -24.72
CA LYS D 43 -0.83 -58.05 -26.01
C LYS D 43 -0.86 -57.08 -27.17
N GLN D 44 -1.45 -55.90 -27.02
CA GLN D 44 -1.29 -54.91 -28.07
C GLN D 44 0.09 -54.26 -28.08
N VAL D 45 0.68 -54.02 -26.91
CA VAL D 45 1.96 -53.31 -26.86
C VAL D 45 3.14 -54.26 -27.04
N HIS D 46 3.10 -55.44 -26.42
CA HIS D 46 4.18 -56.41 -26.50
C HIS D 46 3.54 -57.78 -26.73
N PRO D 47 3.42 -58.20 -27.99
CA PRO D 47 2.66 -59.41 -28.29
C PRO D 47 3.28 -60.69 -27.75
N ASP D 48 4.54 -60.69 -27.31
CA ASP D 48 5.20 -61.92 -26.87
C ASP D 48 5.60 -61.89 -25.40
N THR D 49 5.22 -60.86 -24.67
CA THR D 49 5.60 -60.69 -23.28
C THR D 49 4.48 -61.18 -22.37
N GLY D 50 4.86 -61.78 -21.23
CA GLY D 50 3.92 -62.17 -20.22
C GLY D 50 3.97 -61.27 -19.00
N ILE D 51 3.21 -61.65 -17.99
CA ILE D 51 3.18 -60.90 -16.75
C ILE D 51 2.89 -61.88 -15.62
N SER D 52 3.48 -61.64 -14.46
CA SER D 52 3.31 -62.54 -13.34
C SER D 52 2.13 -62.14 -12.48
N CYS D 53 1.79 -62.99 -11.52
CA CYS D 53 0.64 -62.76 -10.66
C CYS D 53 0.81 -61.48 -9.83
N LYS D 54 2.00 -61.28 -9.29
CA LYS D 54 2.25 -60.13 -8.44
C LYS D 54 2.26 -58.82 -9.22
N ALA D 55 2.84 -58.83 -10.42
CA ALA D 55 2.83 -57.64 -11.27
C ALA D 55 1.43 -57.33 -11.76
N MET D 56 0.60 -58.34 -11.98
CA MET D 56 -0.79 -58.08 -12.35
C MET D 56 -1.56 -57.48 -11.18
N SER D 57 -1.27 -57.92 -9.96
CA SER D 57 -1.89 -57.29 -8.80
C SER D 57 -1.49 -55.82 -8.67
N ILE D 58 -0.23 -55.50 -8.96
CA ILE D 58 0.22 -54.11 -8.92
C ILE D 58 -0.51 -53.29 -9.97
N MET D 59 -0.69 -53.83 -11.18
CA MET D 59 -1.40 -53.08 -12.21
C MET D 59 -2.87 -52.84 -11.85
N ASN D 60 -3.49 -53.81 -11.18
CA ASN D 60 -4.86 -53.63 -10.71
C ASN D 60 -4.95 -52.51 -9.68
N SER D 61 -4.02 -52.50 -8.73
CA SER D 61 -3.98 -51.40 -7.75
C SER D 61 -3.76 -50.06 -8.42
N PHE D 62 -2.92 -50.01 -9.45
CA PHE D 62 -2.67 -48.76 -10.16
C PHE D 62 -3.94 -48.23 -10.82
N VAL D 63 -4.67 -49.11 -11.50
CA VAL D 63 -5.91 -48.67 -12.15
C VAL D 63 -6.91 -48.16 -11.14
N ASN D 64 -7.09 -48.87 -10.02
CA ASN D 64 -8.06 -48.41 -9.03
C ASN D 64 -7.65 -47.08 -8.42
N ASP D 65 -6.36 -46.89 -8.17
CA ASP D 65 -5.88 -45.65 -7.56
C ASP D 65 -6.12 -44.45 -8.49
N VAL D 66 -5.80 -44.61 -9.77
CA VAL D 66 -6.00 -43.51 -10.70
C VAL D 66 -7.48 -43.22 -10.87
N PHE D 67 -8.31 -44.25 -10.91
CA PHE D 67 -9.76 -44.04 -10.99
C PHE D 67 -10.25 -43.20 -9.84
N GLU D 68 -9.89 -43.60 -8.60
CA GLU D 68 -10.31 -42.85 -7.43
C GLU D 68 -9.86 -41.40 -7.49
N ARG D 69 -8.62 -41.15 -7.93
CA ARG D 69 -8.15 -39.77 -8.00
C ARG D 69 -8.97 -38.93 -8.97
N ILE D 70 -9.14 -39.42 -10.20
CA ILE D 70 -9.84 -38.65 -11.21
C ILE D 70 -11.30 -38.42 -10.80
N ALA D 71 -11.96 -39.47 -10.34
CA ALA D 71 -13.37 -39.35 -9.99
C ALA D 71 -13.59 -38.46 -8.79
N GLY D 72 -12.67 -38.48 -7.82
CA GLY D 72 -12.80 -37.58 -6.68
C GLY D 72 -12.60 -36.12 -7.07
N GLU D 73 -11.64 -35.86 -7.95
CA GLU D 73 -11.46 -34.47 -8.38
C GLU D 73 -12.63 -33.98 -9.21
N ALA D 74 -13.22 -34.85 -10.05
CA ALA D 74 -14.38 -34.43 -10.81
C ALA D 74 -15.60 -34.21 -9.93
N SER D 75 -15.78 -35.03 -8.90
CA SER D 75 -16.82 -34.77 -7.91
C SER D 75 -16.66 -33.40 -7.27
N ARG D 76 -15.44 -33.08 -6.83
CA ARG D 76 -15.22 -31.76 -6.22
C ARG D 76 -15.49 -30.64 -7.21
N LEU D 77 -15.06 -30.79 -8.46
CA LEU D 77 -15.35 -29.78 -9.48
C LEU D 77 -16.83 -29.54 -9.64
N ALA D 78 -17.64 -30.60 -9.65
CA ALA D 78 -19.07 -30.41 -9.79
C ALA D 78 -19.67 -29.73 -8.57
N HIS D 79 -19.11 -29.99 -7.38
CA HIS D 79 -19.61 -29.29 -6.20
C HIS D 79 -19.24 -27.81 -6.20
N TYR D 80 -18.02 -27.47 -6.63
CA TYR D 80 -17.58 -26.09 -6.61
C TYR D 80 -18.42 -25.22 -7.53
N ASN D 81 -18.96 -25.80 -8.60
CA ASN D 81 -19.76 -25.08 -9.56
C ASN D 81 -21.26 -25.30 -9.37
N LYS D 82 -21.64 -25.99 -8.31
CA LYS D 82 -23.04 -26.20 -7.96
C LYS D 82 -23.80 -26.96 -9.06
N ARG D 83 -23.14 -27.94 -9.64
CA ARG D 83 -23.74 -28.83 -10.62
C ARG D 83 -24.13 -30.15 -9.95
N SER D 84 -25.04 -30.87 -10.59
CA SER D 84 -25.52 -32.14 -10.08
C SER D 84 -25.04 -33.32 -10.91
N THR D 85 -24.25 -33.08 -11.95
CA THR D 85 -23.88 -34.10 -12.92
C THR D 85 -22.38 -34.11 -13.09
N ILE D 86 -21.82 -35.27 -13.33
CA ILE D 86 -20.43 -35.40 -13.75
C ILE D 86 -20.45 -35.69 -15.24
N THR D 87 -19.84 -34.80 -16.01
CA THR D 87 -19.83 -34.88 -17.46
C THR D 87 -18.40 -35.10 -17.94
N SER D 88 -18.24 -35.21 -19.25
CA SER D 88 -16.89 -35.39 -19.78
C SER D 88 -16.04 -34.13 -19.65
N ARG D 89 -16.65 -32.97 -19.43
CA ARG D 89 -15.88 -31.77 -19.15
C ARG D 89 -15.21 -31.83 -17.79
N GLU D 90 -15.90 -32.37 -16.79
CA GLU D 90 -15.28 -32.55 -15.48
C GLU D 90 -14.15 -33.58 -15.55
N ILE D 91 -14.32 -34.66 -16.31
CA ILE D 91 -13.25 -35.63 -16.45
C ILE D 91 -12.05 -35.01 -17.15
N GLN D 92 -12.29 -34.20 -18.18
CA GLN D 92 -11.19 -33.53 -18.87
C GLN D 92 -10.46 -32.56 -17.95
N THR D 93 -11.21 -31.76 -17.18
CA THR D 93 -10.57 -30.81 -16.29
C THR D 93 -9.78 -31.51 -15.19
N ALA D 94 -10.32 -32.61 -14.65
CA ALA D 94 -9.60 -33.38 -13.65
C ALA D 94 -8.33 -34.00 -14.22
N VAL D 95 -8.37 -34.48 -15.46
CA VAL D 95 -7.17 -35.03 -16.07
C VAL D 95 -6.11 -33.94 -16.22
N ARG D 96 -6.52 -32.73 -16.55
CA ARG D 96 -5.55 -31.65 -16.63
C ARG D 96 -5.00 -31.26 -15.27
N LEU D 97 -5.80 -31.37 -14.22
CA LEU D 97 -5.30 -31.05 -12.87
C LEU D 97 -4.37 -32.13 -12.33
N LEU D 98 -4.60 -33.40 -12.64
CA LEU D 98 -3.84 -34.49 -12.03
C LEU D 98 -2.66 -34.95 -12.85
N LEU D 99 -2.77 -35.03 -14.11
CA LEU D 99 -1.61 -35.58 -14.77
C LEU D 99 -0.59 -34.49 -15.08
N PRO D 100 0.68 -34.82 -15.03
CA PRO D 100 1.71 -33.80 -15.29
C PRO D 100 2.19 -33.77 -16.73
N GLY D 101 2.18 -32.58 -17.34
CA GLY D 101 2.92 -32.34 -18.55
C GLY D 101 2.38 -32.96 -19.83
N GLU D 102 3.18 -33.83 -20.45
CA GLU D 102 2.79 -34.45 -21.70
C GLU D 102 1.83 -35.61 -21.51
N LEU D 103 1.85 -36.25 -20.34
CA LEU D 103 0.85 -37.24 -20.03
C LEU D 103 -0.55 -36.65 -20.14
N ALA D 104 -0.75 -35.44 -19.64
CA ALA D 104 -2.07 -34.82 -19.70
C ALA D 104 -2.50 -34.53 -21.12
N LYS D 105 -1.58 -34.07 -21.97
CA LYS D 105 -1.94 -33.78 -23.36
C LYS D 105 -2.34 -35.04 -24.12
N HIS D 106 -1.52 -36.09 -24.02
CA HIS D 106 -1.87 -37.30 -24.74
C HIS D 106 -3.12 -37.97 -24.16
N ALA D 107 -3.36 -37.84 -22.85
CA ALA D 107 -4.57 -38.39 -22.27
C ALA D 107 -5.82 -37.63 -22.72
N VAL D 108 -5.77 -36.30 -22.80
CA VAL D 108 -6.97 -35.61 -23.25
C VAL D 108 -7.22 -35.89 -24.72
N SER D 109 -6.18 -36.05 -25.53
CA SER D 109 -6.44 -36.39 -26.92
C SER D 109 -7.06 -37.78 -27.04
N GLU D 110 -6.56 -38.75 -26.26
CA GLU D 110 -7.14 -40.08 -26.27
C GLU D 110 -8.60 -40.06 -25.86
N GLY D 111 -8.94 -39.35 -24.80
CA GLY D 111 -10.31 -39.26 -24.33
C GLY D 111 -11.25 -38.58 -25.29
N THR D 112 -10.81 -37.47 -25.87
CA THR D 112 -11.64 -36.76 -26.84
C THR D 112 -11.89 -37.61 -28.07
N LYS D 113 -10.87 -38.33 -28.54
CA LYS D 113 -11.05 -39.21 -29.68
C LYS D 113 -12.06 -40.32 -29.39
N ALA D 114 -12.02 -40.88 -28.18
CA ALA D 114 -12.98 -41.91 -27.84
C ALA D 114 -14.41 -41.37 -27.77
N VAL D 115 -14.60 -40.18 -27.21
CA VAL D 115 -15.96 -39.63 -27.13
C VAL D 115 -16.47 -39.26 -28.51
N THR D 116 -15.59 -38.79 -29.39
CA THR D 116 -16.01 -38.51 -30.77
C THR D 116 -16.44 -39.78 -31.48
N LYS D 117 -15.66 -40.86 -31.37
CA LYS D 117 -16.05 -42.09 -32.03
C LYS D 117 -17.31 -42.68 -31.43
N TYR D 118 -17.52 -42.52 -30.13
CA TYR D 118 -18.73 -43.06 -29.49
C TYR D 118 -19.97 -42.28 -29.94
N THR D 119 -19.89 -40.96 -29.92
CA THR D 119 -21.07 -40.15 -30.23
C THR D 119 -21.50 -40.30 -31.68
N SER D 120 -20.56 -40.47 -32.60
CA SER D 120 -20.91 -40.67 -34.01
C SER D 120 -21.25 -42.11 -34.34
N ALA D 121 -21.99 -42.79 -33.47
CA ALA D 121 -22.35 -44.19 -33.67
C ALA D 121 -23.71 -44.49 -33.07
N PRO E 38 47.91 -62.40 5.16
CA PRO E 38 46.90 -62.86 4.20
C PRO E 38 46.33 -61.72 3.37
N HIS E 39 45.42 -62.05 2.47
CA HIS E 39 44.79 -61.05 1.61
C HIS E 39 43.70 -60.30 2.38
N ARG E 40 43.66 -58.99 2.19
CA ARG E 40 42.62 -58.16 2.78
C ARG E 40 42.23 -57.07 1.79
N TYR E 41 40.93 -56.83 1.66
CA TYR E 41 40.45 -55.70 0.89
C TYR E 41 40.51 -54.44 1.72
N ARG E 42 40.74 -53.32 1.05
CA ARG E 42 40.92 -52.07 1.76
C ARG E 42 39.58 -51.56 2.29
N PRO E 43 39.59 -50.80 3.38
CA PRO E 43 38.34 -50.34 3.97
C PRO E 43 37.53 -49.49 2.99
N GLY E 44 36.28 -49.92 2.76
CA GLY E 44 35.41 -49.26 1.82
C GLY E 44 35.18 -50.02 0.54
N THR E 45 36.04 -50.97 0.21
CA THR E 45 35.86 -51.76 -1.01
C THR E 45 34.69 -52.71 -0.89
N VAL E 46 34.63 -53.46 0.21
CA VAL E 46 33.53 -54.38 0.43
C VAL E 46 32.23 -53.63 0.63
N ALA E 47 32.28 -52.41 1.18
CA ALA E 47 31.07 -51.62 1.36
C ALA E 47 30.46 -51.20 0.04
N LEU E 48 31.30 -50.80 -0.92
CA LEU E 48 30.78 -50.45 -2.24
C LEU E 48 30.27 -51.68 -2.98
N ARG E 49 30.96 -52.81 -2.81
CA ARG E 49 30.45 -54.06 -3.36
C ARG E 49 29.08 -54.41 -2.81
N GLU E 50 28.84 -54.18 -1.52
CA GLU E 50 27.54 -54.46 -0.94
C GLU E 50 26.48 -53.48 -1.38
N ILE E 51 26.85 -52.21 -1.58
CA ILE E 51 25.90 -51.25 -2.13
C ILE E 51 25.43 -51.72 -3.50
N ARG E 52 26.34 -52.25 -4.31
CA ARG E 52 25.91 -52.75 -5.61
C ARG E 52 25.08 -54.01 -5.50
N ARG E 53 25.41 -54.89 -4.56
CA ARG E 53 24.64 -56.11 -4.40
C ARG E 53 23.21 -55.83 -3.97
N TYR E 54 23.02 -54.99 -2.95
CA TYR E 54 21.68 -54.79 -2.42
C TYR E 54 20.85 -53.80 -3.20
N GLN E 55 21.44 -53.04 -4.11
CA GLN E 55 20.67 -52.19 -4.99
C GLN E 55 20.25 -52.88 -6.28
N LYS E 56 20.65 -54.13 -6.47
CA LYS E 56 20.15 -54.95 -7.57
C LYS E 56 19.03 -55.88 -7.16
N SER E 57 18.99 -56.27 -5.89
CA SER E 57 18.02 -57.23 -5.42
C SER E 57 16.74 -56.54 -4.97
N THR E 58 15.71 -57.35 -4.72
CA THR E 58 14.42 -56.85 -4.29
C THR E 58 13.89 -57.54 -3.06
N GLU E 59 14.60 -58.50 -2.49
CA GLU E 59 14.06 -59.25 -1.37
C GLU E 59 14.09 -58.41 -0.11
N LEU E 60 13.33 -58.85 0.89
CA LEU E 60 13.29 -58.16 2.17
C LEU E 60 14.57 -58.41 2.94
N LEU E 61 15.03 -57.38 3.66
CA LEU E 61 16.34 -57.41 4.29
C LEU E 61 16.28 -57.64 5.79
N ILE E 62 15.11 -57.59 6.40
CA ILE E 62 14.90 -57.91 7.79
C ILE E 62 14.34 -59.33 7.88
N ARG E 63 14.74 -60.07 8.90
CA ARG E 63 14.24 -61.42 9.05
C ARG E 63 12.76 -61.39 9.41
N LYS E 64 12.01 -62.40 8.95
CA LYS E 64 10.56 -62.35 9.01
C LYS E 64 10.04 -62.62 10.42
N LEU E 65 10.58 -63.59 11.10
CA LEU E 65 10.10 -63.99 12.41
C LEU E 65 10.33 -62.91 13.49
N PRO E 66 11.52 -62.32 13.58
CA PRO E 66 11.69 -61.19 14.51
C PRO E 66 10.77 -60.03 14.23
N PHE E 67 10.55 -59.69 12.96
CA PHE E 67 9.66 -58.58 12.63
C PHE E 67 8.23 -58.89 13.01
N GLN E 68 7.81 -60.14 12.84
CA GLN E 68 6.45 -60.51 13.23
C GLN E 68 6.25 -60.39 14.73
N ARG E 69 7.25 -60.80 15.52
CA ARG E 69 7.14 -60.61 16.96
C ARG E 69 7.05 -59.14 17.34
N LEU E 70 7.81 -58.28 16.65
CA LEU E 70 7.72 -56.85 16.94
C LEU E 70 6.33 -56.30 16.63
N VAL E 71 5.77 -56.68 15.49
CA VAL E 71 4.43 -56.22 15.13
C VAL E 71 3.42 -56.64 16.19
N ARG E 72 3.46 -57.90 16.61
CA ARG E 72 2.48 -58.36 17.59
C ARG E 72 2.66 -57.70 18.95
N GLU E 73 3.89 -57.43 19.35
CA GLU E 73 4.11 -56.74 20.62
C GLU E 73 3.59 -55.31 20.59
N ILE E 74 3.79 -54.59 19.49
CA ILE E 74 3.26 -53.24 19.38
C ILE E 74 1.74 -53.28 19.40
N ALA E 75 1.14 -54.26 18.73
CA ALA E 75 -0.31 -54.29 18.63
C ALA E 75 -0.98 -54.63 19.95
N GLN E 76 -0.33 -55.43 20.80
CA GLN E 76 -0.99 -55.80 22.05
C GLN E 76 -1.17 -54.62 23.00
N ASP E 77 -0.59 -53.45 22.72
CA ASP E 77 -0.83 -52.26 23.50
C ASP E 77 -1.99 -51.44 22.97
N PHE E 78 -2.70 -51.94 21.98
CA PHE E 78 -3.89 -51.30 21.44
C PHE E 78 -5.14 -52.15 21.63
N LYS E 79 -5.04 -53.45 21.40
CA LYS E 79 -6.13 -54.37 21.68
C LYS E 79 -5.53 -55.75 21.90
N THR E 80 -6.06 -56.47 22.88
CA THR E 80 -5.54 -57.78 23.22
C THR E 80 -6.16 -58.86 22.37
N ASP E 81 -5.42 -59.95 22.18
CA ASP E 81 -5.90 -61.14 21.49
C ASP E 81 -6.30 -60.82 20.05
N LEU E 82 -5.43 -60.09 19.37
CA LEU E 82 -5.59 -59.84 17.95
C LEU E 82 -4.95 -60.96 17.15
N ARG E 83 -5.52 -61.22 15.97
CA ARG E 83 -4.92 -62.12 15.01
C ARG E 83 -4.53 -61.32 13.78
N PHE E 84 -3.63 -61.89 12.99
CA PHE E 84 -3.10 -61.23 11.81
C PHE E 84 -3.13 -62.20 10.64
N GLN E 85 -3.58 -61.72 9.49
CA GLN E 85 -3.33 -62.45 8.26
C GLN E 85 -1.85 -62.34 7.92
N SER E 86 -1.29 -63.41 7.36
CA SER E 86 0.12 -63.37 7.01
C SER E 86 0.43 -62.28 5.99
N SER E 87 -0.50 -61.98 5.09
CA SER E 87 -0.30 -60.90 4.15
C SER E 87 -0.35 -59.53 4.81
N ALA E 88 -0.98 -59.41 5.97
CA ALA E 88 -0.94 -58.14 6.71
C ALA E 88 0.45 -57.85 7.25
N VAL E 89 1.08 -58.86 7.85
CA VAL E 89 2.43 -58.70 8.34
C VAL E 89 3.39 -58.44 7.18
N MET E 90 3.18 -59.12 6.04
CA MET E 90 4.04 -58.85 4.89
C MET E 90 3.86 -57.43 4.34
N ALA E 91 2.64 -56.91 4.34
CA ALA E 91 2.45 -55.53 3.91
C ALA E 91 3.12 -54.55 4.86
N LEU E 92 3.02 -54.79 6.17
CA LEU E 92 3.72 -53.95 7.13
C LEU E 92 5.22 -53.99 6.92
N GLN E 93 5.78 -55.15 6.57
CA GLN E 93 7.22 -55.22 6.38
C GLN E 93 7.66 -54.53 5.10
N GLU E 94 6.91 -54.68 4.01
CA GLU E 94 7.24 -53.93 2.79
C GLU E 94 7.24 -52.44 3.06
N ALA E 95 6.21 -51.94 3.74
CA ALA E 95 6.15 -50.50 4.00
C ALA E 95 7.24 -50.03 4.95
N SER E 96 7.57 -50.81 5.97
CA SER E 96 8.61 -50.41 6.91
C SER E 96 9.97 -50.34 6.23
N GLU E 97 10.28 -51.31 5.39
CA GLU E 97 11.58 -51.28 4.73
C GLU E 97 11.67 -50.19 3.69
N ALA E 98 10.59 -49.92 2.95
CA ALA E 98 10.61 -48.79 2.04
C ALA E 98 10.83 -47.47 2.78
N TYR E 99 10.16 -47.31 3.92
CA TYR E 99 10.34 -46.09 4.72
C TYR E 99 11.78 -45.94 5.21
N LEU E 100 12.38 -47.02 5.72
CA LEU E 100 13.73 -46.90 6.24
C LEU E 100 14.77 -46.68 5.15
N VAL E 101 14.60 -47.30 3.98
CA VAL E 101 15.56 -47.09 2.90
C VAL E 101 15.49 -45.66 2.39
N ALA E 102 14.28 -45.13 2.20
CA ALA E 102 14.17 -43.75 1.77
C ALA E 102 14.64 -42.76 2.82
N LEU E 103 14.60 -43.13 4.11
CA LEU E 103 15.18 -42.28 5.13
C LEU E 103 16.70 -42.30 5.12
N PHE E 104 17.31 -43.44 4.83
CA PHE E 104 18.77 -43.48 4.75
C PHE E 104 19.30 -42.71 3.53
N GLU E 105 18.53 -42.61 2.45
CA GLU E 105 18.98 -41.77 1.35
C GLU E 105 19.07 -40.29 1.76
N ASP E 106 18.06 -39.77 2.46
CA ASP E 106 18.11 -38.40 2.95
C ASP E 106 19.19 -38.21 4.00
N THR E 107 19.40 -39.20 4.86
CA THR E 107 20.47 -39.12 5.85
C THR E 107 21.84 -39.08 5.20
N ASN E 108 22.03 -39.80 4.09
CA ASN E 108 23.30 -39.75 3.38
C ASN E 108 23.52 -38.39 2.73
N LEU E 109 22.47 -37.80 2.16
CA LEU E 109 22.61 -36.44 1.66
C LEU E 109 22.99 -35.45 2.75
N ALA E 110 22.39 -35.58 3.93
CA ALA E 110 22.74 -34.67 5.03
C ALA E 110 24.17 -34.87 5.50
N ALA E 111 24.68 -36.11 5.47
CA ALA E 111 26.06 -36.33 5.88
C ALA E 111 27.05 -35.78 4.85
N ILE E 112 26.75 -35.93 3.56
CA ILE E 112 27.63 -35.36 2.54
C ILE E 112 27.60 -33.84 2.61
N HIS E 113 26.45 -33.25 2.95
CA HIS E 113 26.36 -31.80 3.06
C HIS E 113 27.32 -31.24 4.09
N ALA E 114 27.56 -31.99 5.16
CA ALA E 114 28.50 -31.61 6.20
C ALA E 114 29.93 -32.02 5.89
N LYS E 115 30.18 -32.53 4.69
CA LYS E 115 31.51 -32.92 4.22
C LYS E 115 32.06 -34.12 4.98
N ARG E 116 31.18 -35.06 5.30
CA ARG E 116 31.54 -36.35 5.89
C ARG E 116 31.11 -37.46 4.96
N VAL E 117 31.59 -38.67 5.24
CA VAL E 117 31.07 -39.87 4.58
C VAL E 117 30.39 -40.82 5.55
N THR E 118 30.52 -40.59 6.85
CA THR E 118 29.90 -41.40 7.88
C THR E 118 28.60 -40.76 8.29
N ILE E 119 27.51 -41.53 8.30
CA ILE E 119 26.24 -41.02 8.78
C ILE E 119 26.21 -41.13 10.29
N MET E 120 25.57 -40.16 10.92
CA MET E 120 25.52 -40.02 12.37
C MET E 120 24.09 -39.75 12.78
N PRO E 121 23.77 -39.91 14.07
CA PRO E 121 22.38 -39.67 14.50
C PRO E 121 21.85 -38.28 14.16
N LYS E 122 22.69 -37.25 14.22
CA LYS E 122 22.24 -35.92 13.89
C LYS E 122 21.85 -35.77 12.43
N ASP E 123 22.36 -36.62 11.54
CA ASP E 123 21.90 -36.60 10.16
C ASP E 123 20.47 -37.12 10.04
N ILE E 124 20.14 -38.20 10.74
CA ILE E 124 18.77 -38.69 10.77
C ILE E 124 17.85 -37.64 11.37
N GLN E 125 18.30 -36.97 12.42
CA GLN E 125 17.46 -35.96 13.04
C GLN E 125 17.21 -34.78 12.11
N LEU E 126 18.24 -34.31 11.40
CA LEU E 126 18.04 -33.23 10.46
C LEU E 126 17.10 -33.63 9.34
N ALA E 127 17.29 -34.82 8.78
CA ALA E 127 16.44 -35.24 7.67
C ALA E 127 14.99 -35.38 8.10
N ARG E 128 14.75 -35.93 9.30
CA ARG E 128 13.39 -36.07 9.77
C ARG E 128 12.78 -34.72 10.12
N ARG E 129 13.56 -33.77 10.63
CA ARG E 129 13.04 -32.45 10.91
C ARG E 129 12.66 -31.71 9.63
N ILE E 130 13.45 -31.85 8.58
CA ILE E 130 13.12 -31.15 7.35
C ILE E 130 11.96 -31.80 6.63
N ARG E 131 11.81 -33.13 6.73
CA ARG E 131 10.65 -33.77 6.13
C ARG E 131 9.35 -33.30 6.75
N GLY E 132 9.36 -32.97 8.03
CA GLY E 132 8.17 -32.63 8.77
C GLY E 132 7.69 -33.68 9.72
N GLU E 133 8.52 -34.66 10.06
CA GLU E 133 8.10 -35.75 10.95
C GLU E 133 8.31 -35.36 12.41
N ARG E 134 9.56 -35.17 12.80
CA ARG E 134 9.89 -34.75 14.16
C ARG E 134 11.31 -34.21 14.24
N HIS F 18 -5.32 -66.44 26.59
CA HIS F 18 -5.16 -65.09 26.07
C HIS F 18 -3.70 -64.81 25.69
N ARG F 19 -2.97 -65.87 25.33
CA ARG F 19 -1.57 -65.80 24.94
C ARG F 19 -0.69 -65.24 26.05
N LYS F 20 0.59 -65.08 25.76
CA LYS F 20 1.56 -64.58 26.74
C LYS F 20 1.84 -63.10 26.46
N VAL F 21 2.93 -62.59 27.01
CA VAL F 21 3.34 -61.20 26.83
C VAL F 21 4.68 -61.17 26.11
N LEU F 22 4.74 -60.42 25.01
CA LEU F 22 5.98 -60.22 24.29
C LEU F 22 6.71 -58.99 24.83
N ARG F 23 8.04 -59.05 24.81
CA ARG F 23 8.84 -57.97 25.35
C ARG F 23 10.23 -58.00 24.72
N ASP F 24 10.80 -56.81 24.53
CA ASP F 24 12.17 -56.64 24.04
C ASP F 24 12.35 -57.25 22.66
N ASN F 25 11.41 -56.95 21.76
CA ASN F 25 11.47 -57.46 20.41
C ASN F 25 12.04 -56.45 19.42
N ILE F 26 12.23 -55.19 19.84
CA ILE F 26 12.91 -54.22 19.00
C ILE F 26 14.36 -54.62 18.78
N GLN F 27 14.92 -55.42 19.68
CA GLN F 27 16.29 -55.91 19.54
C GLN F 27 16.41 -57.04 18.54
N GLY F 28 15.29 -57.59 18.05
CA GLY F 28 15.36 -58.51 16.95
C GLY F 28 15.61 -57.86 15.62
N ILE F 29 15.62 -56.53 15.58
CA ILE F 29 16.07 -55.78 14.40
C ILE F 29 17.57 -55.60 14.59
N THR F 30 18.34 -56.55 14.08
CA THR F 30 19.75 -56.65 14.40
C THR F 30 20.55 -55.58 13.67
N LYS F 31 21.78 -55.40 14.12
CA LYS F 31 22.72 -54.51 13.44
C LYS F 31 23.04 -54.93 12.01
N PRO F 32 23.21 -56.22 11.68
CA PRO F 32 23.37 -56.59 10.28
C PRO F 32 22.21 -56.19 9.38
N ALA F 33 20.97 -56.34 9.85
CA ALA F 33 19.83 -55.97 9.03
C ALA F 33 19.76 -54.47 8.80
N ILE F 34 20.10 -53.68 9.83
CA ILE F 34 20.14 -52.24 9.67
C ILE F 34 21.25 -51.84 8.70
N ARG F 35 22.37 -52.54 8.71
CA ARG F 35 23.42 -52.24 7.74
C ARG F 35 22.98 -52.56 6.32
N ARG F 36 22.26 -53.66 6.12
CA ARG F 36 21.76 -53.95 4.78
C ARG F 36 20.78 -52.89 4.31
N LEU F 37 19.90 -52.43 5.20
CA LEU F 37 18.99 -51.35 4.83
C LEU F 37 19.74 -50.07 4.49
N ALA F 38 20.84 -49.79 5.18
CA ALA F 38 21.62 -48.60 4.86
C ALA F 38 22.38 -48.76 3.55
N ARG F 39 22.83 -49.97 3.23
CA ARG F 39 23.51 -50.21 1.96
C ARG F 39 22.56 -50.07 0.79
N ARG F 40 21.31 -50.50 0.94
CA ARG F 40 20.37 -50.27 -0.16
C ARG F 40 20.06 -48.79 -0.32
N GLY F 41 20.16 -48.01 0.74
CA GLY F 41 20.05 -46.57 0.61
C GLY F 41 21.29 -45.88 0.08
N GLY F 42 22.37 -46.63 -0.13
CA GLY F 42 23.58 -46.07 -0.69
C GLY F 42 24.59 -45.54 0.30
N VAL F 43 24.52 -45.98 1.56
CA VAL F 43 25.37 -45.46 2.61
C VAL F 43 26.64 -46.28 2.67
N LYS F 44 27.79 -45.60 2.75
CA LYS F 44 29.08 -46.26 2.74
C LYS F 44 29.68 -46.48 4.11
N ARG F 45 29.41 -45.63 5.09
CA ARG F 45 30.02 -45.74 6.41
C ARG F 45 29.01 -45.37 7.47
N ILE F 46 28.95 -46.15 8.54
CA ILE F 46 27.88 -46.05 9.52
C ILE F 46 28.45 -45.91 10.91
N SER F 47 27.98 -44.90 11.64
CA SER F 47 28.35 -44.71 13.03
C SER F 47 27.72 -45.78 13.92
N GLY F 48 28.33 -46.02 15.06
CA GLY F 48 27.83 -47.03 15.97
C GLY F 48 26.60 -46.62 16.74
N LEU F 49 26.29 -45.33 16.78
CA LEU F 49 25.10 -44.84 17.45
C LEU F 49 23.88 -44.84 16.55
N ILE F 50 24.00 -45.34 15.33
CA ILE F 50 22.91 -45.29 14.38
C ILE F 50 21.88 -46.37 14.68
N TYR F 51 22.31 -47.47 15.28
CA TYR F 51 21.43 -48.63 15.40
C TYR F 51 20.28 -48.37 16.37
N GLU F 52 20.55 -47.83 17.55
CA GLU F 52 19.48 -47.51 18.48
C GLU F 52 18.60 -46.37 17.98
N GLU F 53 19.19 -45.40 17.30
CA GLU F 53 18.44 -44.32 16.69
C GLU F 53 17.43 -44.85 15.67
N THR F 54 17.86 -45.77 14.82
CA THR F 54 16.96 -46.29 13.81
C THR F 54 15.91 -47.22 14.40
N ARG F 55 16.25 -47.97 15.45
CA ARG F 55 15.23 -48.74 16.14
C ARG F 55 14.12 -47.84 16.67
N GLY F 56 14.49 -46.71 17.29
CA GLY F 56 13.46 -45.78 17.73
C GLY F 56 12.61 -45.23 16.61
N VAL F 57 13.22 -44.86 15.49
CA VAL F 57 12.45 -44.35 14.35
C VAL F 57 11.47 -45.39 13.82
N LEU F 58 11.94 -46.64 13.69
CA LEU F 58 11.08 -47.70 13.21
C LEU F 58 9.90 -47.95 14.16
N LYS F 59 10.17 -47.94 15.46
CA LYS F 59 9.08 -48.18 16.41
C LYS F 59 8.01 -47.10 16.35
N VAL F 60 8.40 -45.84 16.15
CA VAL F 60 7.39 -44.79 16.01
C VAL F 60 6.55 -44.99 14.75
N PHE F 61 7.21 -45.25 13.61
CA PHE F 61 6.48 -45.49 12.37
C PHE F 61 5.47 -46.63 12.52
N LEU F 62 5.91 -47.74 13.11
CA LEU F 62 5.02 -48.89 13.26
C LEU F 62 3.88 -48.62 14.21
N GLU F 63 4.12 -47.86 15.28
CA GLU F 63 3.01 -47.52 16.17
C GLU F 63 1.93 -46.74 15.45
N ASN F 64 2.30 -45.78 14.60
CA ASN F 64 1.26 -45.04 13.89
C ASN F 64 0.46 -45.93 12.95
N VAL F 65 1.15 -46.73 12.13
CA VAL F 65 0.39 -47.54 11.17
C VAL F 65 -0.48 -48.56 11.89
N ILE F 66 0.03 -49.20 12.93
CA ILE F 66 -0.74 -50.25 13.58
C ILE F 66 -1.90 -49.67 14.36
N ARG F 67 -1.75 -48.47 14.93
CA ARG F 67 -2.90 -47.84 15.57
C ARG F 67 -4.04 -47.62 14.59
N ASP F 68 -3.71 -47.09 13.41
CA ASP F 68 -4.79 -46.86 12.43
C ASP F 68 -5.40 -48.18 11.93
N ALA F 69 -4.57 -49.21 11.71
CA ALA F 69 -5.11 -50.47 11.22
C ALA F 69 -5.99 -51.16 12.25
N VAL F 70 -5.63 -51.08 13.53
CA VAL F 70 -6.47 -51.66 14.55
C VAL F 70 -7.76 -50.88 14.72
N THR F 71 -7.72 -49.56 14.53
CA THR F 71 -8.98 -48.81 14.49
C THR F 71 -9.90 -49.33 13.39
N TYR F 72 -9.37 -49.53 12.19
CA TYR F 72 -10.18 -50.07 11.11
C TYR F 72 -10.75 -51.45 11.47
N THR F 73 -9.94 -52.29 12.10
CA THR F 73 -10.39 -53.63 12.47
C THR F 73 -11.51 -53.58 13.51
N GLU F 74 -11.39 -52.71 14.51
CA GLU F 74 -12.42 -52.62 15.52
C GLU F 74 -13.72 -52.06 14.97
N HIS F 75 -13.64 -51.15 14.00
CA HIS F 75 -14.88 -50.62 13.43
C HIS F 75 -15.68 -51.68 12.71
N ALA F 76 -15.01 -52.64 12.07
CA ALA F 76 -15.69 -53.72 11.37
C ALA F 76 -16.12 -54.84 12.29
N LYS F 77 -15.82 -54.74 13.59
CA LYS F 77 -16.16 -55.76 14.58
C LYS F 77 -15.51 -57.10 14.25
N ARG F 78 -14.25 -57.05 13.84
CA ARG F 78 -13.47 -58.25 13.60
C ARG F 78 -12.40 -58.41 14.67
N LYS F 79 -11.80 -59.59 14.69
CA LYS F 79 -10.70 -59.89 15.60
C LYS F 79 -9.41 -60.15 14.87
N THR F 80 -9.42 -60.18 13.54
CA THR F 80 -8.24 -60.42 12.73
C THR F 80 -7.94 -59.17 11.92
N VAL F 81 -6.68 -58.74 11.96
CA VAL F 81 -6.21 -57.64 11.13
C VAL F 81 -5.92 -58.18 9.74
N THR F 82 -6.60 -57.63 8.75
CA THR F 82 -6.44 -58.09 7.38
C THR F 82 -5.46 -57.19 6.64
N ALA F 83 -5.12 -57.58 5.41
CA ALA F 83 -4.17 -56.79 4.63
C ALA F 83 -4.80 -55.51 4.13
N MET F 84 -6.12 -55.50 3.91
CA MET F 84 -6.78 -54.28 3.52
C MET F 84 -6.79 -53.23 4.63
N ASP F 85 -6.86 -53.66 5.89
CA ASP F 85 -6.76 -52.73 7.00
C ASP F 85 -5.43 -52.00 6.99
N VAL F 86 -4.34 -52.73 6.75
CA VAL F 86 -3.02 -52.12 6.68
C VAL F 86 -2.92 -51.20 5.48
N VAL F 87 -3.47 -51.62 4.34
CA VAL F 87 -3.38 -50.79 3.14
C VAL F 87 -4.14 -49.48 3.33
N TYR F 88 -5.29 -49.52 4.00
CA TYR F 88 -6.04 -48.28 4.26
C TYR F 88 -5.30 -47.40 5.26
N ALA F 89 -4.76 -48.01 6.31
CA ALA F 89 -4.00 -47.27 7.30
C ALA F 89 -2.81 -46.56 6.65
N LEU F 90 -2.17 -47.21 5.70
CA LEU F 90 -1.04 -46.59 5.00
C LEU F 90 -1.50 -45.48 4.09
N LYS F 91 -2.55 -45.72 3.30
CA LYS F 91 -3.03 -44.71 2.37
C LYS F 91 -3.41 -43.43 3.09
N ARG F 92 -4.04 -43.54 4.26
CA ARG F 92 -4.46 -42.32 4.93
C ARG F 92 -3.30 -41.54 5.54
N GLN F 93 -2.09 -42.09 5.56
CA GLN F 93 -0.90 -41.35 5.97
C GLN F 93 -0.07 -40.90 4.79
N GLY F 94 -0.56 -41.03 3.58
CA GLY F 94 0.17 -40.59 2.42
C GLY F 94 1.25 -41.53 1.96
N ARG F 95 1.11 -42.82 2.25
CA ARG F 95 2.10 -43.82 1.85
C ARG F 95 1.37 -44.98 1.18
N THR F 96 0.88 -44.74 -0.02
CA THR F 96 0.15 -45.75 -0.78
C THR F 96 1.04 -46.92 -1.14
N LEU F 97 0.50 -48.12 -1.01
CA LEU F 97 1.20 -49.38 -1.26
C LEU F 97 0.44 -50.17 -2.31
N TYR F 98 1.12 -50.52 -3.40
CA TYR F 98 0.55 -51.34 -4.46
C TYR F 98 0.98 -52.79 -4.31
N GLY F 99 0.06 -53.71 -4.53
CA GLY F 99 0.39 -55.11 -4.59
C GLY F 99 -0.17 -55.98 -3.49
N PHE F 100 -1.13 -55.48 -2.70
CA PHE F 100 -1.74 -56.27 -1.65
C PHE F 100 -3.25 -56.17 -1.68
N GLY F 101 -3.82 -55.78 -2.82
CA GLY F 101 -5.26 -55.66 -2.95
C GLY F 101 -5.72 -54.23 -2.88
N GLY F 102 -6.90 -53.99 -3.43
CA GLY F 102 -7.44 -52.65 -3.52
C GLY F 102 -6.91 -51.91 -4.72
N ALA G 12 -47.67 -30.13 18.18
CA ALA G 12 -46.91 -29.62 19.32
C ALA G 12 -45.92 -28.55 18.89
N LYS G 13 -45.56 -27.68 19.83
CA LYS G 13 -44.61 -26.61 19.53
C LYS G 13 -43.25 -27.20 19.21
N ALA G 14 -42.55 -26.59 18.25
CA ALA G 14 -41.31 -27.13 17.74
C ALA G 14 -40.13 -26.69 18.60
N LYS G 15 -39.34 -27.66 19.04
CA LYS G 15 -38.06 -27.42 19.69
C LYS G 15 -36.94 -27.76 18.72
N THR G 16 -35.89 -26.95 18.72
CA THR G 16 -34.77 -27.22 17.84
C THR G 16 -34.09 -28.52 18.24
N ARG G 17 -33.47 -29.16 17.26
CA ARG G 17 -32.73 -30.38 17.55
C ARG G 17 -31.42 -30.09 18.27
N SER G 18 -30.89 -28.88 18.15
CA SER G 18 -29.67 -28.55 18.87
C SER G 18 -29.94 -28.29 20.33
N SER G 19 -31.10 -27.74 20.67
CA SER G 19 -31.42 -27.54 22.08
C SER G 19 -31.77 -28.86 22.76
N ARG G 20 -32.30 -29.83 22.01
CA ARG G 20 -32.55 -31.13 22.62
C ARG G 20 -31.27 -31.82 23.04
N ALA G 21 -30.19 -31.59 22.31
CA ALA G 21 -28.90 -32.18 22.64
C ALA G 21 -28.04 -31.28 23.51
N GLY G 22 -28.49 -30.07 23.81
CA GLY G 22 -27.70 -29.15 24.61
C GLY G 22 -26.54 -28.54 23.86
N LEU G 23 -26.75 -28.12 22.62
CA LEU G 23 -25.68 -27.64 21.76
C LEU G 23 -25.97 -26.22 21.30
N GLN G 24 -24.92 -25.53 20.89
CA GLN G 24 -25.03 -24.22 20.28
C GLN G 24 -24.95 -24.29 18.76
N PHE G 25 -24.24 -25.26 18.22
CA PHE G 25 -24.11 -25.42 16.78
C PHE G 25 -25.39 -26.01 16.18
N PRO G 26 -25.70 -25.67 14.93
CA PRO G 26 -27.01 -26.02 14.35
C PRO G 26 -27.05 -27.44 13.83
N VAL G 27 -27.89 -28.27 14.44
CA VAL G 27 -27.97 -29.68 14.06
C VAL G 27 -28.70 -29.84 12.72
N GLY G 28 -29.73 -29.03 12.49
CA GLY G 28 -30.45 -29.12 11.23
C GLY G 28 -29.61 -28.76 10.02
N ARG G 29 -28.76 -27.75 10.16
CA ARG G 29 -27.91 -27.37 9.05
C ARG G 29 -26.84 -28.42 8.78
N VAL G 30 -26.28 -29.02 9.83
CA VAL G 30 -25.30 -30.08 9.64
C VAL G 30 -25.94 -31.29 8.99
N HIS G 31 -27.19 -31.60 9.35
CA HIS G 31 -27.90 -32.67 8.69
C HIS G 31 -28.11 -32.38 7.21
N ARG G 32 -28.53 -31.15 6.89
CA ARG G 32 -28.74 -30.79 5.50
C ARG G 32 -27.44 -30.82 4.70
N LEU G 33 -26.32 -30.47 5.32
CA LEU G 33 -25.04 -30.53 4.61
C LEU G 33 -24.55 -31.95 4.42
N LEU G 34 -24.87 -32.85 5.35
CA LEU G 34 -24.55 -34.26 5.12
C LEU G 34 -25.38 -34.84 3.99
N ARG G 35 -26.67 -34.51 3.94
CA ARG G 35 -27.53 -35.08 2.90
C ARG G 35 -27.16 -34.61 1.50
N LYS G 36 -26.48 -33.48 1.37
CA LYS G 36 -26.24 -32.89 0.07
C LYS G 36 -24.77 -32.85 -0.31
N GLY G 37 -23.92 -33.57 0.39
CA GLY G 37 -22.50 -33.63 0.06
C GLY G 37 -22.06 -34.92 -0.57
N ASN G 38 -22.99 -35.81 -0.93
CA ASN G 38 -22.67 -37.10 -1.52
C ASN G 38 -21.69 -37.87 -0.66
N TYR G 39 -22.09 -38.12 0.57
CA TYR G 39 -21.27 -38.88 1.49
C TYR G 39 -21.76 -40.31 1.66
N ALA G 40 -23.05 -40.53 1.55
CA ALA G 40 -23.62 -41.86 1.53
C ALA G 40 -25.05 -41.74 1.01
N GLU G 41 -25.67 -42.89 0.80
CA GLU G 41 -27.06 -42.91 0.36
C GLU G 41 -28.01 -42.49 1.48
N ARG G 42 -27.64 -42.74 2.73
CA ARG G 42 -28.51 -42.47 3.86
C ARG G 42 -27.69 -41.88 5.00
N VAL G 43 -28.34 -41.06 5.83
CA VAL G 43 -27.73 -40.42 6.97
C VAL G 43 -28.54 -40.75 8.21
N GLY G 44 -27.91 -41.38 9.19
CA GLY G 44 -28.61 -41.72 10.42
C GLY G 44 -29.03 -40.50 11.21
N ALA G 45 -29.84 -40.75 12.22
CA ALA G 45 -30.40 -39.67 13.02
C ALA G 45 -29.40 -39.10 14.01
N GLY G 46 -28.48 -39.91 14.52
CA GLY G 46 -27.51 -39.42 15.46
C GLY G 46 -26.24 -38.91 14.86
N ALA G 47 -26.06 -39.06 13.56
CA ALA G 47 -24.83 -38.61 12.90
C ALA G 47 -24.68 -37.09 12.94
N PRO G 48 -25.70 -36.30 12.60
CA PRO G 48 -25.54 -34.84 12.70
C PRO G 48 -25.39 -34.34 14.13
N VAL G 49 -26.01 -34.99 15.11
CA VAL G 49 -25.86 -34.57 16.50
C VAL G 49 -24.42 -34.81 16.97
N TYR G 50 -23.90 -36.00 16.74
CA TYR G 50 -22.52 -36.31 17.10
C TYR G 50 -21.55 -35.35 16.42
N LEU G 51 -21.74 -35.11 15.14
CA LEU G 51 -20.80 -34.28 14.41
C LEU G 51 -20.88 -32.81 14.84
N ALA G 52 -22.08 -32.30 15.12
CA ALA G 52 -22.17 -30.93 15.60
C ALA G 52 -21.56 -30.77 16.98
N ALA G 53 -21.68 -31.78 17.84
CA ALA G 53 -21.00 -31.72 19.13
C ALA G 53 -19.49 -31.66 18.97
N VAL G 54 -18.93 -32.44 18.04
CA VAL G 54 -17.48 -32.38 17.86
C VAL G 54 -17.03 -31.04 17.27
N LEU G 55 -17.77 -30.49 16.31
CA LEU G 55 -17.41 -29.19 15.77
C LEU G 55 -17.45 -28.11 16.85
N GLU G 56 -18.46 -28.14 17.71
CA GLU G 56 -18.53 -27.14 18.77
C GLU G 56 -17.41 -27.30 19.78
N TYR G 57 -17.04 -28.54 20.11
CA TYR G 57 -15.93 -28.76 21.03
C TYR G 57 -14.62 -28.19 20.49
N LEU G 58 -14.32 -28.45 19.22
CA LEU G 58 -13.05 -27.95 18.68
C LEU G 58 -13.05 -26.44 18.57
N THR G 59 -14.19 -25.84 18.23
CA THR G 59 -14.29 -24.39 18.23
C THR G 59 -14.02 -23.81 19.61
N ALA G 60 -14.60 -24.40 20.66
CA ALA G 60 -14.37 -23.90 22.00
C ALA G 60 -12.91 -24.06 22.43
N GLU G 61 -12.29 -25.18 22.09
CA GLU G 61 -10.87 -25.37 22.42
C GLU G 61 -10.00 -24.29 21.80
N ILE G 62 -10.25 -23.95 20.53
CA ILE G 62 -9.40 -22.92 19.93
C ILE G 62 -9.70 -21.55 20.50
N LEU G 63 -10.98 -21.23 20.71
CA LEU G 63 -11.32 -19.89 21.15
C LEU G 63 -10.85 -19.60 22.56
N GLU G 64 -10.80 -20.61 23.43
CA GLU G 64 -10.30 -20.38 24.78
C GLU G 64 -8.83 -19.96 24.77
N LEU G 65 -7.99 -20.72 24.05
CA LEU G 65 -6.58 -20.38 23.97
C LEU G 65 -6.36 -19.06 23.25
N ALA G 66 -7.14 -18.77 22.22
CA ALA G 66 -6.97 -17.51 21.51
C ALA G 66 -7.38 -16.32 22.36
N GLY G 67 -8.39 -16.45 23.21
CA GLY G 67 -8.71 -15.38 24.13
C GLY G 67 -7.70 -15.19 25.24
N ASN G 68 -7.07 -16.28 25.70
CA ASN G 68 -5.95 -16.12 26.62
C ASN G 68 -4.81 -15.39 25.97
N ALA G 69 -4.52 -15.69 24.70
CA ALA G 69 -3.45 -15.00 24.00
C ALA G 69 -3.77 -13.53 23.81
N ALA G 70 -5.02 -13.21 23.48
CA ALA G 70 -5.40 -11.81 23.39
C ALA G 70 -5.31 -11.09 24.73
N ARG G 71 -5.53 -11.79 25.83
CA ARG G 71 -5.39 -11.16 27.13
C ARG G 71 -3.94 -10.97 27.54
N ASP G 72 -3.05 -11.90 27.16
CA ASP G 72 -1.65 -11.77 27.51
C ASP G 72 -0.98 -10.59 26.81
N ASN G 73 -1.52 -10.15 25.68
CA ASN G 73 -1.00 -9.02 24.95
C ASN G 73 -1.84 -7.76 25.19
N LYS G 74 -2.62 -7.74 26.26
CA LYS G 74 -3.40 -6.57 26.66
C LYS G 74 -4.34 -6.12 25.54
N LYS G 75 -5.15 -7.05 25.06
CA LYS G 75 -6.14 -6.77 24.04
C LYS G 75 -7.47 -7.36 24.46
N THR G 76 -8.55 -6.80 23.91
CA THR G 76 -9.89 -7.23 24.23
C THR G 76 -10.61 -7.73 22.98
N ARG G 77 -9.86 -8.20 22.00
CA ARG G 77 -10.41 -8.57 20.71
C ARG G 77 -9.44 -9.53 20.05
N ILE G 78 -9.96 -10.66 19.59
CA ILE G 78 -9.11 -11.68 18.96
C ILE G 78 -8.85 -11.27 17.51
N ILE G 79 -7.58 -11.32 17.11
CA ILE G 79 -7.18 -11.05 15.73
C ILE G 79 -6.48 -12.30 15.20
N PRO G 80 -6.23 -12.41 13.89
CA PRO G 80 -5.58 -13.63 13.37
C PRO G 80 -4.26 -13.97 14.04
N ARG G 81 -3.52 -12.97 14.52
CA ARG G 81 -2.27 -13.23 15.22
C ARG G 81 -2.48 -14.10 16.45
N HIS G 82 -3.56 -13.85 17.19
CA HIS G 82 -3.82 -14.60 18.40
C HIS G 82 -4.22 -16.04 18.10
N LEU G 83 -4.96 -16.25 17.02
CA LEU G 83 -5.24 -17.62 16.59
C LEU G 83 -3.96 -18.36 16.22
N GLN G 84 -3.07 -17.69 15.48
CA GLN G 84 -1.80 -18.32 15.14
C GLN G 84 -1.01 -18.70 16.37
N LEU G 85 -0.89 -17.78 17.34
CA LEU G 85 -0.14 -18.07 18.56
C LEU G 85 -0.76 -19.25 19.30
N ALA G 86 -2.08 -19.25 19.46
CA ALA G 86 -2.76 -20.32 20.16
C ALA G 86 -2.56 -21.66 19.50
N VAL G 87 -2.65 -21.72 18.18
CA VAL G 87 -2.53 -23.00 17.48
C VAL G 87 -1.08 -23.50 17.54
N ARG G 88 -0.12 -22.64 17.18
CA ARG G 88 1.25 -23.11 17.10
C ARG G 88 1.86 -23.39 18.47
N ASN G 89 1.26 -22.91 19.55
CA ASN G 89 1.78 -23.27 20.86
C ASN G 89 1.20 -24.56 21.43
N ASP G 90 0.04 -25.00 20.94
CA ASP G 90 -0.55 -26.25 21.39
C ASP G 90 -0.08 -27.40 20.53
N GLU G 91 0.42 -28.45 21.16
CA GLU G 91 1.05 -29.55 20.43
C GLU G 91 0.05 -30.28 19.53
N GLU G 92 -1.13 -30.58 20.06
CA GLU G 92 -2.12 -31.34 19.31
C GLU G 92 -2.85 -30.49 18.27
N LEU G 93 -3.19 -29.25 18.62
CA LEU G 93 -3.75 -28.35 17.61
C LEU G 93 -2.74 -28.08 16.50
N ASN G 94 -1.47 -27.98 16.84
CA ASN G 94 -0.44 -27.83 15.83
C ASN G 94 -0.37 -29.04 14.93
N LYS G 95 -0.60 -30.23 15.47
CA LYS G 95 -0.61 -31.42 14.63
C LYS G 95 -1.82 -31.45 13.70
N LEU G 96 -2.99 -31.08 14.21
CA LEU G 96 -4.20 -31.10 13.39
C LEU G 96 -4.13 -30.06 12.28
N LEU G 97 -3.49 -28.92 12.51
CA LEU G 97 -3.40 -27.85 11.52
C LEU G 97 -1.97 -27.67 11.05
N GLY G 98 -1.31 -28.76 10.70
CA GLY G 98 0.09 -28.70 10.34
C GLY G 98 0.36 -28.23 8.92
N ARG G 99 -0.50 -28.59 7.99
CA ARG G 99 -0.38 -28.19 6.60
C ARG G 99 -1.31 -27.04 6.26
N VAL G 100 -1.53 -26.12 7.20
CA VAL G 100 -2.49 -25.04 7.06
C VAL G 100 -1.79 -23.71 7.28
N THR G 101 -2.19 -22.71 6.50
CA THR G 101 -1.65 -21.35 6.59
C THR G 101 -2.74 -20.40 7.03
N ILE G 102 -2.53 -19.74 8.16
CA ILE G 102 -3.45 -18.72 8.66
C ILE G 102 -2.99 -17.38 8.11
N ALA G 103 -3.89 -16.68 7.43
CA ALA G 103 -3.51 -15.43 6.77
C ALA G 103 -3.34 -14.31 7.79
N GLN G 104 -2.26 -13.55 7.63
CA GLN G 104 -1.89 -12.46 8.55
C GLN G 104 -1.61 -13.00 9.95
N GLY G 105 -1.04 -14.19 10.03
CA GLY G 105 -0.82 -14.84 11.31
C GLY G 105 0.57 -14.71 11.85
N GLY G 106 1.56 -14.61 10.98
CA GLY G 106 2.94 -14.47 11.42
C GLY G 106 3.57 -15.81 11.75
N VAL G 107 4.65 -15.73 12.52
CA VAL G 107 5.40 -16.90 12.96
C VAL G 107 5.54 -16.82 14.48
N LEU G 108 5.98 -17.92 15.07
CA LEU G 108 6.35 -17.90 16.47
C LEU G 108 7.74 -17.32 16.63
N PRO G 109 7.94 -16.36 17.53
CA PRO G 109 9.29 -15.87 17.84
C PRO G 109 10.17 -16.94 18.44
N ARG H 30 -27.16 -12.99 2.84
CA ARG H 30 -27.51 -14.41 2.73
C ARG H 30 -26.32 -15.24 2.28
N LYS H 31 -25.22 -15.14 3.01
CA LYS H 31 -24.05 -15.95 2.70
C LYS H 31 -24.08 -17.30 3.41
N GLU H 32 -24.78 -17.40 4.54
CA GLU H 32 -24.90 -18.67 5.31
C GLU H 32 -23.54 -19.15 5.83
N SER H 33 -23.13 -18.70 7.03
CA SER H 33 -21.88 -19.10 7.63
C SER H 33 -22.14 -19.54 9.08
N TYR H 34 -21.07 -19.84 9.79
CA TYR H 34 -21.16 -20.24 11.19
C TYR H 34 -20.87 -19.11 12.15
N ALA H 35 -20.95 -17.86 11.69
CA ALA H 35 -20.49 -16.73 12.50
C ALA H 35 -21.25 -16.61 13.82
N ILE H 36 -22.57 -16.73 13.79
CA ILE H 36 -23.34 -16.50 15.02
C ILE H 36 -23.15 -17.63 16.03
N TYR H 37 -22.84 -18.83 15.58
CA TYR H 37 -22.60 -19.93 16.50
C TYR H 37 -21.20 -19.86 17.12
N VAL H 38 -20.20 -19.48 16.33
CA VAL H 38 -18.88 -19.19 16.87
C VAL H 38 -18.98 -18.09 17.92
N TYR H 39 -19.81 -17.09 17.67
CA TYR H 39 -19.97 -16.01 18.64
C TYR H 39 -20.65 -16.49 19.92
N LYS H 40 -21.67 -17.35 19.80
CA LYS H 40 -22.27 -17.92 21.00
C LYS H 40 -21.28 -18.74 21.82
N VAL H 41 -20.36 -19.44 21.17
CA VAL H 41 -19.39 -20.22 21.92
C VAL H 41 -18.35 -19.32 22.59
N LEU H 42 -17.92 -18.28 21.89
CA LEU H 42 -17.02 -17.30 22.47
C LEU H 42 -17.60 -16.71 23.75
N LYS H 43 -18.88 -16.33 23.71
CA LYS H 43 -19.48 -15.76 24.91
C LYS H 43 -19.60 -16.75 26.06
N GLN H 44 -19.30 -18.02 25.86
CA GLN H 44 -19.24 -18.97 26.94
C GLN H 44 -17.83 -19.13 27.49
N VAL H 45 -16.82 -19.07 26.65
CA VAL H 45 -15.46 -19.21 27.17
C VAL H 45 -14.89 -17.88 27.66
N HIS H 46 -15.07 -16.80 26.89
CA HIS H 46 -14.57 -15.47 27.28
C HIS H 46 -15.71 -14.47 27.11
N PRO H 47 -16.51 -14.24 28.14
CA PRO H 47 -17.68 -13.37 27.99
C PRO H 47 -17.34 -11.94 27.64
N ASP H 48 -16.18 -11.44 28.04
CA ASP H 48 -15.81 -10.04 27.83
C ASP H 48 -14.74 -9.88 26.76
N THR H 49 -14.84 -10.64 25.68
CA THR H 49 -13.88 -10.59 24.60
C THR H 49 -14.62 -10.55 23.27
N GLY H 50 -14.14 -9.73 22.34
CA GLY H 50 -14.67 -9.69 21.00
C GLY H 50 -13.80 -10.46 20.03
N ILE H 51 -14.12 -10.32 18.76
CA ILE H 51 -13.37 -10.97 17.70
C ILE H 51 -13.51 -10.13 16.44
N SER H 52 -12.42 -9.99 15.70
CA SER H 52 -12.45 -9.18 14.50
C SER H 52 -13.09 -9.95 13.35
N CYS H 53 -13.23 -9.29 12.20
CA CYS H 53 -13.89 -9.92 11.07
C CYS H 53 -12.98 -10.88 10.33
N LYS H 54 -11.69 -10.56 10.20
CA LYS H 54 -10.76 -11.49 9.59
C LYS H 54 -10.60 -12.75 10.43
N ALA H 55 -10.58 -12.60 11.76
CA ALA H 55 -10.51 -13.77 12.62
C ALA H 55 -11.77 -14.62 12.52
N MET H 56 -12.92 -13.99 12.39
CA MET H 56 -14.16 -14.74 12.22
C MET H 56 -14.16 -15.50 10.90
N SER H 57 -13.63 -14.91 9.82
CA SER H 57 -13.53 -15.68 8.59
C SER H 57 -12.55 -16.84 8.70
N ILE H 58 -11.48 -16.69 9.49
CA ILE H 58 -10.58 -17.80 9.71
C ILE H 58 -11.28 -18.92 10.47
N MET H 59 -12.05 -18.57 11.50
CA MET H 59 -12.77 -19.61 12.24
C MET H 59 -13.80 -20.31 11.38
N ASN H 60 -14.42 -19.58 10.44
CA ASN H 60 -15.35 -20.19 9.51
C ASN H 60 -14.66 -21.19 8.58
N SER H 61 -13.51 -20.80 8.03
CA SER H 61 -12.72 -21.73 7.23
C SER H 61 -12.32 -22.96 8.03
N PHE H 62 -12.02 -22.78 9.30
CA PHE H 62 -11.62 -23.92 10.13
C PHE H 62 -12.76 -24.90 10.34
N VAL H 63 -13.95 -24.39 10.68
CA VAL H 63 -15.05 -25.32 10.92
C VAL H 63 -15.45 -26.04 9.63
N ASN H 64 -15.40 -25.34 8.49
CA ASN H 64 -15.66 -26.03 7.22
C ASN H 64 -14.61 -27.09 6.92
N ASP H 65 -13.34 -26.81 7.22
CA ASP H 65 -12.27 -27.75 6.93
C ASP H 65 -12.43 -29.03 7.72
N VAL H 66 -12.69 -28.92 9.03
CA VAL H 66 -12.83 -30.13 9.82
C VAL H 66 -14.13 -30.87 9.53
N PHE H 67 -15.19 -30.16 9.15
CA PHE H 67 -16.40 -30.84 8.67
C PHE H 67 -16.07 -31.72 7.47
N GLU H 68 -15.38 -31.17 6.48
CA GLU H 68 -15.09 -31.94 5.28
C GLU H 68 -14.19 -33.13 5.58
N ARG H 69 -13.17 -32.95 6.41
CA ARG H 69 -12.31 -34.08 6.75
C ARG H 69 -13.08 -35.20 7.41
N ILE H 70 -13.90 -34.89 8.42
CA ILE H 70 -14.59 -35.94 9.15
C ILE H 70 -15.62 -36.63 8.26
N ALA H 71 -16.39 -35.85 7.50
CA ALA H 71 -17.42 -36.45 6.66
C ALA H 71 -16.82 -37.30 5.55
N GLY H 72 -15.68 -36.89 4.99
CA GLY H 72 -15.01 -37.72 4.00
C GLY H 72 -14.49 -39.01 4.57
N GLU H 73 -13.88 -38.96 5.76
CA GLU H 73 -13.38 -40.18 6.35
C GLU H 73 -14.51 -41.14 6.73
N ALA H 74 -15.63 -40.63 7.22
CA ALA H 74 -16.76 -41.49 7.51
C ALA H 74 -17.39 -42.07 6.25
N SER H 75 -17.37 -41.31 5.16
CA SER H 75 -17.81 -41.83 3.87
C SER H 75 -16.97 -43.03 3.44
N ARG H 76 -15.65 -42.91 3.53
CA ARG H 76 -14.79 -44.04 3.18
C ARG H 76 -14.98 -45.22 4.11
N LEU H 77 -15.20 -44.98 5.40
CA LEU H 77 -15.50 -46.09 6.31
C LEU H 77 -16.77 -46.83 5.93
N ALA H 78 -17.80 -46.11 5.47
CA ALA H 78 -19.00 -46.79 5.03
C ALA H 78 -18.79 -47.56 3.75
N HIS H 79 -17.97 -47.05 2.83
CA HIS H 79 -17.72 -47.79 1.60
C HIS H 79 -16.90 -49.05 1.87
N TYR H 80 -15.91 -48.98 2.76
CA TYR H 80 -15.08 -50.15 3.02
C TYR H 80 -15.89 -51.31 3.60
N ASN H 81 -16.96 -51.01 4.34
CA ASN H 81 -17.71 -52.02 5.05
C ASN H 81 -19.00 -52.40 4.35
N LYS H 82 -19.20 -51.95 3.11
CA LYS H 82 -20.37 -52.31 2.30
C LYS H 82 -21.66 -51.82 2.94
N ARG H 83 -21.62 -50.64 3.53
CA ARG H 83 -22.78 -50.04 4.19
C ARG H 83 -23.31 -48.88 3.37
N SER H 84 -24.56 -48.55 3.60
CA SER H 84 -25.20 -47.45 2.90
C SER H 84 -25.44 -46.23 3.78
N THR H 85 -25.33 -46.37 5.09
CA THR H 85 -25.69 -45.34 6.03
C THR H 85 -24.45 -44.84 6.75
N ILE H 86 -24.39 -43.53 6.96
CA ILE H 86 -23.43 -42.92 7.86
C ILE H 86 -24.11 -42.74 9.20
N THR H 87 -23.63 -43.44 10.21
CA THR H 87 -24.21 -43.43 11.55
C THR H 87 -23.27 -42.74 12.52
N SER H 88 -23.67 -42.69 13.79
CA SER H 88 -22.81 -42.14 14.83
C SER H 88 -21.53 -42.94 15.00
N ARG H 89 -21.59 -44.24 14.73
CA ARG H 89 -20.41 -45.09 14.84
C ARG H 89 -19.35 -44.70 13.83
N GLU H 90 -19.76 -44.39 12.60
CA GLU H 90 -18.82 -43.90 11.61
C GLU H 90 -18.19 -42.58 12.04
N ILE H 91 -18.98 -41.67 12.59
CA ILE H 91 -18.43 -40.39 13.03
C ILE H 91 -17.44 -40.59 14.18
N GLN H 92 -17.74 -41.50 15.10
CA GLN H 92 -16.81 -41.78 16.18
C GLN H 92 -15.50 -42.35 15.66
N THR H 93 -15.54 -43.29 14.73
CA THR H 93 -14.30 -43.84 14.20
C THR H 93 -13.52 -42.82 13.38
N ALA H 94 -14.21 -41.96 12.63
CA ALA H 94 -13.50 -40.93 11.88
C ALA H 94 -12.83 -39.93 12.81
N VAL H 95 -13.46 -39.64 13.95
CA VAL H 95 -12.84 -38.76 14.92
C VAL H 95 -11.62 -39.41 15.53
N ARG H 96 -11.68 -40.71 15.80
CA ARG H 96 -10.50 -41.39 16.32
C ARG H 96 -9.37 -41.48 15.30
N LEU H 97 -9.69 -41.51 14.02
CA LEU H 97 -8.63 -41.54 13.02
C LEU H 97 -8.04 -40.15 12.74
N LEU H 98 -8.82 -39.09 12.87
CA LEU H 98 -8.36 -37.77 12.45
C LEU H 98 -7.79 -36.93 13.58
N LEU H 99 -8.32 -37.03 14.78
CA LEU H 99 -7.76 -36.13 15.79
C LEU H 99 -6.60 -36.80 16.52
N PRO H 100 -5.59 -36.04 16.92
CA PRO H 100 -4.45 -36.63 17.65
C PRO H 100 -4.72 -36.73 19.14
N GLY H 101 -4.38 -37.88 19.70
CA GLY H 101 -4.26 -38.06 21.14
C GLY H 101 -5.41 -37.66 22.03
N GLU H 102 -5.21 -36.59 22.80
CA GLU H 102 -6.13 -36.20 23.85
C GLU H 102 -7.38 -35.50 23.30
N LEU H 103 -7.21 -34.75 22.21
CA LEU H 103 -8.34 -34.13 21.54
C LEU H 103 -9.39 -35.16 21.17
N ALA H 104 -8.96 -36.32 20.68
CA ALA H 104 -9.90 -37.35 20.26
C ALA H 104 -10.67 -37.93 21.44
N LYS H 105 -10.00 -38.14 22.57
CA LYS H 105 -10.69 -38.62 23.76
C LYS H 105 -11.79 -37.66 24.18
N HIS H 106 -11.48 -36.37 24.25
CA HIS H 106 -12.51 -35.44 24.71
C HIS H 106 -13.60 -35.17 23.67
N ALA H 107 -13.26 -35.20 22.38
CA ALA H 107 -14.29 -35.05 21.36
C ALA H 107 -15.22 -36.25 21.32
N VAL H 108 -14.70 -37.45 21.57
CA VAL H 108 -15.56 -38.62 21.63
C VAL H 108 -16.51 -38.52 22.81
N SER H 109 -16.01 -38.09 23.97
CA SER H 109 -16.93 -37.97 25.09
C SER H 109 -17.97 -36.88 24.89
N GLU H 110 -17.60 -35.77 24.24
CA GLU H 110 -18.59 -34.73 23.94
C GLU H 110 -19.68 -35.25 23.01
N GLY H 111 -19.30 -35.92 21.93
CA GLY H 111 -20.29 -36.48 21.02
C GLY H 111 -21.19 -37.52 21.63
N THR H 112 -20.61 -38.42 22.42
CA THR H 112 -21.41 -39.44 23.09
C THR H 112 -22.41 -38.83 24.04
N LYS H 113 -21.97 -37.86 24.85
CA LYS H 113 -22.87 -37.18 25.77
C LYS H 113 -24.01 -36.51 25.02
N ALA H 114 -23.73 -35.86 23.89
CA ALA H 114 -24.78 -35.20 23.15
C ALA H 114 -25.79 -36.18 22.55
N VAL H 115 -25.34 -37.31 22.02
CA VAL H 115 -26.30 -38.26 21.45
C VAL H 115 -27.14 -38.88 22.55
N THR H 116 -26.55 -39.19 23.71
CA THR H 116 -27.33 -39.69 24.82
C THR H 116 -28.38 -38.70 25.27
N LYS H 117 -28.02 -37.42 25.34
CA LYS H 117 -29.01 -36.42 25.77
C LYS H 117 -30.09 -36.23 24.74
N TYR H 118 -29.74 -36.27 23.46
CA TYR H 118 -30.73 -36.10 22.41
C TYR H 118 -31.73 -37.25 22.38
N THR H 119 -31.27 -38.47 22.64
CA THR H 119 -32.16 -39.62 22.59
C THR H 119 -33.13 -39.64 23.76
N SER H 120 -32.63 -39.57 24.98
CA SER H 120 -33.48 -39.53 26.16
C SER H 120 -34.16 -38.18 26.30
N ALA H 121 -34.90 -37.77 25.28
CA ALA H 121 -35.57 -36.48 25.26
C ALA H 121 -36.69 -36.46 24.23
N LYS K 7 -19.67 -12.08 33.07
CA LYS K 7 -18.24 -11.83 33.22
C LYS K 7 -17.53 -13.04 33.82
N ILE K 8 -18.28 -14.09 34.09
CA ILE K 8 -17.76 -15.34 34.62
C ILE K 8 -17.94 -16.43 33.56
N PRO K 9 -16.87 -17.09 33.13
CA PRO K 9 -17.01 -18.10 32.07
C PRO K 9 -17.79 -19.31 32.56
N THR K 10 -18.66 -19.82 31.68
CA THR K 10 -19.48 -20.98 31.97
C THR K 10 -19.04 -22.21 31.17
N ARG K 11 -17.78 -22.24 30.74
CA ARG K 11 -17.29 -23.38 29.98
C ARG K 11 -15.77 -23.40 30.04
N PHE K 12 -15.21 -24.53 30.44
CA PHE K 12 -13.77 -24.69 30.56
C PHE K 12 -13.34 -25.96 29.83
N SER K 13 -12.04 -26.06 29.59
CA SER K 13 -11.47 -27.24 28.96
C SER K 13 -10.87 -28.14 30.03
N ASN K 14 -11.29 -29.40 30.03
CA ASN K 14 -10.70 -30.39 30.92
C ASN K 14 -9.41 -30.97 30.37
N ARG K 15 -8.94 -30.47 29.23
CA ARG K 15 -7.69 -30.98 28.68
C ARG K 15 -6.52 -30.45 29.50
N GLN K 16 -5.59 -31.34 29.82
CA GLN K 16 -4.50 -31.02 30.73
C GLN K 16 -3.24 -30.63 29.95
N ASN K 17 -3.31 -29.47 29.33
CA ASN K 17 -2.17 -28.89 28.64
C ASN K 17 -1.56 -27.78 29.48
N LYS K 18 -0.24 -27.65 29.40
CA LYS K 18 0.48 -26.70 30.20
C LYS K 18 0.17 -25.27 29.79
N THR K 19 0.15 -24.37 30.77
CA THR K 19 -0.12 -22.98 30.49
C THR K 19 1.04 -22.32 29.75
N VAL K 20 0.71 -21.35 28.91
CA VAL K 20 1.65 -20.70 28.02
C VAL K 20 1.60 -19.20 28.28
N ASN K 21 2.75 -18.55 28.19
CA ASN K 21 2.84 -17.10 28.22
C ASN K 21 2.85 -16.60 26.77
N TYR K 22 1.81 -15.88 26.39
CA TYR K 22 1.61 -15.47 25.01
C TYR K 22 2.12 -14.06 24.71
N ASN K 23 2.81 -13.44 25.66
CA ASN K 23 3.26 -12.07 25.48
C ASN K 23 4.42 -12.04 24.49
N ILE K 24 4.26 -11.27 23.42
CA ILE K 24 5.28 -11.18 22.37
C ILE K 24 6.00 -9.84 22.38
N ASP K 25 5.78 -9.02 23.39
CA ASP K 25 6.50 -7.77 23.51
C ASP K 25 7.91 -8.02 24.04
N TYR K 26 8.90 -7.48 23.34
CA TYR K 26 10.30 -7.66 23.67
C TYR K 26 10.96 -6.30 23.88
N SER K 27 12.19 -6.33 24.38
CA SER K 27 12.99 -5.14 24.55
C SER K 27 14.42 -5.43 24.10
N ASP K 28 15.04 -4.44 23.45
CA ASP K 28 16.41 -4.57 22.96
C ASP K 28 17.43 -4.00 23.92
N ASP K 29 17.06 -3.76 25.18
CA ASP K 29 17.99 -3.17 26.13
C ASP K 29 19.16 -4.10 26.44
N ASP K 30 18.94 -5.41 26.37
CA ASP K 30 20.04 -6.35 26.61
C ASP K 30 21.12 -6.27 25.55
N LEU K 31 20.88 -5.54 24.45
CA LEU K 31 21.84 -5.38 23.37
C LEU K 31 22.48 -4.00 23.37
N LEU K 32 22.55 -3.35 24.52
CA LEU K 32 23.10 -2.00 24.64
C LEU K 32 24.41 -2.04 25.41
N GLU K 33 25.33 -1.16 25.01
CA GLU K 33 26.58 -0.95 25.74
C GLU K 33 27.24 0.35 25.28
N ASP K 60 22.84 19.83 17.30
CA ASP K 60 23.28 18.50 17.72
C ASP K 60 24.54 18.09 16.98
N PHE K 61 25.00 18.95 16.07
CA PHE K 61 26.21 18.71 15.29
C PHE K 61 26.59 20.01 14.61
N HIS K 62 27.68 19.98 13.86
CA HIS K 62 28.13 21.13 13.09
C HIS K 62 29.00 20.66 11.93
N GLY K 63 28.36 20.14 10.87
CA GLY K 63 29.07 19.65 9.71
C GLY K 63 28.51 20.24 8.44
N ILE K 64 29.19 19.91 7.33
CA ILE K 64 28.76 20.37 6.02
C ILE K 64 27.32 19.92 5.77
N ASP K 65 26.48 20.83 5.30
CA ASP K 65 25.12 20.52 4.93
C ASP K 65 24.92 20.64 3.42
N ILE K 66 25.29 21.78 2.84
CA ILE K 66 25.17 21.99 1.40
C ILE K 66 26.45 22.66 0.93
N VAL K 67 26.80 22.43 -0.34
CA VAL K 67 27.91 23.11 -0.99
C VAL K 67 27.32 24.00 -2.07
N ILE K 68 27.33 25.31 -1.83
CA ILE K 68 26.68 26.26 -2.74
C ILE K 68 27.55 26.47 -3.97
N ASN K 69 28.67 27.16 -3.80
CA ASN K 69 29.53 27.48 -4.92
C ASN K 69 30.99 27.47 -4.49
N HIS K 70 31.87 27.40 -5.47
CA HIS K 70 33.31 27.39 -5.25
C HIS K 70 33.92 28.68 -5.77
N ARG K 71 35.26 28.76 -5.71
CA ARG K 71 35.96 29.97 -6.21
C ARG K 71 37.22 29.50 -6.95
N LEU K 72 37.64 30.21 -7.99
CA LEU K 72 38.78 29.74 -8.83
C LEU K 72 40.07 29.62 -8.00
N LYS K 73 40.31 30.55 -7.08
CA LYS K 73 41.58 30.52 -6.31
C LYS K 73 41.31 30.18 -4.84
N THR K 74 42.01 29.17 -4.30
CA THR K 74 41.87 28.83 -2.85
C THR K 74 42.36 30.03 -2.04
N SER K 75 43.46 30.67 -2.48
CA SER K 75 43.97 31.89 -1.79
C SER K 75 44.29 32.93 -2.86
N LEU K 76 45.45 32.81 -3.51
CA LEU K 76 45.79 33.72 -4.60
C LEU K 76 46.15 32.91 -5.83
N GLU K 77 45.88 33.47 -7.01
CA GLU K 77 46.15 32.81 -8.28
C GLU K 77 47.55 33.20 -8.72
N GLU K 78 48.50 32.29 -8.52
CA GLU K 78 49.88 32.52 -8.93
C GLU K 78 50.07 32.45 -10.44
N GLY K 79 49.07 31.96 -11.17
CA GLY K 79 49.16 31.90 -12.62
C GLY K 79 47.93 31.32 -13.25
N LYS K 80 47.35 32.05 -14.20
CA LYS K 80 46.18 31.57 -14.94
C LYS K 80 46.56 30.60 -16.06
N VAL K 81 47.84 30.27 -16.20
CA VAL K 81 48.28 29.36 -17.25
C VAL K 81 47.85 27.93 -16.91
N LEU K 82 48.06 27.01 -17.85
CA LEU K 82 47.67 25.61 -17.71
C LEU K 82 46.17 25.49 -17.45
N GLU K 83 45.39 26.23 -18.25
CA GLU K 83 43.94 26.12 -18.21
C GLU K 83 43.43 24.86 -18.90
N LYS K 84 44.29 24.16 -19.64
CA LYS K 84 43.89 22.94 -20.31
C LYS K 84 43.71 21.81 -19.30
N THR K 85 43.19 20.69 -19.80
CA THR K 85 42.93 19.48 -19.02
C THR K 85 41.89 19.74 -17.93
N VAL K 86 41.45 18.67 -17.27
CA VAL K 86 40.46 18.78 -16.19
C VAL K 86 41.12 18.40 -14.88
N PRO K 87 40.87 19.14 -13.79
CA PRO K 87 41.59 18.89 -12.54
C PRO K 87 41.18 17.57 -11.92
N ASP K 88 42.12 16.98 -11.19
CA ASP K 88 41.82 15.79 -10.41
C ASP K 88 41.18 16.18 -9.08
N LEU K 89 40.63 15.20 -8.38
CA LEU K 89 40.04 15.47 -7.07
C LEU K 89 41.06 16.09 -6.13
N ASN K 90 42.27 15.52 -6.08
CA ASN K 90 43.33 16.12 -5.29
C ASN K 90 43.67 17.52 -5.77
N ASN K 91 43.66 17.73 -7.08
CA ASN K 91 43.94 19.06 -7.62
C ASN K 91 42.87 20.06 -7.22
N CYS K 92 41.59 19.64 -7.28
CA CYS K 92 40.52 20.50 -6.81
C CYS K 92 40.69 20.82 -5.33
N LYS K 93 41.18 19.86 -4.55
CA LYS K 93 41.36 20.07 -3.12
C LYS K 93 42.39 21.16 -2.84
N GLU K 94 43.45 21.24 -3.65
CA GLU K 94 44.54 22.18 -3.43
C GLU K 94 44.44 23.41 -4.31
N ASN K 95 43.30 23.65 -4.95
CA ASN K 95 43.20 24.75 -5.89
C ASN K 95 41.91 25.57 -5.78
N TYR K 96 40.98 25.20 -4.91
CA TYR K 96 39.71 25.89 -4.84
C TYR K 96 39.30 26.10 -3.38
N GLU K 97 38.37 27.03 -3.18
CA GLU K 97 37.71 27.21 -1.90
C GLU K 97 36.21 27.29 -2.14
N PHE K 98 35.43 26.71 -1.23
CA PHE K 98 34.02 26.52 -1.45
C PHE K 98 33.19 27.29 -0.42
N LEU K 99 32.00 27.72 -0.86
CA LEU K 99 31.03 28.34 0.03
C LEU K 99 30.18 27.24 0.67
N ILE K 100 30.24 27.12 1.99
CA ILE K 100 29.70 25.97 2.69
C ILE K 100 28.52 26.39 3.54
N LYS K 101 27.38 25.74 3.33
CA LYS K 101 26.23 25.87 4.23
C LYS K 101 26.45 24.93 5.40
N TRP K 102 26.38 25.46 6.61
CA TRP K 102 26.66 24.66 7.80
C TRP K 102 25.37 24.24 8.47
N THR K 103 25.38 23.03 9.00
CA THR K 103 24.24 22.55 9.76
C THR K 103 24.06 23.38 11.01
N ASP K 104 22.81 23.54 11.43
CA ASP K 104 22.41 24.34 12.59
C ASP K 104 22.71 25.83 12.40
N GLU K 105 22.88 26.28 11.16
CA GLU K 105 23.07 27.69 10.84
C GLU K 105 21.82 28.20 10.10
N SER K 106 22.01 29.12 9.16
CA SER K 106 20.88 29.71 8.48
C SER K 106 21.27 30.51 7.24
N HIS K 107 22.15 29.96 6.41
CA HIS K 107 22.57 30.57 5.16
C HIS K 107 23.24 31.93 5.33
N LEU K 108 22.77 32.74 6.27
CA LEU K 108 23.48 33.97 6.61
C LEU K 108 24.84 33.69 7.20
N HIS K 109 25.08 32.47 7.68
CA HIS K 109 26.35 32.07 8.24
C HIS K 109 27.21 31.30 7.26
N ASN K 110 26.88 31.33 5.98
CA ASN K 110 27.70 30.66 4.97
C ASN K 110 29.07 31.30 4.93
N THR K 111 30.10 30.47 5.04
CA THR K 111 31.48 30.91 5.01
C THR K 111 32.21 30.24 3.87
N TRP K 112 33.30 30.87 3.44
CA TRP K 112 34.17 30.32 2.42
C TRP K 112 35.29 29.54 3.11
N GLU K 113 35.28 28.22 2.95
CA GLU K 113 36.26 27.34 3.53
C GLU K 113 37.09 26.71 2.42
N THR K 114 38.07 25.92 2.81
CA THR K 114 38.86 25.10 1.88
C THR K 114 38.91 23.68 2.44
N TYR K 115 39.26 22.73 1.58
CA TYR K 115 39.49 21.36 2.06
C TYR K 115 40.43 21.37 3.26
N GLU K 116 41.44 22.24 3.23
CA GLU K 116 42.37 22.34 4.35
C GLU K 116 41.77 23.13 5.50
N SER K 117 40.98 24.16 5.21
CA SER K 117 40.45 25.04 6.25
C SER K 117 39.58 24.27 7.24
N ILE K 118 38.49 23.65 6.76
CA ILE K 118 37.66 22.85 7.63
C ILE K 118 38.38 21.55 8.00
N GLY K 119 39.05 20.93 7.04
CA GLY K 119 39.77 19.71 7.31
C GLY K 119 38.90 18.48 7.35
N GLN K 120 38.58 18.02 8.57
CA GLN K 120 37.78 16.82 8.76
C GLN K 120 36.54 17.15 9.56
N VAL K 121 35.38 16.72 9.04
CA VAL K 121 34.09 16.96 9.68
C VAL K 121 33.05 16.12 8.97
N ARG K 122 31.82 16.08 9.50
CA ARG K 122 30.75 15.35 8.87
C ARG K 122 30.43 15.94 7.49
N GLY K 123 29.81 15.12 6.65
CA GLY K 123 29.36 15.60 5.35
C GLY K 123 30.45 15.86 4.35
N LEU K 124 31.67 15.40 4.60
CA LEU K 124 32.76 15.61 3.66
C LEU K 124 32.49 14.93 2.32
N LYS K 125 31.75 13.83 2.33
CA LYS K 125 31.41 13.15 1.08
C LYS K 125 30.54 14.03 0.19
N ARG K 126 29.71 14.90 0.78
CA ARG K 126 28.95 15.85 -0.01
C ARG K 126 29.86 16.81 -0.75
N LEU K 127 30.93 17.26 -0.10
CA LEU K 127 31.92 18.11 -0.75
C LEU K 127 32.59 17.38 -1.92
N ASP K 128 32.95 16.12 -1.72
CA ASP K 128 33.55 15.37 -2.82
C ASP K 128 32.58 15.24 -4.00
N ASN K 129 31.30 14.94 -3.69
CA ASN K 129 30.31 14.80 -4.76
C ASN K 129 30.11 16.12 -5.50
N TYR K 130 30.26 17.24 -4.81
CA TYR K 130 30.23 18.53 -5.51
C TYR K 130 31.40 18.65 -6.48
N CYS K 131 32.61 18.38 -5.99
CA CYS K 131 33.78 18.48 -6.85
C CYS K 131 33.67 17.57 -8.07
N LYS K 132 32.99 16.43 -7.93
CA LYS K 132 32.95 15.46 -9.02
C LYS K 132 32.15 15.96 -10.22
N GLN K 133 31.05 16.67 -9.99
CA GLN K 133 30.18 17.08 -11.08
C GLN K 133 30.30 18.54 -11.45
N PHE K 134 30.47 19.44 -10.48
CA PHE K 134 30.46 20.86 -10.81
C PHE K 134 31.83 21.39 -11.24
N ILE K 135 32.89 20.61 -11.05
CA ILE K 135 34.23 21.07 -11.39
C ILE K 135 34.87 20.14 -12.41
N ILE K 136 34.92 18.84 -12.09
CA ILE K 136 35.59 17.88 -12.96
C ILE K 136 34.77 17.63 -14.22
N GLU K 137 33.58 17.07 -14.05
CA GLU K 137 32.73 16.70 -15.19
C GLU K 137 32.32 17.92 -15.99
N ASP K 138 32.00 19.02 -15.31
CA ASP K 138 31.55 20.23 -15.99
C ASP K 138 32.64 20.78 -16.91
N GLN K 139 33.88 20.83 -16.43
CA GLN K 139 34.97 21.27 -17.27
C GLN K 139 35.26 20.27 -18.39
N GLN K 140 35.09 18.98 -18.10
CA GLN K 140 35.27 17.96 -19.13
C GLN K 140 34.41 18.26 -20.36
N VAL K 141 33.12 18.50 -20.14
CA VAL K 141 32.25 18.73 -21.30
C VAL K 141 32.65 20.02 -22.02
N ARG K 142 33.09 21.03 -21.28
CA ARG K 142 33.49 22.30 -21.90
C ARG K 142 34.79 22.18 -22.68
N LEU K 143 35.59 21.14 -22.44
CA LEU K 143 36.79 20.93 -23.25
C LEU K 143 36.51 20.17 -24.54
N ASP K 144 35.44 19.40 -24.60
CA ASP K 144 35.14 18.61 -25.79
C ASP K 144 34.60 19.51 -26.89
N PRO K 145 35.23 19.54 -28.07
CA PRO K 145 34.74 20.41 -29.15
C PRO K 145 33.47 19.91 -29.82
N TYR K 146 32.99 18.72 -29.48
CA TYR K 146 31.74 18.21 -30.04
C TYR K 146 30.51 18.93 -29.48
N VAL K 147 30.68 19.69 -28.40
CA VAL K 147 29.57 20.43 -27.81
C VAL K 147 29.39 21.75 -28.54
N THR K 148 28.18 22.01 -29.02
CA THR K 148 27.90 23.25 -29.71
C THR K 148 27.91 24.43 -28.73
N ALA K 149 27.98 25.64 -29.29
CA ALA K 149 27.98 26.83 -28.44
C ALA K 149 26.65 27.01 -27.73
N GLU K 150 25.55 26.59 -28.37
CA GLU K 150 24.22 26.71 -27.78
C GLU K 150 24.06 25.80 -26.56
N ASP K 151 24.86 24.74 -26.47
CA ASP K 151 24.82 23.90 -25.26
C ASP K 151 25.70 24.47 -24.16
N ILE K 152 26.83 25.08 -24.54
CA ILE K 152 27.69 25.73 -23.56
C ILE K 152 26.95 26.87 -22.87
N GLU K 153 26.25 27.70 -23.65
CA GLU K 153 25.49 28.78 -23.05
C GLU K 153 24.36 28.24 -22.17
N ILE K 154 23.80 27.08 -22.50
CA ILE K 154 22.77 26.49 -21.66
C ILE K 154 23.35 26.11 -20.30
N MET K 155 24.54 25.51 -20.30
CA MET K 155 25.17 25.17 -19.03
C MET K 155 25.50 26.43 -18.23
N ASP K 156 25.93 27.49 -18.91
CA ASP K 156 26.19 28.75 -18.22
C ASP K 156 24.90 29.33 -17.61
N MET K 157 23.81 29.31 -18.38
CA MET K 157 22.51 29.75 -17.88
C MET K 157 22.06 28.90 -16.70
N GLU K 158 22.34 27.59 -16.73
CA GLU K 158 21.92 26.71 -15.66
C GLU K 158 22.67 27.00 -14.38
N ARG K 159 23.99 27.17 -14.46
CA ARG K 159 24.76 27.58 -13.30
C ARG K 159 24.23 28.88 -12.71
N GLU K 160 23.88 29.84 -13.60
CA GLU K 160 23.30 31.08 -13.12
C GLU K 160 22.01 30.83 -12.36
N ARG K 161 21.14 29.95 -12.87
CA ARG K 161 19.90 29.63 -12.16
C ARG K 161 20.17 29.07 -10.78
N ARG K 162 21.13 28.14 -10.68
CA ARG K 162 21.42 27.52 -9.39
C ARG K 162 21.85 28.57 -8.35
N LEU K 163 22.78 29.44 -8.73
CA LEU K 163 23.22 30.43 -7.74
C LEU K 163 22.16 31.49 -7.46
N ASP K 164 21.37 31.86 -8.48
CA ASP K 164 20.27 32.79 -8.25
C ASP K 164 19.27 32.24 -7.25
N GLU K 165 19.01 30.94 -7.29
CA GLU K 165 18.14 30.35 -6.27
C GLU K 165 18.79 30.39 -4.90
N PHE K 166 20.08 30.04 -4.83
CA PHE K 166 20.74 30.07 -3.53
C PHE K 166 20.83 31.46 -2.92
N GLU K 167 20.60 32.52 -3.71
CA GLU K 167 20.57 33.85 -3.12
C GLU K 167 19.29 34.12 -2.32
N GLU K 168 18.16 33.53 -2.70
CA GLU K 168 16.89 33.82 -2.06
C GLU K 168 16.82 33.32 -0.62
N PHE K 169 17.76 32.48 -0.19
CA PHE K 169 17.70 31.92 1.15
C PHE K 169 18.20 32.89 2.22
N HIS K 170 18.91 33.94 1.82
CA HIS K 170 19.34 34.94 2.81
C HIS K 170 18.17 35.81 3.24
N VAL K 171 17.33 36.21 2.29
CA VAL K 171 16.22 37.12 2.54
C VAL K 171 15.26 36.50 3.54
N PRO K 172 15.03 37.13 4.68
CA PRO K 172 13.98 36.66 5.59
C PRO K 172 12.61 36.95 5.00
N GLU K 173 11.65 36.09 5.35
CA GLU K 173 10.29 36.23 4.85
C GLU K 173 9.29 36.59 5.93
N ARG K 174 9.46 36.07 7.13
CA ARG K 174 8.47 36.23 8.19
C ARG K 174 9.13 35.95 9.52
N ILE K 175 8.78 36.75 10.53
CA ILE K 175 9.28 36.58 11.88
C ILE K 175 8.19 35.94 12.71
N ILE K 176 8.51 34.83 13.36
CA ILE K 176 7.52 33.98 13.97
C ILE K 176 7.36 34.26 15.47
N ASP K 177 8.47 34.44 16.17
CA ASP K 177 8.44 34.65 17.62
C ASP K 177 9.73 35.35 18.01
N SER K 178 9.76 35.87 19.23
CA SER K 178 10.93 36.58 19.74
C SER K 178 11.14 36.21 21.20
N GLN K 179 12.34 35.74 21.52
CA GLN K 179 12.66 35.38 22.89
C GLN K 179 13.92 36.14 23.34
N ARG K 180 13.98 36.40 24.64
CA ARG K 180 15.13 37.10 25.23
C ARG K 180 16.05 36.05 25.85
N ALA K 181 16.79 35.38 24.98
CA ALA K 181 17.71 34.33 25.42
C ALA K 181 18.96 34.95 26.06
N SER K 182 19.58 34.18 26.93
CA SER K 182 20.79 34.60 27.64
C SER K 182 21.98 33.85 27.08
N LEU K 183 22.85 34.55 26.37
CA LEU K 183 24.04 33.94 25.81
C LEU K 183 25.03 33.61 26.93
N GLU K 184 26.11 32.93 26.55
CA GLU K 184 27.17 32.59 27.50
C GLU K 184 27.84 33.86 27.98
N ASP K 185 27.41 34.35 29.15
CA ASP K 185 27.86 35.63 29.69
C ASP K 185 27.60 36.78 28.72
N GLY K 186 26.53 36.67 27.95
CA GLY K 186 26.19 37.69 26.96
C GLY K 186 24.92 38.43 27.30
N THR K 187 24.66 38.62 28.59
CA THR K 187 23.50 39.36 29.09
C THR K 187 22.24 38.69 28.55
N SER K 188 21.39 39.39 27.78
CA SER K 188 20.16 38.80 27.26
C SER K 188 19.86 39.49 25.92
N GLN K 189 20.53 39.03 24.87
CA GLN K 189 20.27 39.54 23.54
C GLN K 189 18.93 39.00 23.02
N LEU K 190 18.33 39.74 22.11
CA LEU K 190 17.01 39.40 21.59
C LEU K 190 17.15 38.53 20.34
N GLN K 191 16.40 37.44 20.30
CA GLN K 191 16.46 36.51 19.18
C GLN K 191 15.09 36.42 18.51
N TYR K 192 15.12 36.48 17.19
CA TYR K 192 13.95 36.41 16.32
C TYR K 192 13.94 35.06 15.62
N LEU K 193 12.84 34.32 15.79
CA LEU K 193 12.63 33.08 15.04
C LEU K 193 12.20 33.44 13.63
N VAL K 194 13.16 33.37 12.70
CA VAL K 194 12.97 33.84 11.34
C VAL K 194 12.72 32.63 10.44
N LYS K 195 11.72 32.77 9.57
CA LYS K 195 11.48 31.86 8.47
C LYS K 195 12.00 32.49 7.19
N TRP K 196 12.62 31.68 6.33
CA TRP K 196 13.25 32.24 5.14
C TRP K 196 12.34 32.10 3.93
N ARG K 197 12.74 32.73 2.82
CA ARG K 197 11.84 32.94 1.70
C ARG K 197 11.39 31.63 1.06
N ARG K 198 12.35 30.81 0.62
CA ARG K 198 12.05 29.62 -0.16
C ARG K 198 12.26 28.36 0.66
N LEU K 199 11.88 28.40 1.93
CA LEU K 199 12.08 27.29 2.85
C LEU K 199 10.84 27.14 3.72
N ASN K 200 10.73 26.01 4.40
CA ASN K 200 9.59 25.73 5.23
C ASN K 200 9.89 26.06 6.69
N TYR K 201 9.05 25.55 7.60
CA TYR K 201 9.18 25.85 9.02
C TYR K 201 10.11 24.91 9.76
N ASP K 202 10.57 23.83 9.12
CA ASP K 202 11.64 23.05 9.70
C ASP K 202 13.01 23.67 9.45
N GLU K 203 13.07 24.75 8.68
CA GLU K 203 14.31 25.46 8.40
C GLU K 203 14.37 26.81 9.08
N ALA K 204 13.38 27.17 9.87
CA ALA K 204 13.36 28.46 10.55
C ALA K 204 14.33 28.45 11.72
N THR K 205 15.08 29.54 11.88
CA THR K 205 16.17 29.60 12.85
C THR K 205 16.06 30.86 13.69
N TRP K 206 16.70 30.85 14.85
CA TRP K 206 16.81 32.04 15.67
C TRP K 206 17.95 32.93 15.18
N GLU K 207 17.75 34.24 15.24
CA GLU K 207 18.74 35.18 14.76
C GLU K 207 18.82 36.38 15.70
N ASN K 208 20.01 36.98 15.77
CA ASN K 208 20.21 38.15 16.60
C ASN K 208 19.41 39.33 16.05
N ALA K 209 18.50 39.86 16.87
CA ALA K 209 17.55 40.86 16.40
C ALA K 209 18.24 42.09 15.83
N THR K 210 19.40 42.45 16.39
CA THR K 210 20.13 43.63 15.93
C THR K 210 20.52 43.51 14.46
N ASP K 211 20.79 42.30 13.99
CA ASP K 211 21.12 42.10 12.59
C ASP K 211 19.88 41.97 11.72
N ILE K 212 18.80 41.40 12.27
CA ILE K 212 17.57 41.28 11.52
C ILE K 212 17.03 42.65 11.14
N VAL K 213 17.00 43.58 12.09
CA VAL K 213 16.48 44.91 11.77
C VAL K 213 17.34 45.60 10.72
N LYS K 214 18.64 45.29 10.69
CA LYS K 214 19.49 45.83 9.63
C LYS K 214 19.17 45.20 8.29
N LEU K 215 18.75 43.93 8.28
CA LEU K 215 18.51 43.25 7.02
C LEU K 215 17.14 43.60 6.43
N ALA K 216 16.07 43.41 7.17
CA ALA K 216 14.72 43.68 6.69
C ALA K 216 13.88 44.25 7.83
N PRO K 217 13.79 45.58 7.93
CA PRO K 217 12.96 46.17 8.98
C PRO K 217 11.48 46.13 8.69
N GLU K 218 11.08 45.99 7.42
CA GLU K 218 9.66 45.92 7.09
C GLU K 218 9.01 44.70 7.73
N GLN K 219 9.70 43.56 7.70
CA GLN K 219 9.14 42.37 8.32
C GLN K 219 9.15 42.48 9.84
N VAL K 220 10.14 43.17 10.41
CA VAL K 220 10.12 43.47 11.83
C VAL K 220 8.88 44.30 12.16
N LYS K 221 8.56 45.26 11.30
CA LYS K 221 7.38 46.10 11.50
C LYS K 221 6.10 45.28 11.43
N HIS K 222 6.02 44.38 10.45
CA HIS K 222 4.86 43.50 10.35
C HIS K 222 4.72 42.62 11.56
N PHE K 223 5.83 42.12 12.10
CA PHE K 223 5.77 41.36 13.34
C PHE K 223 5.29 42.21 14.51
N GLN K 224 5.67 43.49 14.53
CA GLN K 224 5.18 44.37 15.59
C GLN K 224 3.68 44.53 15.51
N ASN K 225 3.16 44.85 14.32
CA ASN K 225 1.71 45.00 14.17
C ASN K 225 0.99 43.71 14.50
N ARG K 226 1.51 42.58 14.02
CA ARG K 226 0.89 41.28 14.26
C ARG K 226 0.93 40.91 15.74
N GLU K 227 1.91 41.41 16.48
CA GLU K 227 2.01 41.13 17.90
C GLU K 227 0.83 41.73 18.65
N ASN K 228 0.74 43.05 18.67
CA ASN K 228 -0.38 43.76 19.30
C ASN K 228 -1.30 44.25 18.18
N SER K 229 -2.23 43.38 17.79
CA SER K 229 -3.12 43.63 16.67
C SER K 229 -4.55 43.82 17.14
N LYS K 230 -5.33 44.56 16.34
CA LYS K 230 -6.75 44.74 16.58
C LYS K 230 -7.56 43.63 15.93
N ILE K 231 -7.15 43.19 14.75
CA ILE K 231 -7.82 42.13 13.99
C ILE K 231 -7.48 40.81 14.69
N LEU K 232 -8.39 40.32 15.52
CA LEU K 232 -8.18 39.08 16.24
C LEU K 232 -9.45 38.24 16.22
N PRO K 233 -9.32 36.93 16.08
CA PRO K 233 -10.52 36.08 15.98
C PRO K 233 -11.40 36.12 17.21
N GLN K 234 -10.85 36.40 18.38
CA GLN K 234 -11.64 36.43 19.60
C GLN K 234 -12.49 37.69 19.71
N TYR K 235 -12.17 38.73 18.94
CA TYR K 235 -12.86 40.01 19.06
C TYR K 235 -13.65 40.31 17.80
N SER K 236 -14.48 39.35 17.36
CA SER K 236 -15.30 39.50 16.18
C SER K 236 -16.76 39.59 16.59
N SER K 237 -17.53 40.37 15.84
CA SER K 237 -18.96 40.51 16.10
C SER K 237 -19.68 39.22 15.71
N ASN K 238 -20.42 38.64 16.65
CA ASN K 238 -21.14 37.39 16.41
C ASN K 238 -22.49 37.69 15.77
N TYR K 239 -22.48 37.81 14.44
CA TYR K 239 -23.72 37.97 13.70
C TYR K 239 -24.49 36.66 13.66
N THR K 240 -25.46 36.50 14.55
CA THR K 240 -26.21 35.25 14.68
C THR K 240 -27.69 35.52 14.45
N SER K 241 -28.28 34.81 13.47
CA SER K 241 -29.69 34.88 13.15
C SER K 241 -30.16 36.26 12.74
N GLN K 242 -29.23 37.18 12.46
CA GLN K 242 -29.56 38.53 12.05
C GLN K 242 -28.30 39.23 11.54
N ARG K 243 -28.26 39.54 10.25
CA ARG K 243 -27.06 40.13 9.69
C ARG K 243 -27.35 41.51 9.11
N PRO K 244 -26.38 42.42 9.18
CA PRO K 244 -26.63 43.80 8.72
C PRO K 244 -27.02 43.84 7.25
N ARG K 245 -27.87 44.80 6.91
CA ARG K 245 -28.32 44.96 5.55
C ARG K 245 -27.19 45.52 4.70
N PHE K 246 -26.64 44.69 3.82
CA PHE K 246 -25.55 45.15 2.97
C PHE K 246 -26.06 46.18 1.97
N GLU K 247 -25.23 47.17 1.69
CA GLU K 247 -25.53 48.20 0.71
C GLU K 247 -24.60 48.01 -0.48
N LYS K 248 -25.18 47.73 -1.65
CA LYS K 248 -24.39 47.70 -2.87
C LYS K 248 -23.63 49.01 -3.03
N LEU K 249 -22.34 48.91 -3.26
CA LEU K 249 -21.49 50.09 -3.30
C LEU K 249 -20.74 50.16 -4.62
N SER K 250 -20.14 51.33 -4.88
CA SER K 250 -19.40 51.56 -6.11
C SER K 250 -18.10 52.30 -5.82
N VAL K 251 -17.55 52.12 -4.63
CA VAL K 251 -16.29 52.76 -4.24
C VAL K 251 -15.32 51.67 -3.79
N GLN K 252 -14.12 51.69 -4.36
CA GLN K 252 -13.08 50.77 -3.93
C GLN K 252 -12.77 51.05 -2.46
N PRO K 253 -13.05 50.11 -1.56
CA PRO K 253 -12.95 50.38 -0.13
C PRO K 253 -11.54 50.80 0.23
N PRO K 254 -11.39 51.61 1.29
CA PRO K 254 -10.06 52.09 1.66
C PRO K 254 -9.13 51.01 2.19
N PHE K 255 -9.65 49.96 2.80
CA PHE K 255 -8.81 48.89 3.33
C PHE K 255 -8.34 47.92 2.25
N ILE K 256 -8.31 48.34 1.00
CA ILE K 256 -7.85 47.50 -0.11
C ILE K 256 -6.65 48.23 -0.71
N LYS K 257 -5.47 47.95 -0.18
CA LYS K 257 -4.25 48.69 -0.52
C LYS K 257 -3.56 48.17 -1.77
N GLY K 258 -4.12 47.17 -2.43
CA GLY K 258 -3.47 46.59 -3.59
C GLY K 258 -3.26 47.57 -4.72
N GLY K 259 -4.34 47.93 -5.40
CA GLY K 259 -4.25 48.83 -6.53
C GLY K 259 -5.61 49.19 -7.11
N GLU K 260 -5.69 49.25 -8.43
CA GLU K 260 -6.90 49.66 -9.12
C GLU K 260 -7.76 48.43 -9.36
N LEU K 261 -8.82 48.30 -8.56
CA LEU K 261 -9.74 47.17 -8.68
C LEU K 261 -10.66 47.40 -9.87
N ARG K 262 -10.64 46.47 -10.82
CA ARG K 262 -11.42 46.59 -12.04
C ARG K 262 -12.92 46.63 -11.74
N ASP K 263 -13.69 47.06 -12.74
CA ASP K 263 -15.14 47.17 -12.56
C ASP K 263 -15.80 45.80 -12.46
N PHE K 264 -15.43 44.88 -13.34
CA PHE K 264 -15.96 43.52 -13.24
C PHE K 264 -15.46 42.82 -11.99
N GLN K 265 -14.37 43.28 -11.39
CA GLN K 265 -13.91 42.73 -10.13
C GLN K 265 -14.67 43.33 -8.95
N LEU K 266 -15.02 44.61 -9.04
CA LEU K 266 -15.84 45.21 -8.00
C LEU K 266 -17.25 44.62 -7.99
N THR K 267 -17.78 44.26 -9.16
CA THR K 267 -19.11 43.66 -9.22
C THR K 267 -19.17 42.36 -8.40
N GLY K 268 -18.11 41.57 -8.44
CA GLY K 268 -18.12 40.29 -7.74
C GLY K 268 -18.20 40.45 -6.24
N ILE K 269 -17.55 41.49 -5.70
CA ILE K 269 -17.54 41.68 -4.26
C ILE K 269 -18.94 41.98 -3.74
N ASN K 270 -19.66 42.86 -4.44
CA ASN K 270 -21.05 43.13 -4.07
C ASN K 270 -21.89 41.86 -4.17
N TRP K 271 -21.66 41.07 -5.23
CA TRP K 271 -22.39 39.81 -5.34
C TRP K 271 -22.17 38.91 -4.14
N MET K 272 -20.90 38.72 -3.75
CA MET K 272 -20.58 37.84 -2.63
C MET K 272 -21.10 38.40 -1.31
N ALA K 273 -21.04 39.72 -1.13
CA ALA K 273 -21.49 40.32 0.12
C ALA K 273 -23.00 40.20 0.27
N PHE K 274 -23.73 40.40 -0.83
CA PHE K 274 -25.17 40.19 -0.80
C PHE K 274 -25.50 38.75 -0.42
N LEU K 275 -24.86 37.79 -1.09
CA LEU K 275 -25.10 36.39 -0.76
C LEU K 275 -24.76 36.07 0.69
N TRP K 276 -23.73 36.71 1.25
CA TRP K 276 -23.37 36.46 2.64
C TRP K 276 -24.41 37.04 3.58
N SER K 277 -24.87 38.26 3.32
CA SER K 277 -25.86 38.88 4.20
C SER K 277 -27.12 38.03 4.26
N LYS K 278 -27.56 37.49 3.13
CA LYS K 278 -28.73 36.62 3.18
C LYS K 278 -28.43 35.28 3.87
N GLY K 279 -27.18 34.85 3.87
CA GLY K 279 -26.82 33.56 4.46
C GLY K 279 -26.69 32.46 3.43
N ASP K 280 -26.19 32.80 2.26
CA ASP K 280 -26.12 31.88 1.14
C ASP K 280 -24.68 31.61 0.73
N ASN K 281 -24.51 30.64 -0.17
CA ASN K 281 -23.20 30.17 -0.62
C ASN K 281 -23.20 30.10 -2.14
N GLY K 282 -22.29 30.84 -2.77
CA GLY K 282 -22.28 30.99 -4.20
C GLY K 282 -21.20 30.19 -4.89
N ILE K 283 -20.94 30.55 -6.15
CA ILE K 283 -19.89 29.96 -6.96
C ILE K 283 -19.31 31.04 -7.88
N LEU K 284 -18.04 31.35 -7.69
CA LEU K 284 -17.36 32.25 -8.63
C LEU K 284 -16.91 31.44 -9.84
N ALA K 285 -17.43 31.78 -11.02
CA ALA K 285 -17.22 30.93 -12.18
C ALA K 285 -16.72 31.74 -13.37
N ASP K 286 -15.89 32.75 -13.13
CA ASP K 286 -15.34 33.51 -14.24
C ASP K 286 -14.36 32.65 -15.03
N GLU K 287 -14.03 33.12 -16.22
CA GLU K 287 -13.02 32.44 -17.01
C GLU K 287 -11.62 32.89 -16.58
N MET K 288 -10.62 32.11 -16.97
CA MET K 288 -9.25 32.41 -16.61
C MET K 288 -8.82 33.76 -17.18
N GLY K 289 -7.95 34.44 -16.46
CA GLY K 289 -7.46 35.74 -16.87
C GLY K 289 -8.24 36.92 -16.34
N LEU K 290 -9.33 36.68 -15.62
CA LEU K 290 -10.13 37.75 -15.03
C LEU K 290 -9.78 38.01 -13.58
N GLY K 291 -8.76 37.35 -13.06
CA GLY K 291 -8.34 37.57 -11.68
C GLY K 291 -9.37 37.14 -10.66
N LYS K 292 -9.62 35.83 -10.56
CA LYS K 292 -10.53 35.33 -9.54
C LYS K 292 -9.90 35.28 -8.17
N THR K 293 -8.58 35.33 -8.08
CA THR K 293 -7.90 35.34 -6.79
C THR K 293 -7.99 36.71 -6.12
N VAL K 294 -7.86 37.78 -6.91
CA VAL K 294 -7.96 39.13 -6.37
C VAL K 294 -9.35 39.37 -5.77
N GLN K 295 -10.38 38.89 -6.45
CA GLN K 295 -11.74 39.17 -6.00
C GLN K 295 -12.04 38.51 -4.66
N THR K 296 -11.59 37.27 -4.46
CA THR K 296 -11.82 36.62 -3.18
C THR K 296 -10.92 37.14 -2.07
N VAL K 297 -9.69 37.58 -2.39
CA VAL K 297 -8.90 38.23 -1.34
C VAL K 297 -9.56 39.53 -0.90
N ALA K 298 -10.00 40.35 -1.86
CA ALA K 298 -10.70 41.59 -1.51
C ALA K 298 -12.00 41.33 -0.78
N PHE K 299 -12.67 40.21 -1.07
CA PHE K 299 -13.87 39.88 -0.31
C PHE K 299 -13.55 39.51 1.14
N ILE K 300 -12.45 38.79 1.38
CA ILE K 300 -12.08 38.51 2.76
C ILE K 300 -11.71 39.80 3.48
N SER K 301 -11.02 40.70 2.78
CA SER K 301 -10.73 42.02 3.34
C SER K 301 -12.02 42.71 3.77
N TRP K 302 -13.05 42.67 2.91
CA TRP K 302 -14.34 43.24 3.29
C TRP K 302 -14.93 42.52 4.49
N LEU K 303 -14.91 41.19 4.48
CA LEU K 303 -15.50 40.39 5.55
C LEU K 303 -14.83 40.66 6.89
N ILE K 304 -13.63 41.20 6.90
CA ILE K 304 -12.91 41.50 8.14
C ILE K 304 -13.02 42.97 8.52
N PHE K 305 -12.63 43.87 7.62
CA PHE K 305 -12.61 45.30 7.92
C PHE K 305 -13.98 45.95 7.86
N ALA K 306 -15.04 45.20 7.55
CA ALA K 306 -16.38 45.78 7.52
C ALA K 306 -17.30 45.07 8.51
N ARG K 307 -17.73 43.85 8.25
CA ARG K 307 -18.61 43.15 9.16
C ARG K 307 -17.87 42.56 10.36
N ARG K 308 -16.59 42.87 10.52
CA ARG K 308 -15.82 42.45 11.69
C ARG K 308 -15.86 40.94 11.88
N GLN K 309 -15.89 40.20 10.77
CA GLN K 309 -15.80 38.74 10.79
C GLN K 309 -14.36 38.37 10.46
N ASN K 310 -13.52 38.35 11.50
CA ASN K 310 -12.09 38.09 11.35
C ASN K 310 -11.67 36.80 12.05
N GLY K 311 -12.55 35.82 12.11
CA GLY K 311 -12.23 34.55 12.71
C GLY K 311 -11.33 33.74 11.82
N PRO K 312 -11.14 32.46 12.14
CA PRO K 312 -10.32 31.59 11.29
C PRO K 312 -11.03 31.31 9.97
N HIS K 313 -10.43 31.78 8.88
CA HIS K 313 -10.88 31.50 7.53
C HIS K 313 -9.91 30.52 6.87
N ILE K 314 -10.42 29.65 6.01
CA ILE K 314 -9.59 28.62 5.39
C ILE K 314 -9.77 28.66 3.88
N ILE K 315 -8.66 28.53 3.17
CA ILE K 315 -8.64 28.55 1.70
C ILE K 315 -7.85 27.34 1.22
N VAL K 316 -8.51 26.47 0.47
CA VAL K 316 -7.91 25.24 -0.02
C VAL K 316 -7.62 25.40 -1.50
N VAL K 317 -6.35 25.27 -1.87
CA VAL K 317 -5.93 25.54 -3.24
C VAL K 317 -5.06 24.37 -3.71
N PRO K 318 -4.84 24.26 -5.01
CA PRO K 318 -3.83 23.33 -5.50
C PRO K 318 -2.43 23.83 -5.23
N LEU K 319 -1.48 22.89 -5.12
CA LEU K 319 -0.12 23.25 -4.75
C LEU K 319 0.50 24.21 -5.74
N SER K 320 0.32 23.96 -7.04
CA SER K 320 0.98 24.75 -8.05
C SER K 320 0.55 26.21 -8.04
N THR K 321 -0.60 26.54 -7.46
CA THR K 321 -1.07 27.91 -7.38
C THR K 321 -0.80 28.56 -6.04
N MET K 322 -0.18 27.85 -5.10
CA MET K 322 0.03 28.40 -3.77
C MET K 322 0.90 29.65 -3.76
N PRO K 323 2.00 29.75 -4.52
CA PRO K 323 2.73 31.02 -4.53
C PRO K 323 1.87 32.21 -4.91
N ALA K 324 1.15 32.13 -6.03
CA ALA K 324 0.37 33.26 -6.51
C ALA K 324 -0.70 33.67 -5.51
N TRP K 325 -1.24 32.74 -4.73
CA TRP K 325 -2.16 33.13 -3.69
C TRP K 325 -1.46 33.94 -2.61
N LEU K 326 -0.32 33.45 -2.13
CA LEU K 326 0.32 34.07 -0.97
C LEU K 326 0.63 35.53 -1.23
N ASP K 327 1.37 35.81 -2.30
CA ASP K 327 1.72 37.19 -2.59
C ASP K 327 0.50 38.07 -2.79
N THR K 328 -0.62 37.50 -3.24
CA THR K 328 -1.83 38.31 -3.36
C THR K 328 -2.24 38.83 -1.99
N PHE K 329 -2.28 37.95 -0.99
CA PHE K 329 -2.52 38.39 0.38
C PHE K 329 -1.45 39.34 0.87
N GLU K 330 -0.25 39.28 0.29
CA GLU K 330 0.82 40.18 0.67
C GLU K 330 0.71 41.54 0.01
N LYS K 331 -0.10 41.67 -1.04
CA LYS K 331 -0.21 42.92 -1.78
C LYS K 331 -1.55 43.60 -1.59
N TRP K 332 -2.64 42.85 -1.64
CA TRP K 332 -3.98 43.41 -1.54
C TRP K 332 -4.54 43.37 -0.13
N ALA K 333 -3.81 42.81 0.83
CA ALA K 333 -4.25 42.82 2.21
C ALA K 333 -3.08 42.60 3.15
N PRO K 334 -2.14 43.55 3.23
CA PRO K 334 -0.90 43.31 4.00
C PRO K 334 -1.09 43.29 5.49
N ASP K 335 -2.25 43.69 6.01
CA ASP K 335 -2.47 43.70 7.44
C ASP K 335 -2.99 42.38 8.00
N LEU K 336 -3.58 41.54 7.16
CA LEU K 336 -4.11 40.27 7.63
C LEU K 336 -2.98 39.30 7.95
N ASN K 337 -3.17 38.53 9.02
CA ASN K 337 -2.20 37.52 9.43
C ASN K 337 -2.55 36.22 8.72
N CYS K 338 -1.94 36.03 7.55
CA CYS K 338 -2.19 34.87 6.71
C CYS K 338 -1.02 33.90 6.83
N ILE K 339 -1.32 32.64 7.12
CA ILE K 339 -0.27 31.63 7.25
C ILE K 339 -0.52 30.51 6.25
N CYS K 340 0.57 29.93 5.77
CA CYS K 340 0.54 28.80 4.84
C CYS K 340 0.87 27.53 5.59
N TYR K 341 0.01 26.53 5.46
CA TYR K 341 0.11 25.29 6.22
C TYR K 341 0.44 24.14 5.26
N MET K 342 1.72 23.82 5.15
CA MET K 342 2.17 22.74 4.28
C MET K 342 3.63 22.45 4.60
N GLY K 343 4.07 21.25 4.23
CA GLY K 343 5.43 20.81 4.47
C GLY K 343 5.44 19.46 5.15
N ASN K 344 6.63 19.03 5.53
CA ASN K 344 6.78 17.73 6.19
C ASN K 344 6.23 17.80 7.61
N GLN K 345 6.23 16.64 8.27
CA GLN K 345 5.62 16.52 9.59
C GLN K 345 6.24 17.47 10.59
N LYS K 346 7.58 17.57 10.61
CA LYS K 346 8.25 18.49 11.51
C LYS K 346 7.89 19.94 11.21
N SER K 347 7.86 20.29 9.93
CA SER K 347 7.55 21.65 9.52
C SER K 347 6.11 22.02 9.85
N ARG K 348 5.20 21.05 9.81
CA ARG K 348 3.82 21.32 10.18
C ARG K 348 3.61 21.32 11.68
N ASP K 349 4.48 20.66 12.44
CA ASP K 349 4.43 20.77 13.89
C ASP K 349 4.90 22.14 14.37
N THR K 350 5.94 22.69 13.74
CA THR K 350 6.39 24.03 14.10
C THR K 350 5.27 25.07 13.99
N ILE K 351 4.47 24.98 12.92
CA ILE K 351 3.41 25.96 12.70
C ILE K 351 2.37 25.88 13.80
N ARG K 352 1.95 24.67 14.17
CA ARG K 352 0.99 24.53 15.24
C ARG K 352 1.53 25.01 16.57
N GLU K 353 2.83 24.83 16.80
CA GLU K 353 3.39 25.27 18.07
C GLU K 353 3.48 26.79 18.18
N TYR K 354 3.82 27.48 17.08
CA TYR K 354 4.15 28.89 17.21
C TYR K 354 3.12 29.85 16.63
N GLU K 355 2.22 29.41 15.77
CA GLU K 355 1.41 30.37 15.02
C GLU K 355 -0.08 30.09 15.04
N PHE K 356 -0.56 29.09 15.78
CA PHE K 356 -1.99 28.82 15.78
C PHE K 356 -2.72 29.62 16.85
N TYR K 357 -2.41 29.38 18.11
CA TYR K 357 -3.14 29.95 19.23
C TYR K 357 -2.39 31.12 19.83
N THR K 358 -3.13 31.98 20.54
CA THR K 358 -2.50 33.11 21.22
C THR K 358 -1.57 32.62 22.31
N ASN K 359 -2.06 31.78 23.21
CA ASN K 359 -1.23 31.13 24.22
C ASN K 359 -1.29 29.63 24.06
N PRO K 360 -0.22 29.00 23.55
CA PRO K 360 -0.27 27.54 23.36
C PRO K 360 -0.06 26.75 24.63
N ARG K 361 0.81 27.21 25.53
CA ARG K 361 1.18 26.42 26.69
C ARG K 361 0.04 26.26 27.68
N ALA K 362 -0.91 27.19 27.66
CA ALA K 362 -2.04 27.12 28.58
C ALA K 362 -2.80 25.81 28.40
N LYS K 363 -3.08 25.14 29.52
CA LYS K 363 -3.78 23.86 29.46
C LYS K 363 -5.23 24.05 29.00
N GLY K 364 -5.87 25.15 29.36
CA GLY K 364 -7.23 25.40 28.95
C GLY K 364 -7.34 25.61 27.45
N LYS K 365 -8.59 25.71 26.98
CA LYS K 365 -8.84 25.86 25.56
C LYS K 365 -8.11 27.08 25.01
N LYS K 366 -7.48 26.91 23.86
CA LYS K 366 -6.65 27.93 23.26
C LYS K 366 -7.42 28.67 22.18
N THR K 367 -7.03 29.93 21.95
CA THR K 367 -7.70 30.78 20.98
C THR K 367 -7.05 30.59 19.61
N MET K 368 -7.16 31.58 18.73
CA MET K 368 -6.55 31.50 17.40
C MET K 368 -5.88 32.83 17.09
N LYS K 369 -4.64 32.74 16.59
CA LYS K 369 -3.85 33.94 16.35
C LYS K 369 -3.96 34.44 14.91
N PHE K 370 -4.20 33.54 13.96
CA PHE K 370 -4.21 33.91 12.56
C PHE K 370 -5.61 34.24 12.08
N ASN K 371 -5.68 34.96 10.96
CA ASN K 371 -6.96 35.26 10.31
C ASN K 371 -7.25 34.31 9.15
N VAL K 372 -6.28 34.08 8.28
CA VAL K 372 -6.46 33.26 7.09
C VAL K 372 -5.43 32.15 7.10
N LEU K 373 -5.87 30.94 6.79
CA LEU K 373 -5.00 29.78 6.63
C LEU K 373 -5.12 29.28 5.20
N LEU K 374 -3.97 28.96 4.60
CA LEU K 374 -3.90 28.50 3.22
C LEU K 374 -3.33 27.09 3.20
N THR K 375 -4.11 26.14 2.69
CA THR K 375 -3.64 24.75 2.63
C THR K 375 -3.98 24.16 1.28
N THR K 376 -3.53 22.93 1.05
CA THR K 376 -3.73 22.21 -0.19
C THR K 376 -4.59 20.97 0.06
N TYR K 377 -4.97 20.29 -1.02
CA TYR K 377 -5.85 19.14 -0.90
C TYR K 377 -5.17 17.99 -0.17
N GLU K 378 -3.84 17.90 -0.26
CA GLU K 378 -3.14 16.78 0.33
C GLU K 378 -3.21 16.79 1.85
N TYR K 379 -3.12 17.96 2.45
CA TYR K 379 -3.11 18.07 3.89
C TYR K 379 -4.49 18.17 4.50
N ILE K 380 -5.51 18.48 3.70
CA ILE K 380 -6.89 18.29 4.18
C ILE K 380 -7.12 16.82 4.48
N LEU K 381 -6.53 15.94 3.70
CA LEU K 381 -6.65 14.51 3.95
C LEU K 381 -5.68 14.01 5.00
N LYS K 382 -4.47 14.55 5.05
CA LYS K 382 -3.52 14.13 6.09
C LYS K 382 -3.96 14.61 7.46
N ASP K 383 -4.18 15.92 7.61
CA ASP K 383 -4.47 16.49 8.92
C ASP K 383 -5.92 16.90 9.07
N ARG K 384 -6.85 16.01 8.70
CA ARG K 384 -8.26 16.35 8.85
C ARG K 384 -8.67 16.41 10.31
N ALA K 385 -7.98 15.67 11.18
CA ALA K 385 -8.32 15.70 12.60
C ALA K 385 -7.86 17.00 13.25
N GLU K 386 -6.63 17.43 12.97
CA GLU K 386 -6.11 18.66 13.55
C GLU K 386 -6.71 19.91 12.94
N LEU K 387 -7.39 19.80 11.80
CA LEU K 387 -7.96 20.94 11.12
C LEU K 387 -9.48 20.97 11.15
N GLY K 388 -10.13 19.83 11.29
CA GLY K 388 -11.59 19.81 11.31
C GLY K 388 -12.16 20.22 12.65
N SER K 389 -11.36 20.10 13.71
CA SER K 389 -11.80 20.49 15.05
C SER K 389 -11.58 21.98 15.29
N ILE K 390 -11.95 22.82 14.33
CA ILE K 390 -11.81 24.26 14.45
C ILE K 390 -13.09 24.91 13.94
N LYS K 391 -13.59 25.90 14.67
CA LYS K 391 -14.80 26.63 14.27
C LYS K 391 -14.42 27.67 13.22
N TRP K 392 -14.34 27.21 11.98
CA TRP K 392 -14.07 28.12 10.87
C TRP K 392 -15.25 29.04 10.62
N GLN K 393 -14.98 30.18 10.02
CA GLN K 393 -16.02 31.13 9.67
C GLN K 393 -16.24 31.26 8.17
N PHE K 394 -15.32 30.80 7.35
CA PHE K 394 -15.47 30.89 5.91
C PHE K 394 -14.51 29.92 5.24
N MET K 395 -15.01 29.14 4.29
CA MET K 395 -14.19 28.23 3.52
C MET K 395 -14.25 28.62 2.05
N ALA K 396 -13.10 28.63 1.40
CA ALA K 396 -13.03 28.94 -0.03
C ALA K 396 -12.18 27.88 -0.73
N VAL K 397 -12.79 27.14 -1.65
CA VAL K 397 -12.09 26.08 -2.37
C VAL K 397 -11.82 26.55 -3.78
N ASP K 398 -10.54 26.71 -4.12
CA ASP K 398 -10.13 26.99 -5.49
C ASP K 398 -10.06 25.69 -6.29
N GLU K 399 -10.24 25.80 -7.60
CA GLU K 399 -10.34 24.66 -8.49
C GLU K 399 -11.29 23.61 -7.92
N ALA K 400 -12.55 23.98 -7.82
CA ALA K 400 -13.54 23.15 -7.15
C ALA K 400 -14.09 22.05 -8.04
N HIS K 401 -13.67 21.97 -9.30
CA HIS K 401 -14.03 20.81 -10.10
C HIS K 401 -13.40 19.54 -9.55
N ARG K 402 -12.37 19.68 -8.71
CA ARG K 402 -11.83 18.57 -7.96
C ARG K 402 -12.86 17.95 -7.03
N LEU K 403 -13.92 18.69 -6.69
CA LEU K 403 -15.01 18.19 -5.86
C LEU K 403 -16.23 17.75 -6.67
N LYS K 404 -16.07 17.50 -7.96
CA LYS K 404 -17.21 17.13 -8.80
C LYS K 404 -17.70 15.71 -8.54
N ASN K 405 -17.12 15.00 -7.58
CA ASN K 405 -17.46 13.61 -7.30
C ASN K 405 -17.70 13.49 -5.81
N ALA K 406 -18.93 13.16 -5.43
CA ALA K 406 -19.33 13.15 -4.03
C ALA K 406 -18.89 11.91 -3.28
N GLU K 407 -18.17 11.00 -3.92
CA GLU K 407 -17.66 9.81 -3.26
C GLU K 407 -16.14 9.85 -3.11
N SER K 408 -15.51 10.96 -3.45
CA SER K 408 -14.08 11.09 -3.27
C SER K 408 -13.74 11.32 -1.79
N SER K 409 -12.48 11.10 -1.46
CA SER K 409 -12.04 11.28 -0.08
C SER K 409 -12.00 12.75 0.31
N LEU K 410 -11.62 13.61 -0.63
CA LEU K 410 -11.61 15.04 -0.33
C LEU K 410 -13.01 15.56 -0.04
N TYR K 411 -14.01 15.06 -0.78
CA TYR K 411 -15.38 15.48 -0.57
C TYR K 411 -15.86 15.12 0.83
N GLU K 412 -15.72 13.85 1.21
CA GLU K 412 -16.15 13.40 2.53
C GLU K 412 -15.31 14.00 3.64
N SER K 413 -14.11 14.49 3.36
CA SER K 413 -13.33 15.15 4.39
C SER K 413 -13.67 16.62 4.55
N LEU K 414 -14.08 17.30 3.49
CA LEU K 414 -14.45 18.70 3.61
C LEU K 414 -15.87 18.90 4.11
N ASN K 415 -16.73 17.90 3.98
CA ASN K 415 -18.08 18.02 4.50
C ASN K 415 -18.13 17.88 6.01
N SER K 416 -17.17 17.16 6.59
CA SER K 416 -17.09 17.02 8.03
C SER K 416 -16.53 18.25 8.72
N PHE K 417 -16.23 19.30 7.97
CA PHE K 417 -15.71 20.53 8.57
C PHE K 417 -16.85 21.38 9.09
N LYS K 418 -16.64 21.98 10.26
CA LYS K 418 -17.65 22.84 10.89
C LYS K 418 -17.38 24.28 10.46
N VAL K 419 -17.88 24.62 9.28
CA VAL K 419 -17.67 25.94 8.70
C VAL K 419 -19.03 26.60 8.49
N ALA K 420 -19.09 27.92 8.62
CA ALA K 420 -20.34 28.68 8.42
C ALA K 420 -20.60 28.84 6.91
N ASN K 421 -19.98 29.85 6.28
CA ASN K 421 -20.19 30.10 4.87
C ASN K 421 -19.12 29.41 4.03
N ARG K 422 -19.47 29.15 2.77
CA ARG K 422 -18.59 28.45 1.85
C ARG K 422 -18.61 29.16 0.51
N MET K 423 -17.60 28.88 -0.29
CA MET K 423 -17.55 29.39 -1.65
C MET K 423 -16.64 28.48 -2.47
N LEU K 424 -17.00 28.31 -3.74
CA LEU K 424 -16.23 27.52 -4.68
C LEU K 424 -15.81 28.40 -5.84
N ILE K 425 -14.57 28.24 -6.26
CA ILE K 425 -14.01 29.00 -7.38
C ILE K 425 -13.64 27.97 -8.44
N THR K 426 -14.37 27.98 -9.56
CA THR K 426 -14.11 27.02 -10.61
C THR K 426 -14.52 27.63 -11.95
N GLY K 427 -13.65 27.51 -12.95
CA GLY K 427 -13.97 27.96 -14.27
C GLY K 427 -14.85 27.03 -15.07
N THR K 428 -15.15 25.85 -14.53
CA THR K 428 -15.97 24.84 -15.21
C THR K 428 -16.85 24.15 -14.19
N PRO K 429 -17.99 24.75 -13.85
CA PRO K 429 -18.88 24.12 -12.87
C PRO K 429 -19.45 22.79 -13.33
N LEU K 430 -19.64 22.62 -14.63
CA LEU K 430 -20.16 21.39 -15.20
C LEU K 430 -19.29 21.01 -16.38
N GLN K 431 -18.91 19.73 -16.46
CA GLN K 431 -17.97 19.27 -17.49
C GLN K 431 -18.54 18.12 -18.31
N ASN K 432 -18.97 17.03 -17.67
CA ASN K 432 -19.48 15.87 -18.39
C ASN K 432 -20.99 15.77 -18.24
N ASN K 433 -21.45 15.15 -17.16
CA ASN K 433 -22.86 14.96 -16.93
C ASN K 433 -23.39 16.02 -15.97
N ILE K 434 -24.63 15.85 -15.52
CA ILE K 434 -25.26 16.81 -14.61
C ILE K 434 -25.10 16.41 -13.15
N LYS K 435 -24.59 15.21 -12.88
CA LYS K 435 -24.36 14.78 -11.50
C LYS K 435 -23.22 15.56 -10.86
N GLU K 436 -22.26 16.02 -11.66
CA GLU K 436 -21.16 16.84 -11.15
C GLU K 436 -21.68 18.15 -10.56
N LEU K 437 -22.56 18.83 -11.29
CA LEU K 437 -23.16 20.05 -10.79
C LEU K 437 -24.00 19.80 -9.55
N ALA K 438 -24.70 18.67 -9.51
CA ALA K 438 -25.47 18.32 -8.33
C ALA K 438 -24.58 18.17 -7.11
N ALA K 439 -23.43 17.53 -7.26
CA ALA K 439 -22.52 17.37 -6.13
C ALA K 439 -21.98 18.70 -5.64
N LEU K 440 -21.60 19.59 -6.57
CA LEU K 440 -21.18 20.92 -6.15
C LEU K 440 -22.26 21.63 -5.34
N VAL K 441 -23.50 21.60 -5.83
CA VAL K 441 -24.58 22.29 -5.13
C VAL K 441 -24.81 21.68 -3.75
N ASN K 442 -24.87 20.35 -3.66
CA ASN K 442 -25.04 19.72 -2.36
C ASN K 442 -23.88 20.01 -1.42
N PHE K 443 -22.70 20.36 -1.94
CA PHE K 443 -21.65 20.87 -1.07
C PHE K 443 -22.00 22.24 -0.53
N LEU K 444 -22.51 23.13 -1.38
CA LEU K 444 -22.88 24.46 -0.89
C LEU K 444 -24.16 24.43 -0.06
N MET K 445 -25.25 23.94 -0.64
CA MET K 445 -26.57 23.94 -0.02
C MET K 445 -27.03 22.53 0.29
N PRO K 446 -26.66 21.98 1.44
CA PRO K 446 -27.00 20.58 1.71
C PRO K 446 -28.48 20.35 1.98
N GLY K 447 -29.28 20.34 0.92
CA GLY K 447 -30.69 20.03 1.05
C GLY K 447 -31.62 20.97 0.31
N ARG K 448 -31.12 22.13 -0.12
CA ARG K 448 -31.96 23.10 -0.81
C ARG K 448 -32.46 22.54 -2.14
N PHE K 449 -31.56 22.41 -3.11
CA PHE K 449 -31.92 21.85 -4.40
C PHE K 449 -31.91 20.33 -4.35
N THR K 450 -32.56 19.72 -5.35
CA THR K 450 -32.62 18.26 -5.49
C THR K 450 -32.51 17.95 -6.98
N ILE K 451 -31.28 17.80 -7.46
CA ILE K 451 -31.01 17.56 -8.88
C ILE K 451 -30.83 16.06 -9.03
N ASP K 452 -31.95 15.35 -9.22
CA ASP K 452 -31.91 13.89 -9.32
C ASP K 452 -32.47 13.42 -10.66
N GLN K 453 -31.93 13.95 -11.76
CA GLN K 453 -32.35 13.55 -13.09
C GLN K 453 -31.29 14.00 -14.08
N GLU K 454 -31.12 13.20 -15.14
CA GLU K 454 -30.11 13.44 -16.14
C GLU K 454 -30.76 13.75 -17.48
N ILE K 455 -30.26 14.78 -18.15
CA ILE K 455 -30.81 15.21 -19.43
C ILE K 455 -30.42 14.21 -20.51
N ASP K 456 -31.37 13.87 -21.38
CA ASP K 456 -31.13 13.00 -22.53
C ASP K 456 -31.65 13.68 -23.78
N PHE K 457 -30.79 13.83 -24.77
CA PHE K 457 -31.15 14.44 -26.04
C PHE K 457 -31.80 13.47 -27.01
N GLU K 458 -32.15 12.27 -26.54
CA GLU K 458 -32.84 11.28 -27.37
C GLU K 458 -34.35 11.40 -27.23
N ASN K 459 -34.85 11.48 -26.00
CA ASN K 459 -36.28 11.65 -25.78
C ASN K 459 -36.73 13.02 -26.25
N GLN K 460 -36.12 14.08 -25.71
CA GLN K 460 -36.39 15.46 -26.11
C GLN K 460 -37.86 15.83 -25.96
N ASP K 461 -38.54 15.25 -24.97
CA ASP K 461 -39.93 15.59 -24.73
C ASP K 461 -40.03 16.99 -24.13
N GLU K 462 -41.24 17.57 -24.22
CA GLU K 462 -41.46 18.91 -23.70
C GLU K 462 -41.19 18.99 -22.20
N GLU K 463 -41.39 17.89 -21.47
CA GLU K 463 -41.08 17.87 -20.04
C GLU K 463 -39.60 18.01 -19.77
N GLN K 464 -38.75 17.45 -20.64
CA GLN K 464 -37.30 17.56 -20.42
C GLN K 464 -36.80 18.98 -20.67
N GLU K 465 -37.28 19.62 -21.74
CA GLU K 465 -36.98 21.03 -21.92
C GLU K 465 -37.50 21.87 -20.76
N GLU K 466 -38.63 21.46 -20.16
CA GLU K 466 -39.07 22.13 -18.94
C GLU K 466 -38.07 21.92 -17.80
N TYR K 467 -37.51 20.72 -17.68
CA TYR K 467 -36.52 20.46 -16.65
C TYR K 467 -35.30 21.36 -16.82
N ILE K 468 -34.85 21.51 -18.06
CA ILE K 468 -33.72 22.41 -18.34
C ILE K 468 -34.07 23.84 -17.93
N HIS K 469 -35.25 24.31 -18.31
CA HIS K 469 -35.66 25.66 -17.91
C HIS K 469 -35.73 25.80 -16.39
N ASP K 470 -36.22 24.77 -15.71
CA ASP K 470 -36.36 24.80 -14.26
C ASP K 470 -35.01 24.95 -13.58
N LEU K 471 -34.07 24.06 -13.91
CA LEU K 471 -32.75 24.15 -13.28
C LEU K 471 -32.03 25.43 -13.66
N HIS K 472 -32.12 25.84 -14.94
CA HIS K 472 -31.47 27.06 -15.35
C HIS K 472 -32.04 28.28 -14.63
N ARG K 473 -33.26 28.20 -14.12
CA ARG K 473 -33.80 29.30 -13.33
C ARG K 473 -33.49 29.19 -11.84
N ARG K 474 -33.40 27.98 -11.30
CA ARG K 474 -33.24 27.85 -9.85
C ARG K 474 -31.82 28.14 -9.38
N ILE K 475 -30.80 27.85 -10.20
CA ILE K 475 -29.41 28.02 -9.78
C ILE K 475 -28.84 29.38 -10.13
N GLN K 476 -29.56 30.20 -10.90
CA GLN K 476 -29.02 31.49 -11.31
C GLN K 476 -28.64 32.42 -10.15
N PRO K 477 -29.38 32.47 -9.02
CA PRO K 477 -28.96 33.35 -7.94
C PRO K 477 -27.73 32.88 -7.17
N PHE K 478 -27.04 31.85 -7.68
CA PHE K 478 -25.91 31.30 -6.93
C PHE K 478 -24.71 31.02 -7.81
N ILE K 479 -24.64 31.58 -9.01
CA ILE K 479 -23.49 31.40 -9.90
C ILE K 479 -23.24 32.72 -10.61
N LEU K 480 -22.04 33.24 -10.47
CA LEU K 480 -21.63 34.49 -11.10
C LEU K 480 -20.58 34.19 -12.15
N ARG K 481 -21.00 34.17 -13.41
CA ARG K 481 -20.11 33.85 -14.52
C ARG K 481 -19.92 35.06 -15.41
N ARG K 482 -18.68 35.27 -15.86
CA ARG K 482 -18.36 36.30 -16.83
C ARG K 482 -17.35 35.73 -17.81
N LEU K 483 -17.25 36.38 -18.97
CA LEU K 483 -16.47 35.85 -20.07
C LEU K 483 -15.33 36.79 -20.43
N LYS K 484 -14.33 36.23 -21.11
CA LYS K 484 -13.19 37.01 -21.57
C LYS K 484 -13.53 37.88 -22.77
N LYS K 485 -14.72 37.72 -23.35
CA LYS K 485 -15.17 38.55 -24.46
C LYS K 485 -16.19 39.61 -24.02
N ASP K 486 -17.07 39.27 -23.09
CA ASP K 486 -18.01 40.23 -22.56
C ASP K 486 -17.31 41.36 -21.80
N VAL K 487 -16.11 41.12 -21.31
CA VAL K 487 -15.26 42.15 -20.73
C VAL K 487 -13.85 41.91 -21.26
N GLU K 488 -13.03 42.95 -21.21
CA GLU K 488 -11.70 42.93 -21.81
C GLU K 488 -11.78 42.50 -23.28
N LYS K 489 -12.29 43.42 -24.09
CA LYS K 489 -12.61 43.12 -25.48
C LYS K 489 -11.36 42.91 -26.33
N SER K 490 -10.23 43.48 -25.94
CA SER K 490 -9.00 43.32 -26.71
C SER K 490 -8.51 41.88 -26.63
N LEU K 491 -8.98 41.03 -27.55
CA LEU K 491 -8.55 39.64 -27.59
C LEU K 491 -8.80 39.07 -28.98
N PRO K 492 -7.77 38.58 -29.65
CA PRO K 492 -7.97 37.99 -30.99
C PRO K 492 -8.80 36.72 -30.92
N SER K 493 -9.65 36.55 -31.93
CA SER K 493 -10.61 35.45 -31.93
C SER K 493 -9.92 34.13 -32.26
N LYS K 494 -10.57 33.04 -31.84
CA LYS K 494 -10.07 31.68 -32.04
C LYS K 494 -11.05 30.93 -32.92
N THR K 495 -10.53 30.21 -33.91
CA THR K 495 -11.35 29.45 -34.85
C THR K 495 -10.88 28.01 -34.88
N GLU K 496 -11.82 27.07 -34.80
CA GLU K 496 -11.54 25.65 -34.78
C GLU K 496 -11.89 25.03 -36.12
N ARG K 497 -11.00 24.16 -36.62
CA ARG K 497 -11.14 23.55 -37.94
C ARG K 497 -10.97 22.04 -37.80
N ILE K 498 -12.04 21.30 -38.06
CA ILE K 498 -12.03 19.84 -37.96
C ILE K 498 -11.59 19.26 -39.30
N LEU K 499 -10.73 18.24 -39.25
CA LEU K 499 -10.20 17.58 -40.43
C LEU K 499 -10.34 16.08 -40.27
N ARG K 500 -11.09 15.45 -41.17
CA ARG K 500 -11.32 14.01 -41.13
C ARG K 500 -10.46 13.33 -42.18
N VAL K 501 -9.54 12.49 -41.74
CA VAL K 501 -8.60 11.82 -42.63
C VAL K 501 -8.74 10.31 -42.46
N GLU K 502 -8.78 9.59 -43.57
CA GLU K 502 -9.07 8.16 -43.55
C GLU K 502 -7.83 7.36 -43.17
N LEU K 503 -8.07 6.10 -42.81
CA LEU K 503 -7.00 5.20 -42.38
C LEU K 503 -6.10 4.85 -43.55
N SER K 504 -5.00 4.17 -43.23
CA SER K 504 -4.08 3.66 -44.22
C SER K 504 -4.33 2.16 -44.42
N ASP K 505 -3.33 1.45 -44.93
CA ASP K 505 -3.46 0.01 -45.12
C ASP K 505 -3.12 -0.78 -43.87
N VAL K 506 -2.03 -0.43 -43.19
CA VAL K 506 -1.71 -1.08 -41.92
C VAL K 506 -2.75 -0.74 -40.87
N GLN K 507 -3.23 0.51 -40.83
CA GLN K 507 -4.27 0.88 -39.87
C GLN K 507 -5.54 0.10 -40.12
N THR K 508 -5.94 -0.08 -41.38
CA THR K 508 -7.16 -0.82 -41.65
C THR K 508 -6.99 -2.30 -41.30
N GLU K 509 -5.81 -2.86 -41.55
CA GLU K 509 -5.56 -4.24 -41.14
C GLU K 509 -5.72 -4.40 -39.63
N TYR K 510 -5.09 -3.52 -38.85
CA TYR K 510 -5.17 -3.65 -37.40
C TYR K 510 -6.59 -3.41 -36.89
N TYR K 511 -7.26 -2.39 -37.41
CA TYR K 511 -8.63 -2.11 -37.00
C TYR K 511 -9.54 -3.29 -37.28
N LYS K 512 -9.36 -3.95 -38.42
CA LYS K 512 -10.15 -5.13 -38.76
C LYS K 512 -9.88 -6.27 -37.80
N ASN K 513 -8.60 -6.61 -37.59
CA ASN K 513 -8.29 -7.76 -36.75
C ASN K 513 -8.70 -7.54 -35.30
N ILE K 514 -8.62 -6.31 -34.80
CA ILE K 514 -9.03 -6.05 -33.43
C ILE K 514 -10.54 -6.09 -33.31
N LEU K 515 -11.25 -5.56 -34.31
CA LEU K 515 -12.71 -5.54 -34.23
C LEU K 515 -13.31 -6.94 -34.23
N THR K 516 -12.57 -7.95 -34.70
CA THR K 516 -13.06 -9.32 -34.76
C THR K 516 -12.37 -10.25 -33.77
N LYS K 517 -11.51 -9.71 -32.90
CA LYS K 517 -10.76 -10.49 -31.92
C LYS K 517 -9.91 -11.56 -32.57
N ASN K 518 -9.52 -11.36 -33.83
CA ASN K 518 -8.65 -12.31 -34.50
C ASN K 518 -7.27 -12.31 -33.86
N TYR K 519 -7.09 -13.14 -32.83
CA TYR K 519 -5.83 -13.16 -32.11
C TYR K 519 -4.66 -13.53 -33.01
N SER K 520 -4.89 -14.42 -33.97
CA SER K 520 -3.77 -15.02 -34.69
C SER K 520 -3.00 -13.98 -35.51
N ALA K 521 -3.70 -13.16 -36.28
CA ALA K 521 -3.02 -12.14 -37.06
C ALA K 521 -2.35 -11.10 -36.17
N LEU K 522 -2.95 -10.81 -35.01
CA LEU K 522 -2.38 -9.81 -34.12
C LEU K 522 -1.16 -10.34 -33.37
N THR K 523 -1.10 -11.65 -33.14
CA THR K 523 -0.02 -12.28 -32.39
C THR K 523 0.97 -13.00 -33.28
N ALA K 524 0.77 -12.97 -34.60
CA ALA K 524 1.73 -13.59 -35.51
C ALA K 524 3.09 -12.92 -35.38
N GLY K 525 3.10 -11.60 -35.24
CA GLY K 525 4.32 -10.88 -34.94
C GLY K 525 4.27 -10.25 -33.57
N ALA K 526 4.48 -11.07 -32.53
CA ALA K 526 4.39 -10.60 -31.16
C ALA K 526 5.46 -11.27 -30.32
N LYS K 527 5.90 -10.57 -29.27
CA LYS K 527 6.95 -11.06 -28.39
C LYS K 527 6.32 -11.52 -27.07
N GLY K 528 5.79 -12.74 -27.10
CA GLY K 528 5.17 -13.31 -25.91
C GLY K 528 3.68 -13.13 -25.83
N GLY K 529 3.00 -12.98 -26.96
CA GLY K 529 1.56 -12.75 -26.93
C GLY K 529 1.19 -11.46 -26.23
N HIS K 530 2.02 -10.43 -26.34
CA HIS K 530 1.82 -9.19 -25.62
C HIS K 530 0.56 -8.45 -26.07
N PHE K 531 -0.04 -8.84 -27.18
CA PHE K 531 -1.25 -8.18 -27.66
C PHE K 531 -2.41 -8.54 -26.74
N SER K 532 -2.86 -7.58 -25.93
CA SER K 532 -3.94 -7.79 -24.98
C SER K 532 -5.20 -7.12 -25.49
N LEU K 533 -6.32 -7.82 -25.44
CA LEU K 533 -7.59 -7.32 -25.93
C LEU K 533 -8.54 -6.92 -24.79
N LEU K 534 -8.04 -6.86 -23.57
CA LEU K 534 -8.79 -6.20 -22.50
C LEU K 534 -8.89 -4.73 -22.83
N ASN K 535 -10.09 -4.17 -22.69
CA ASN K 535 -10.38 -2.79 -23.10
C ASN K 535 -10.15 -2.65 -24.60
N ILE K 536 -11.19 -2.95 -25.39
CA ILE K 536 -11.07 -2.94 -26.85
C ILE K 536 -11.04 -1.52 -27.38
N MET K 537 -11.79 -0.62 -26.75
CA MET K 537 -11.81 0.79 -27.15
C MET K 537 -10.41 1.37 -27.17
N ASN K 538 -9.61 1.04 -26.16
CA ASN K 538 -8.23 1.51 -26.09
C ASN K 538 -7.40 1.04 -27.27
N GLU K 539 -7.58 -0.22 -27.68
CA GLU K 539 -6.84 -0.75 -28.82
C GLU K 539 -7.29 -0.13 -30.14
N LEU K 540 -8.59 0.11 -30.29
CA LEU K 540 -9.05 0.78 -31.51
C LEU K 540 -8.52 2.19 -31.61
N LYS K 541 -8.34 2.90 -30.49
CA LYS K 541 -7.72 4.22 -30.59
C LYS K 541 -6.22 4.16 -30.86
N LYS K 542 -5.51 3.20 -30.25
CA LYS K 542 -4.11 3.01 -30.62
C LYS K 542 -3.95 2.71 -32.10
N ALA K 543 -4.86 1.94 -32.68
CA ALA K 543 -4.81 1.67 -34.11
C ALA K 543 -5.17 2.90 -34.94
N SER K 544 -6.14 3.68 -34.49
CA SER K 544 -6.55 4.87 -35.21
C SER K 544 -5.53 6.00 -35.15
N ASN K 545 -4.54 5.92 -34.26
CA ASN K 545 -3.49 6.94 -34.24
C ASN K 545 -2.27 6.53 -35.05
N HIS K 546 -1.64 5.43 -34.70
CA HIS K 546 -0.45 4.99 -35.41
C HIS K 546 -0.22 3.51 -35.16
N PRO K 547 -0.04 2.71 -36.22
CA PRO K 547 0.19 1.28 -36.02
C PRO K 547 1.45 0.98 -35.22
N TYR K 548 2.38 1.90 -35.14
CA TYR K 548 3.62 1.65 -34.40
C TYR K 548 3.39 1.60 -32.89
N LEU K 549 2.20 1.96 -32.41
CA LEU K 549 1.88 1.83 -31.00
C LEU K 549 1.80 0.37 -30.56
N PHE K 550 1.62 -0.56 -31.50
CA PHE K 550 1.64 -1.98 -31.20
C PHE K 550 3.04 -2.53 -31.39
N ASP K 551 3.33 -3.63 -30.70
CA ASP K 551 4.65 -4.22 -30.78
C ASP K 551 4.86 -4.93 -32.11
N ASN K 552 6.09 -4.84 -32.62
CA ASN K 552 6.56 -5.50 -33.83
C ASN K 552 5.91 -4.98 -35.10
N ALA K 553 5.08 -3.94 -35.02
CA ALA K 553 4.56 -3.33 -36.25
C ALA K 553 5.68 -2.70 -37.07
N GLU K 554 6.72 -2.20 -36.41
CA GLU K 554 7.90 -1.69 -37.09
C GLU K 554 8.55 -2.76 -37.95
N GLU K 555 8.45 -4.02 -37.53
CA GLU K 555 9.04 -5.11 -38.29
C GLU K 555 8.20 -5.46 -39.51
N ARG K 556 6.89 -5.55 -39.35
CA ARG K 556 6.03 -5.81 -40.51
C ARG K 556 6.20 -4.74 -41.57
N VAL K 557 6.04 -3.47 -41.20
CA VAL K 557 6.32 -2.40 -42.15
C VAL K 557 7.84 -2.32 -42.30
N LEU K 558 8.31 -1.52 -43.26
CA LEU K 558 9.73 -1.39 -43.60
C LEU K 558 10.21 -2.67 -44.27
N GLN K 559 10.13 -3.80 -43.56
CA GLN K 559 10.54 -5.07 -44.14
C GLN K 559 9.60 -5.49 -45.26
N LYS K 560 8.30 -5.22 -45.13
CA LYS K 560 7.37 -5.64 -46.16
C LYS K 560 7.07 -4.57 -47.20
N PHE K 561 7.68 -3.40 -47.09
CA PHE K 561 7.54 -2.36 -48.11
C PHE K 561 8.84 -2.06 -48.82
N GLY K 562 9.90 -1.76 -48.09
CA GLY K 562 11.21 -1.60 -48.68
C GLY K 562 12.25 -2.38 -47.89
N ASP K 563 12.22 -3.70 -48.02
CA ASP K 563 13.16 -4.55 -47.29
C ASP K 563 14.60 -4.12 -47.58
N GLY K 564 15.35 -3.87 -46.51
CA GLY K 564 16.67 -3.32 -46.65
C GLY K 564 16.75 -1.82 -46.48
N LYS K 565 15.82 -1.22 -45.74
CA LYS K 565 15.77 0.22 -45.52
C LYS K 565 16.31 0.59 -44.15
N MET K 566 17.43 -0.03 -43.75
CA MET K 566 18.00 0.23 -42.44
C MET K 566 18.62 1.62 -42.33
N THR K 567 18.61 2.40 -43.40
CA THR K 567 19.15 3.75 -43.38
C THR K 567 18.04 4.77 -43.11
N ARG K 568 18.45 5.92 -42.61
CA ARG K 568 17.51 6.99 -42.30
C ARG K 568 16.91 7.54 -43.60
N GLU K 569 15.97 8.48 -43.44
CA GLU K 569 15.22 9.07 -44.55
C GLU K 569 14.32 8.04 -45.24
N ASN K 570 14.72 6.78 -45.25
CA ASN K 570 13.83 5.71 -45.68
C ASN K 570 12.97 5.20 -44.53
N VAL K 571 13.49 5.24 -43.30
CA VAL K 571 12.67 4.94 -42.12
C VAL K 571 11.64 6.04 -41.90
N LEU K 572 12.03 7.28 -42.16
CA LEU K 572 11.09 8.40 -42.10
C LEU K 572 9.87 8.15 -42.99
N ARG K 573 10.07 7.49 -44.13
CA ARG K 573 8.93 7.11 -44.97
C ARG K 573 8.02 6.12 -44.24
N GLY K 574 8.61 5.22 -43.46
CA GLY K 574 7.80 4.30 -42.67
C GLY K 574 6.94 5.01 -41.66
N LEU K 575 7.49 6.03 -40.99
CA LEU K 575 6.69 6.83 -40.07
C LEU K 575 5.57 7.55 -40.80
N ILE K 576 5.92 8.34 -41.82
CA ILE K 576 4.94 9.27 -42.39
C ILE K 576 3.85 8.53 -43.16
N MET K 577 4.15 7.37 -43.73
CA MET K 577 3.20 6.72 -44.63
C MET K 577 2.32 5.69 -43.93
N SER K 578 2.79 5.07 -42.85
CA SER K 578 2.03 4.03 -42.19
C SER K 578 0.83 4.55 -41.42
N SER K 579 0.60 5.87 -41.40
CA SER K 579 -0.52 6.45 -40.66
C SER K 579 -1.21 7.49 -41.50
N GLY K 580 -2.55 7.52 -41.43
CA GLY K 580 -3.30 8.54 -42.14
C GLY K 580 -3.15 9.92 -41.52
N LYS K 581 -2.93 9.98 -40.21
CA LYS K 581 -2.76 11.26 -39.55
C LYS K 581 -1.36 11.83 -39.75
N MET K 582 -0.35 10.96 -39.84
CA MET K 582 1.00 11.44 -40.11
C MET K 582 1.10 12.16 -41.45
N VAL K 583 0.31 11.75 -42.44
CA VAL K 583 0.36 12.40 -43.75
C VAL K 583 -0.12 13.84 -43.66
N LEU K 584 -1.35 14.02 -43.16
CA LEU K 584 -1.89 15.37 -43.01
C LEU K 584 -1.02 16.22 -42.09
N LEU K 585 -0.47 15.62 -41.03
CA LEU K 585 0.38 16.37 -40.13
C LEU K 585 1.65 16.83 -40.81
N ASP K 586 2.29 15.97 -41.59
CA ASP K 586 3.52 16.35 -42.28
C ASP K 586 3.27 17.47 -43.28
N GLN K 587 2.19 17.35 -44.05
CA GLN K 587 1.85 18.42 -44.98
C GLN K 587 1.64 19.74 -44.25
N LEU K 588 0.88 19.70 -43.15
CA LEU K 588 0.64 20.91 -42.37
C LEU K 588 1.93 21.50 -41.85
N LEU K 589 2.87 20.66 -41.40
CA LEU K 589 4.10 21.19 -40.82
C LEU K 589 4.94 21.89 -41.88
N THR K 590 5.11 21.26 -43.04
CA THR K 590 5.87 21.93 -44.10
C THR K 590 5.22 23.24 -44.51
N ARG K 591 3.88 23.26 -44.59
CA ARG K 591 3.19 24.49 -44.95
C ARG K 591 3.37 25.57 -43.88
N LEU K 592 3.29 25.18 -42.61
CA LEU K 592 3.24 26.15 -41.52
C LEU K 592 4.62 26.69 -41.19
N LYS K 593 5.67 25.92 -41.48
CA LYS K 593 7.02 26.37 -41.13
C LYS K 593 7.40 27.63 -41.89
N LYS K 594 7.11 27.67 -43.20
CA LYS K 594 7.50 28.82 -44.00
C LYS K 594 6.72 30.06 -43.60
N ASP K 595 5.44 29.90 -43.25
CA ASP K 595 4.71 31.02 -42.67
C ASP K 595 5.21 31.28 -41.26
N GLY K 596 4.88 32.46 -40.73
CA GLY K 596 5.37 32.84 -39.42
C GLY K 596 4.52 32.34 -38.28
N HIS K 597 4.44 31.02 -38.11
CA HIS K 597 3.56 30.41 -37.12
C HIS K 597 4.32 29.41 -36.27
N ARG K 598 3.85 29.23 -35.04
CA ARG K 598 4.39 28.25 -34.11
C ARG K 598 3.28 27.28 -33.72
N VAL K 599 3.67 26.07 -33.33
CA VAL K 599 2.71 24.97 -33.19
C VAL K 599 2.79 24.36 -31.79
N LEU K 600 1.62 24.07 -31.23
CA LEU K 600 1.47 23.29 -30.01
C LEU K 600 0.67 22.04 -30.36
N ILE K 601 1.30 20.87 -30.21
CA ILE K 601 0.68 19.61 -30.57
C ILE K 601 0.29 18.86 -29.30
N PHE K 602 -1.00 18.60 -29.13
CA PHE K 602 -1.51 17.96 -27.92
C PHE K 602 -1.86 16.51 -28.18
N SER K 603 -1.57 15.64 -27.22
CA SER K 603 -1.95 14.25 -27.38
C SER K 603 -2.36 13.63 -26.04
N GLN K 604 -3.24 12.63 -26.10
CA GLN K 604 -3.64 11.91 -24.91
C GLN K 604 -2.60 10.89 -24.48
N MET K 605 -1.98 10.21 -25.43
CA MET K 605 -0.98 9.19 -25.14
C MET K 605 0.40 9.80 -25.24
N VAL K 606 1.26 9.54 -24.25
CA VAL K 606 2.64 10.01 -24.32
C VAL K 606 3.50 9.13 -25.21
N ARG K 607 3.03 7.92 -25.54
CA ARG K 607 3.73 7.10 -26.51
C ARG K 607 3.58 7.64 -27.93
N MET K 608 2.41 8.19 -28.25
CA MET K 608 2.27 8.90 -29.52
C MET K 608 3.18 10.12 -29.56
N LEU K 609 3.41 10.76 -28.41
CA LEU K 609 4.37 11.85 -28.36
C LEU K 609 5.79 11.37 -28.55
N ASP K 610 6.13 10.16 -28.12
CA ASP K 610 7.44 9.61 -28.47
C ASP K 610 7.58 9.40 -29.98
N ILE K 611 6.54 8.88 -30.63
CA ILE K 611 6.60 8.71 -32.08
C ILE K 611 6.76 10.05 -32.78
N LEU K 612 6.00 11.06 -32.35
CA LEU K 612 6.13 12.39 -32.95
C LEU K 612 7.51 13.00 -32.68
N GLY K 613 8.07 12.77 -31.50
CA GLY K 613 9.39 13.23 -31.18
C GLY K 613 10.49 12.52 -31.92
N ASP K 614 10.19 11.39 -32.53
CA ASP K 614 11.12 10.75 -33.45
C ASP K 614 10.99 11.23 -34.88
N TYR K 615 9.76 11.42 -35.37
CA TYR K 615 9.56 12.02 -36.68
C TYR K 615 10.21 13.40 -36.76
N LEU K 616 10.03 14.21 -35.72
CA LEU K 616 10.65 15.54 -35.68
C LEU K 616 12.15 15.49 -35.46
N SER K 617 12.67 14.41 -34.87
CA SER K 617 14.11 14.29 -34.69
C SER K 617 14.80 13.92 -36.00
N ILE K 618 14.25 12.96 -36.73
CA ILE K 618 14.83 12.60 -38.02
C ILE K 618 14.70 13.75 -38.99
N LYS K 619 13.54 14.44 -38.98
CA LYS K 619 13.37 15.59 -39.88
C LYS K 619 14.40 16.67 -39.59
N GLY K 620 14.65 16.96 -38.31
CA GLY K 620 15.58 17.97 -37.91
C GLY K 620 14.99 19.25 -37.35
N ILE K 621 13.76 19.22 -36.87
CA ILE K 621 13.10 20.40 -36.33
C ILE K 621 13.39 20.49 -34.83
N ASN K 622 13.44 21.71 -34.32
CA ASN K 622 13.66 21.95 -32.90
C ASN K 622 12.33 22.05 -32.17
N PHE K 623 12.17 21.24 -31.13
CA PHE K 623 10.89 21.14 -30.43
C PHE K 623 11.13 21.01 -28.94
N GLN K 624 10.08 21.29 -28.18
CA GLN K 624 10.07 21.07 -26.74
C GLN K 624 9.04 20.00 -26.41
N ARG K 625 9.15 19.41 -25.21
CA ARG K 625 8.29 18.30 -24.83
C ARG K 625 7.93 18.38 -23.36
N LEU K 626 6.63 18.36 -23.05
CA LEU K 626 6.15 18.42 -21.67
C LEU K 626 5.11 17.33 -21.45
N ASP K 627 5.45 16.35 -20.62
CA ASP K 627 4.53 15.29 -20.24
C ASP K 627 4.69 15.03 -18.76
N GLY K 628 4.00 14.00 -18.26
CA GLY K 628 3.97 13.70 -16.85
C GLY K 628 5.23 13.12 -16.26
N THR K 629 6.26 12.90 -17.08
CA THR K 629 7.54 12.42 -16.56
C THR K 629 8.56 13.54 -16.39
N VAL K 630 8.38 14.67 -17.07
CA VAL K 630 9.29 15.80 -16.97
C VAL K 630 9.11 16.46 -15.60
N PRO K 631 10.16 16.50 -14.78
CA PRO K 631 10.03 17.09 -13.45
C PRO K 631 9.81 18.59 -13.52
N SER K 632 9.28 19.13 -12.43
CA SER K 632 8.87 20.54 -12.41
C SER K 632 10.04 21.48 -12.67
N ALA K 633 11.26 21.06 -12.35
CA ALA K 633 12.42 21.92 -12.57
C ALA K 633 12.68 22.11 -14.06
N GLN K 634 12.56 21.04 -14.84
CA GLN K 634 12.81 21.12 -16.27
C GLN K 634 11.65 21.74 -17.04
N ARG K 635 10.44 21.74 -16.45
CA ARG K 635 9.28 22.25 -17.17
C ARG K 635 9.37 23.74 -17.40
N ARG K 636 9.71 24.52 -16.36
CA ARG K 636 9.81 25.95 -16.53
C ARG K 636 10.98 26.34 -17.42
N ILE K 637 12.07 25.58 -17.35
CA ILE K 637 13.17 25.74 -18.31
C ILE K 637 12.65 25.61 -19.73
N SER K 638 11.84 24.59 -19.99
CA SER K 638 11.31 24.40 -21.34
C SER K 638 10.38 25.53 -21.75
N ILE K 639 9.48 25.94 -20.85
CA ILE K 639 8.51 26.97 -21.20
C ILE K 639 9.21 28.29 -21.52
N ASP K 640 10.26 28.63 -20.77
CA ASP K 640 10.97 29.87 -21.07
C ASP K 640 11.86 29.74 -22.30
N HIS K 641 12.47 28.58 -22.53
CA HIS K 641 13.21 28.38 -23.76
C HIS K 641 12.31 28.49 -24.98
N PHE K 642 11.03 28.17 -24.83
CA PHE K 642 10.11 28.33 -25.95
C PHE K 642 9.65 29.78 -26.11
N ASN K 643 9.47 30.52 -25.02
CA ASN K 643 9.01 31.90 -25.12
C ASN K 643 10.14 32.92 -25.20
N SER K 644 11.38 32.49 -25.41
CA SER K 644 12.47 33.44 -25.57
C SER K 644 12.37 34.12 -26.94
N PRO K 645 12.78 35.39 -27.04
CA PRO K 645 12.71 36.08 -28.34
C PRO K 645 13.58 35.46 -29.40
N ASP K 646 14.75 34.93 -29.03
CA ASP K 646 15.64 34.24 -29.96
C ASP K 646 15.53 32.74 -29.75
N SER K 647 14.37 32.20 -30.11
CA SER K 647 14.04 30.80 -29.88
C SER K 647 14.02 30.05 -31.20
N ASN K 648 14.91 29.07 -31.34
CA ASN K 648 14.93 28.22 -32.53
C ASN K 648 13.92 27.09 -32.46
N ASP K 649 13.16 26.98 -31.38
CA ASP K 649 12.13 25.96 -31.29
C ASP K 649 10.96 26.29 -32.20
N PHE K 650 10.42 25.27 -32.85
CA PHE K 650 9.29 25.45 -33.74
C PHE K 650 7.99 24.90 -33.17
N VAL K 651 8.00 23.70 -32.59
CA VAL K 651 6.79 23.11 -32.04
C VAL K 651 7.01 22.69 -30.59
N PHE K 652 5.90 22.48 -29.90
CA PHE K 652 5.90 22.04 -28.51
C PHE K 652 4.95 20.85 -28.40
N LEU K 653 5.50 19.67 -28.11
CA LEU K 653 4.71 18.47 -27.85
C LEU K 653 4.24 18.50 -26.41
N LEU K 654 2.92 18.38 -26.22
CA LEU K 654 2.32 18.50 -24.91
C LEU K 654 1.35 17.37 -24.65
N SER K 655 1.48 16.75 -23.48
CA SER K 655 0.40 15.92 -22.98
C SER K 655 -0.81 16.79 -22.68
N THR K 656 -1.99 16.28 -23.01
CA THR K 656 -3.20 17.12 -22.95
C THR K 656 -3.55 17.51 -21.53
N ARG K 657 -3.42 16.59 -20.58
CA ARG K 657 -3.87 16.83 -19.22
C ARG K 657 -2.75 17.20 -18.27
N ALA K 658 -1.50 17.24 -18.74
CA ALA K 658 -0.37 17.53 -17.88
C ALA K 658 -0.18 19.03 -17.73
N GLY K 659 0.57 19.40 -16.69
CA GLY K 659 1.02 20.75 -16.50
C GLY K 659 0.13 21.59 -15.60
N GLY K 660 -1.15 21.35 -15.59
CA GLY K 660 -2.07 22.18 -14.83
C GLY K 660 -2.49 23.40 -15.60
N LEU K 661 -3.03 24.38 -14.87
CA LEU K 661 -3.62 25.56 -15.46
C LEU K 661 -2.67 26.75 -15.53
N GLY K 662 -1.42 26.56 -15.12
CA GLY K 662 -0.47 27.66 -15.06
C GLY K 662 0.42 27.83 -16.26
N ILE K 663 0.39 26.90 -17.22
CA ILE K 663 1.26 27.01 -18.38
C ILE K 663 0.79 28.14 -19.27
N ASN K 664 1.75 28.89 -19.81
CA ASN K 664 1.47 30.10 -20.59
C ASN K 664 2.41 30.09 -21.80
N LEU K 665 1.89 29.69 -22.96
CA LEU K 665 2.68 29.69 -24.19
C LEU K 665 2.05 30.61 -25.23
N MET K 666 1.84 31.88 -24.88
CA MET K 666 1.13 32.79 -25.75
C MET K 666 1.92 33.16 -27.00
N THR K 667 3.20 32.79 -27.08
CA THR K 667 4.00 33.10 -28.25
C THR K 667 3.65 32.21 -29.43
N ALA K 668 3.16 31.01 -29.17
CA ALA K 668 2.76 30.11 -30.24
C ALA K 668 1.43 30.57 -30.85
N ASP K 669 1.16 30.07 -32.04
CA ASP K 669 0.00 30.52 -32.81
C ASP K 669 -0.96 29.41 -33.20
N THR K 670 -0.45 28.26 -33.63
CA THR K 670 -1.27 27.17 -34.10
C THR K 670 -1.34 26.07 -33.03
N VAL K 671 -2.51 25.44 -32.91
CA VAL K 671 -2.74 24.36 -31.96
C VAL K 671 -3.30 23.18 -32.72
N VAL K 672 -2.63 22.03 -32.63
CA VAL K 672 -3.03 20.82 -33.33
C VAL K 672 -3.47 19.81 -32.28
N ILE K 673 -4.77 19.56 -32.21
CA ILE K 673 -5.32 18.51 -31.38
C ILE K 673 -5.20 17.19 -32.12
N PHE K 674 -4.14 16.43 -31.78
CA PHE K 674 -3.91 15.15 -32.43
C PHE K 674 -4.89 14.09 -31.94
N ASP K 675 -5.05 13.97 -30.63
CA ASP K 675 -5.99 13.04 -30.02
C ASP K 675 -7.05 13.83 -29.27
N SER K 676 -8.31 13.41 -29.40
CA SER K 676 -9.40 14.07 -28.72
C SER K 676 -9.64 13.46 -27.34
N ASP K 677 -10.53 14.09 -26.59
CA ASP K 677 -10.78 13.71 -25.20
C ASP K 677 -12.27 13.49 -24.99
N TRP K 678 -12.60 12.62 -24.05
CA TRP K 678 -14.00 12.43 -23.68
C TRP K 678 -14.56 13.68 -23.01
N ASN K 679 -13.71 14.51 -22.43
CA ASN K 679 -14.13 15.72 -21.76
C ASN K 679 -13.77 16.92 -22.63
N PRO K 680 -14.75 17.71 -23.09
CA PRO K 680 -14.41 18.84 -23.97
C PRO K 680 -13.64 19.93 -23.29
N GLN K 681 -13.89 20.17 -22.00
CA GLN K 681 -13.17 21.19 -21.27
C GLN K 681 -11.67 20.88 -21.21
N ALA K 682 -11.30 19.60 -21.24
CA ALA K 682 -9.89 19.25 -21.23
C ALA K 682 -9.18 19.71 -22.50
N ASP K 683 -9.90 19.81 -23.61
CA ASP K 683 -9.31 20.33 -24.84
C ASP K 683 -9.41 21.84 -24.93
N LEU K 684 -10.46 22.42 -24.35
CA LEU K 684 -10.53 23.88 -24.28
C LEU K 684 -9.39 24.43 -23.41
N GLN K 685 -9.06 23.74 -22.33
CA GLN K 685 -7.93 24.17 -21.50
C GLN K 685 -6.61 24.03 -22.24
N ALA K 686 -6.51 23.08 -23.16
CA ALA K 686 -5.31 22.97 -23.97
C ALA K 686 -5.24 24.08 -25.01
N MET K 687 -6.38 24.55 -25.49
CA MET K 687 -6.35 25.70 -26.39
C MET K 687 -6.03 27.00 -25.65
N ALA K 688 -6.42 27.10 -24.38
CA ALA K 688 -6.19 28.31 -23.60
C ALA K 688 -4.72 28.51 -23.23
N ARG K 689 -3.85 27.55 -23.53
CA ARG K 689 -2.42 27.77 -23.32
C ARG K 689 -1.81 28.64 -24.40
N ALA K 690 -2.56 28.96 -25.44
CA ALA K 690 -2.15 29.92 -26.45
C ALA K 690 -3.17 31.02 -26.69
N HIS K 691 -4.43 30.82 -26.33
CA HIS K 691 -5.47 31.81 -26.52
C HIS K 691 -5.87 32.38 -25.16
N ARG K 692 -5.00 33.23 -24.63
CA ARG K 692 -5.19 33.85 -23.32
C ARG K 692 -4.99 35.35 -23.43
N ILE K 693 -5.19 36.03 -22.32
CA ILE K 693 -4.99 37.48 -22.25
C ILE K 693 -3.51 37.77 -22.51
N GLY K 694 -3.23 38.42 -23.64
CA GLY K 694 -1.85 38.68 -24.01
C GLY K 694 -1.54 38.17 -25.41
N GLN K 695 -2.38 37.25 -25.89
CA GLN K 695 -2.24 36.77 -27.26
C GLN K 695 -2.47 37.90 -28.24
N LYS K 696 -1.64 37.97 -29.27
CA LYS K 696 -1.69 39.07 -30.22
C LYS K 696 -1.86 38.61 -31.67
N ASN K 697 -2.07 37.31 -31.91
CA ASN K 697 -2.31 36.79 -33.24
C ASN K 697 -3.60 35.99 -33.24
N HIS K 698 -4.05 35.61 -34.43
CA HIS K 698 -5.26 34.82 -34.56
C HIS K 698 -4.92 33.34 -34.38
N VAL K 699 -5.47 32.74 -33.33
CA VAL K 699 -5.15 31.35 -32.99
C VAL K 699 -5.92 30.43 -33.92
N MET K 700 -5.20 29.49 -34.54
CA MET K 700 -5.78 28.52 -35.47
C MET K 700 -5.66 27.12 -34.89
N VAL K 701 -6.78 26.40 -34.84
CA VAL K 701 -6.85 25.08 -34.25
C VAL K 701 -7.14 24.05 -35.34
N TYR K 702 -6.47 22.91 -35.26
CA TYR K 702 -6.61 21.82 -36.22
C TYR K 702 -6.88 20.53 -35.46
N ARG K 703 -8.11 20.02 -35.55
CA ARG K 703 -8.44 18.71 -35.02
C ARG K 703 -8.15 17.63 -36.05
N LEU K 704 -7.53 16.54 -35.61
CA LEU K 704 -7.26 15.42 -36.50
C LEU K 704 -8.16 14.24 -36.12
N VAL K 705 -9.04 13.85 -37.05
CA VAL K 705 -10.00 12.78 -36.82
C VAL K 705 -9.81 11.72 -37.89
N SER K 706 -9.97 10.46 -37.51
CA SER K 706 -9.95 9.34 -38.44
C SER K 706 -11.39 8.93 -38.72
N LYS K 707 -11.79 8.98 -39.98
CA LYS K 707 -13.16 8.72 -40.35
C LYS K 707 -13.48 7.23 -40.27
N ASP K 708 -14.71 6.92 -39.88
CA ASP K 708 -15.17 5.54 -39.73
C ASP K 708 -14.34 4.78 -38.69
N THR K 709 -14.04 5.44 -37.58
CA THR K 709 -13.37 4.84 -36.44
C THR K 709 -14.10 5.25 -35.17
N VAL K 710 -13.60 4.76 -34.04
CA VAL K 710 -14.19 5.14 -32.75
C VAL K 710 -13.90 6.59 -32.41
N GLU K 711 -12.91 7.20 -33.05
CA GLU K 711 -12.61 8.60 -32.81
C GLU K 711 -13.83 9.48 -33.05
N GLU K 712 -14.61 9.17 -34.08
CA GLU K 712 -15.82 9.94 -34.35
C GLU K 712 -16.87 9.78 -33.27
N GLU K 713 -16.86 8.67 -32.53
CA GLU K 713 -17.76 8.53 -31.41
C GLU K 713 -17.35 9.40 -30.23
N VAL K 714 -16.07 9.79 -30.18
CA VAL K 714 -15.64 10.69 -29.12
C VAL K 714 -16.13 12.10 -29.40
N LEU K 715 -15.78 12.64 -30.57
CA LEU K 715 -16.21 13.99 -30.94
C LEU K 715 -17.71 14.18 -30.75
N GLU K 716 -18.51 13.26 -31.29
CA GLU K 716 -19.95 13.36 -31.12
C GLU K 716 -20.32 13.41 -29.65
N ARG K 717 -19.79 12.48 -28.85
CA ARG K 717 -20.12 12.48 -27.43
C ARG K 717 -19.59 13.74 -26.75
N ALA K 718 -18.49 14.31 -27.26
CA ALA K 718 -18.03 15.58 -26.73
C ALA K 718 -19.00 16.69 -27.06
N ARG K 719 -19.52 16.69 -28.30
CA ARG K 719 -20.38 17.79 -28.73
C ARG K 719 -21.63 17.88 -27.87
N LYS K 720 -22.28 16.74 -27.59
CA LYS K 720 -23.39 16.73 -26.66
C LYS K 720 -23.02 17.45 -25.37
N LYS K 721 -21.87 17.13 -24.79
CA LYS K 721 -21.47 17.79 -23.56
C LYS K 721 -21.31 19.29 -23.76
N MET K 722 -20.68 19.70 -24.87
CA MET K 722 -20.52 21.12 -25.14
C MET K 722 -21.86 21.82 -25.24
N ILE K 723 -22.91 21.09 -25.61
CA ILE K 723 -24.22 21.69 -25.70
C ILE K 723 -24.89 21.72 -24.33
N LEU K 724 -24.70 20.68 -23.52
CA LEU K 724 -25.32 20.66 -22.20
C LEU K 724 -24.79 21.81 -21.35
N GLU K 725 -23.49 22.07 -21.39
CA GLU K 725 -22.93 23.18 -20.63
C GLU K 725 -23.42 24.51 -21.15
N TYR K 726 -23.79 24.59 -22.42
CA TYR K 726 -24.34 25.84 -22.93
C TYR K 726 -25.82 26.00 -22.59
N ALA K 727 -26.47 24.93 -22.13
CA ALA K 727 -27.89 24.97 -21.82
C ALA K 727 -28.18 25.16 -20.34
N ILE K 728 -27.21 24.89 -19.48
CA ILE K 728 -27.41 24.97 -18.04
C ILE K 728 -26.65 26.14 -17.42
N ILE K 729 -25.48 26.50 -17.97
CA ILE K 729 -24.62 27.51 -17.38
C ILE K 729 -24.42 28.70 -18.31
N SER K 730 -24.03 28.44 -19.56
CA SER K 730 -23.61 29.50 -20.48
C SER K 730 -24.77 30.17 -21.21
N LEU K 731 -25.89 30.41 -20.53
CA LEU K 731 -26.97 31.17 -21.13
C LEU K 731 -27.02 32.61 -20.65
N GLY K 732 -26.22 32.96 -19.65
CA GLY K 732 -26.16 34.33 -19.15
C GLY K 732 -24.75 34.65 -18.66
N ARG K 886 -22.73 31.18 28.67
CA ARG K 886 -22.06 30.67 29.87
C ARG K 886 -23.07 30.37 30.96
N ALA K 887 -22.62 30.47 32.22
CA ALA K 887 -23.50 30.32 33.36
C ALA K 887 -23.89 31.66 33.97
N ARG K 888 -23.25 32.75 33.56
CA ARG K 888 -23.62 34.09 34.00
C ARG K 888 -23.91 34.96 32.78
N ALA K 889 -24.88 35.85 32.93
CA ALA K 889 -25.31 36.71 31.84
C ALA K 889 -24.43 37.95 31.76
N ASN K 890 -24.39 38.55 30.57
CA ASN K 890 -23.62 39.77 30.34
C ASN K 890 -24.49 40.99 30.52
N ASP K 891 -24.16 42.07 29.81
CA ASP K 891 -24.93 43.30 29.88
C ASP K 891 -24.79 44.09 28.57
N MET K 892 -24.90 45.41 28.66
CA MET K 892 -24.76 46.26 27.48
C MET K 892 -23.74 47.36 27.72
N ASP K 893 -24.08 48.32 28.59
CA ASP K 893 -23.22 49.47 28.85
C ASP K 893 -23.08 49.76 30.35
N SER K 894 -23.41 48.79 31.20
CA SER K 894 -23.29 48.98 32.65
C SER K 894 -21.83 48.85 33.07
N ILE K 895 -21.36 49.82 33.84
CA ILE K 895 -19.97 49.86 34.28
C ILE K 895 -19.85 49.17 35.62
N GLY K 896 -18.97 48.17 35.71
CA GLY K 896 -18.73 47.43 36.92
C GLY K 896 -17.38 47.74 37.55
N GLU K 897 -17.01 46.91 38.52
CA GLU K 897 -15.75 47.10 39.22
C GLU K 897 -14.56 46.84 38.29
N SER K 898 -14.61 45.74 37.54
CA SER K 898 -13.55 45.46 36.58
C SER K 898 -13.49 46.51 35.47
N GLU K 899 -14.65 47.04 35.06
CA GLU K 899 -14.64 48.12 34.08
C GLU K 899 -13.98 49.38 34.63
N VAL K 900 -14.23 49.71 35.90
CA VAL K 900 -13.60 50.88 36.49
C VAL K 900 -12.11 50.67 36.66
N ARG K 901 -11.71 49.47 37.10
CA ARG K 901 -10.27 49.20 37.22
C ARG K 901 -9.58 49.24 35.87
N ALA K 902 -10.26 48.78 34.81
CA ALA K 902 -9.69 48.86 33.47
C ALA K 902 -9.55 50.31 33.03
N LEU K 903 -10.58 51.13 33.26
CA LEU K 903 -10.47 52.55 32.91
C LEU K 903 -9.46 53.27 33.78
N TYR K 904 -9.23 52.79 35.01
CA TYR K 904 -8.26 53.42 35.89
C TYR K 904 -6.84 53.09 35.47
N LYS K 905 -6.59 51.82 35.10
CA LYS K 905 -5.30 51.46 34.54
C LYS K 905 -5.09 52.09 33.17
N ALA K 906 -6.17 52.35 32.44
CA ALA K 906 -6.06 53.06 31.16
C ALA K 906 -5.72 54.52 31.38
N ILE K 907 -6.31 55.15 32.40
CA ILE K 907 -5.91 56.49 32.80
C ILE K 907 -4.54 56.51 33.47
N LEU K 908 -4.02 55.34 33.83
CA LEU K 908 -2.65 55.21 34.30
C LEU K 908 -1.66 54.95 33.16
N LYS K 909 -2.13 54.92 31.91
CA LYS K 909 -1.28 54.66 30.77
C LYS K 909 -1.54 55.66 29.65
N PHE K 910 -2.49 55.33 28.77
CA PHE K 910 -2.79 56.20 27.63
C PHE K 910 -3.43 57.51 28.08
N GLY K 911 -4.25 57.49 29.13
CA GLY K 911 -4.91 58.68 29.62
C GLY K 911 -6.00 59.18 28.69
N ASN K 912 -5.67 60.19 27.88
CA ASN K 912 -6.65 60.78 26.97
C ASN K 912 -7.03 59.79 25.87
N LEU K 913 -8.00 58.93 26.15
CA LEU K 913 -8.43 57.89 25.21
C LEU K 913 -9.79 58.19 24.59
N LYS K 914 -10.29 59.41 24.74
CA LYS K 914 -11.57 59.75 24.12
C LYS K 914 -11.51 59.58 22.60
N GLU K 915 -10.40 60.01 21.99
CA GLU K 915 -10.20 59.82 20.56
C GLU K 915 -9.64 58.44 20.23
N ILE K 916 -9.37 57.61 21.23
CA ILE K 916 -8.85 56.27 21.00
C ILE K 916 -9.67 55.27 21.82
N LEU K 917 -10.98 55.33 21.69
CA LEU K 917 -11.87 54.42 22.41
C LEU K 917 -12.14 53.14 21.63
N ASP K 918 -12.37 53.25 20.33
CA ASP K 918 -12.62 52.06 19.51
C ASP K 918 -11.38 51.18 19.41
N GLU K 919 -10.19 51.79 19.52
CA GLU K 919 -8.96 51.01 19.44
C GLU K 919 -8.80 50.09 20.65
N LEU K 920 -8.90 50.65 21.86
CA LEU K 920 -8.77 49.84 23.06
C LEU K 920 -9.89 48.83 23.19
N ILE K 921 -11.07 49.14 22.65
CA ILE K 921 -12.16 48.18 22.64
C ILE K 921 -11.96 47.10 21.59
N ALA K 922 -11.07 47.35 20.62
CA ALA K 922 -10.81 46.35 19.58
C ALA K 922 -9.85 45.28 20.09
N ASP K 923 -8.74 45.69 20.70
CA ASP K 923 -7.74 44.76 21.20
C ASP K 923 -8.16 44.11 22.51
N GLY K 924 -9.34 44.40 23.04
CA GLY K 924 -9.85 43.75 24.22
C GLY K 924 -9.43 44.34 25.54
N THR K 925 -8.80 45.52 25.55
CA THR K 925 -8.42 46.15 26.81
C THR K 925 -9.67 46.50 27.63
N LEU K 926 -10.50 47.38 27.11
CA LEU K 926 -11.74 47.68 27.80
C LEU K 926 -12.82 46.68 27.39
N PRO K 927 -13.73 46.33 28.30
CA PRO K 927 -14.80 45.40 27.96
C PRO K 927 -15.70 45.95 26.86
N VAL K 928 -16.54 45.06 26.32
CA VAL K 928 -17.44 45.40 25.23
C VAL K 928 -18.49 46.39 25.72
N LYS K 929 -18.15 47.68 25.72
CA LYS K 929 -19.05 48.73 26.15
C LYS K 929 -19.04 49.85 25.11
N SER K 930 -20.11 50.64 25.10
CA SER K 930 -20.20 51.75 24.18
C SER K 930 -19.14 52.81 24.50
N PHE K 931 -18.62 53.43 23.44
CA PHE K 931 -17.65 54.50 23.60
C PHE K 931 -18.24 55.69 24.34
N GLU K 932 -19.56 55.88 24.25
CA GLU K 932 -20.21 56.99 24.96
C GLU K 932 -20.09 56.81 26.47
N LYS K 933 -20.38 55.61 26.98
CA LYS K 933 -20.28 55.37 28.41
C LYS K 933 -18.85 55.50 28.89
N TYR K 934 -17.87 55.09 28.06
CA TYR K 934 -16.47 55.28 28.42
C TYR K 934 -16.11 56.75 28.51
N GLY K 935 -16.56 57.56 27.54
CA GLY K 935 -16.32 58.99 27.63
C GLY K 935 -16.98 59.64 28.84
N GLU K 936 -18.20 59.20 29.16
CA GLU K 936 -18.89 59.70 30.34
C GLU K 936 -18.11 59.36 31.60
N THR K 937 -17.69 58.11 31.74
CA THR K 937 -16.93 57.70 32.91
C THR K 937 -15.57 58.37 32.97
N TYR K 938 -14.99 58.72 31.81
CA TYR K 938 -13.71 59.42 31.82
C TYR K 938 -13.87 60.85 32.30
N ASP K 939 -14.92 61.53 31.85
CA ASP K 939 -15.22 62.85 32.40
C ASP K 939 -15.50 62.78 33.89
N GLU K 940 -16.24 61.76 34.33
CA GLU K 940 -16.49 61.57 35.76
C GLU K 940 -15.20 61.28 36.52
N MET K 941 -14.29 60.51 35.91
CA MET K 941 -13.01 60.19 36.54
C MET K 941 -12.18 61.44 36.75
N MET K 942 -12.00 62.23 35.68
CA MET K 942 -11.21 63.45 35.81
C MET K 942 -11.87 64.47 36.73
N GLU K 943 -13.21 64.49 36.79
CA GLU K 943 -13.88 65.44 37.67
C GLU K 943 -13.74 65.03 39.13
N ALA K 944 -13.91 63.74 39.43
CA ALA K 944 -13.68 63.26 40.78
C ALA K 944 -12.23 63.47 41.21
N ALA K 945 -11.28 63.36 40.27
CA ALA K 945 -9.89 63.64 40.60
C ALA K 945 -9.63 65.13 40.83
N LYS K 946 -10.23 66.00 40.02
CA LYS K 946 -10.07 67.44 40.22
C LYS K 946 -10.68 67.88 41.55
N ASP K 947 -11.84 67.33 41.90
CA ASP K 947 -12.43 67.59 43.20
C ASP K 947 -11.61 66.98 44.34
N CYS K 948 -10.94 65.85 44.10
CA CYS K 948 -10.03 65.30 45.10
C CYS K 948 -8.85 66.23 45.35
N VAL K 949 -8.23 66.75 44.28
CA VAL K 949 -7.09 67.64 44.46
C VAL K 949 -7.54 68.96 45.07
N HIS K 950 -8.77 69.41 44.78
CA HIS K 950 -9.28 70.62 45.43
C HIS K 950 -9.46 70.40 46.93
N GLU K 951 -10.07 69.29 47.33
CA GLU K 951 -10.19 68.96 48.74
C GLU K 951 -8.83 68.78 49.39
N GLU K 952 -7.87 68.21 48.66
CA GLU K 952 -6.51 68.06 49.19
C GLU K 952 -5.81 69.39 49.36
N GLU K 953 -6.09 70.34 48.46
CA GLU K 953 -5.54 71.69 48.59
C GLU K 953 -6.07 72.37 49.84
N LYS K 954 -7.39 72.28 50.06
CA LYS K 954 -7.96 72.88 51.26
C LYS K 954 -7.55 72.12 52.53
N ASN K 955 -7.16 70.85 52.41
CA ASN K 955 -6.72 70.07 53.56
C ASN K 955 -5.22 70.12 53.79
N ARG K 956 -4.45 70.73 52.90
CA ARG K 956 -3.01 70.89 53.08
C ARG K 956 -2.63 72.23 53.68
N LYS K 957 -3.49 73.24 53.57
CA LYS K 957 -3.24 74.57 54.13
C LYS K 957 -4.04 74.81 55.40
N GLU K 958 -4.39 73.75 56.13
CA GLU K 958 -5.16 73.92 57.35
C GLU K 958 -4.28 74.21 58.56
N ILE K 959 -3.14 73.54 58.67
CA ILE K 959 -2.21 73.74 59.78
C ILE K 959 -0.81 74.06 59.27
N LEU K 960 -0.68 74.44 58.01
CA LEU K 960 0.63 74.75 57.42
C LEU K 960 1.21 76.03 58.01
N VAL K 1003 -3.12 60.81 48.98
CA VAL K 1003 -4.08 61.39 48.04
C VAL K 1003 -4.73 60.28 47.21
N LEU K 1004 -5.82 59.72 47.73
CA LEU K 1004 -6.56 58.66 47.05
C LEU K 1004 -8.05 58.94 47.18
N PHE K 1005 -8.82 58.44 46.23
CA PHE K 1005 -10.27 58.57 46.26
C PHE K 1005 -10.90 57.36 45.59
N ASN K 1006 -11.95 56.83 46.21
CA ASN K 1006 -12.65 55.68 45.66
C ASN K 1006 -13.68 56.14 44.62
N PHE K 1007 -13.82 55.35 43.55
CA PHE K 1007 -14.74 55.69 42.46
C PHE K 1007 -15.50 54.42 42.08
N LYS K 1008 -16.80 54.41 42.37
CA LYS K 1008 -17.70 53.31 42.00
C LYS K 1008 -17.24 51.98 42.60
N GLY K 1009 -16.60 52.02 43.77
CA GLY K 1009 -16.21 50.85 44.51
C GLY K 1009 -14.71 50.59 44.53
N VAL K 1010 -14.00 50.98 43.47
CA VAL K 1010 -12.56 50.71 43.37
C VAL K 1010 -11.83 51.65 44.31
N LYS K 1011 -11.22 51.10 45.37
CA LYS K 1011 -10.50 51.90 46.34
C LYS K 1011 -9.10 52.22 45.84
N SER K 1012 -8.50 53.23 46.46
CA SER K 1012 -7.13 53.66 46.18
C SER K 1012 -6.95 54.06 44.72
N LEU K 1013 -7.22 55.33 44.41
CA LEU K 1013 -7.03 55.89 43.06
C LEU K 1013 -6.32 57.22 43.21
N ASN K 1014 -5.04 57.26 42.82
CA ASN K 1014 -4.22 58.45 42.95
C ASN K 1014 -4.74 59.52 41.99
N ALA K 1015 -5.27 60.61 42.54
CA ALA K 1015 -5.80 61.69 41.71
C ALA K 1015 -4.70 62.65 41.26
N GLU K 1016 -3.82 63.05 42.18
CA GLU K 1016 -2.76 63.98 41.84
C GLU K 1016 -1.83 63.40 40.77
N SER K 1017 -1.32 62.19 41.00
CA SER K 1017 -0.41 61.57 40.05
C SER K 1017 -1.09 61.35 38.70
N LEU K 1018 -2.37 60.96 38.72
CA LEU K 1018 -3.08 60.69 37.46
C LEU K 1018 -3.27 61.97 36.66
N LEU K 1019 -3.73 63.04 37.30
CA LEU K 1019 -3.96 64.29 36.56
C LEU K 1019 -2.65 64.88 36.07
N SER K 1020 -1.60 64.83 36.90
CA SER K 1020 -0.29 65.30 36.45
C SER K 1020 0.24 64.44 35.31
N ARG K 1021 -0.06 63.15 35.30
CA ARG K 1021 0.34 62.29 34.19
C ARG K 1021 -0.46 62.60 32.93
N VAL K 1022 -1.73 62.95 33.09
CA VAL K 1022 -2.54 63.37 31.95
C VAL K 1022 -1.92 64.59 31.29
N GLU K 1023 -1.54 65.57 32.12
CA GLU K 1023 -0.87 66.75 31.58
C GLU K 1023 0.49 66.40 30.96
N ASP K 1024 1.22 65.45 31.55
CA ASP K 1024 2.49 65.01 30.97
C ASP K 1024 2.30 64.40 29.58
N LEU K 1025 1.37 63.45 29.46
CA LEU K 1025 1.16 62.78 28.18
C LEU K 1025 0.60 63.74 27.13
N LYS K 1026 -0.27 64.67 27.53
CA LYS K 1026 -0.80 65.64 26.58
C LYS K 1026 0.29 66.59 26.11
N TYR K 1027 1.18 67.01 27.02
CA TYR K 1027 2.32 67.83 26.62
C TYR K 1027 3.18 67.10 25.58
N LEU K 1028 3.52 65.84 25.85
CA LEU K 1028 4.34 65.10 24.89
C LEU K 1028 3.62 64.90 23.57
N LYS K 1029 2.30 64.69 23.59
CA LYS K 1029 1.55 64.53 22.34
C LYS K 1029 1.61 65.79 21.49
N ASN K 1030 1.24 66.94 22.07
CA ASN K 1030 1.31 68.15 21.26
C ASN K 1030 2.74 68.60 20.97
N LEU K 1031 3.74 67.94 21.57
CA LEU K 1031 5.12 68.18 21.18
C LEU K 1031 5.63 67.22 20.11
N ILE K 1032 4.97 66.09 19.89
CA ILE K 1032 5.43 65.13 18.90
C ILE K 1032 4.43 64.88 17.77
N ASN K 1033 3.13 65.12 17.97
CA ASN K 1033 2.16 64.87 16.90
C ASN K 1033 2.26 65.90 15.79
N SER K 1034 2.86 67.06 16.04
CA SER K 1034 3.01 68.09 15.04
C SER K 1034 4.46 68.32 14.62
N ASN K 1035 5.43 67.88 15.42
CA ASN K 1035 6.84 68.10 15.10
C ASN K 1035 7.37 66.95 14.23
N TYR K 1036 7.53 65.77 14.81
CA TYR K 1036 8.01 64.62 14.06
C TYR K 1036 6.87 63.61 13.87
N LYS K 1037 5.81 64.04 13.18
CA LYS K 1037 4.64 63.19 13.00
C LYS K 1037 4.92 62.05 12.03
N ASP K 1038 5.38 62.39 10.82
CA ASP K 1038 5.64 61.40 9.79
C ASP K 1038 6.92 60.61 10.02
N ASP K 1039 7.54 60.73 11.19
CA ASP K 1039 8.74 60.00 11.53
C ASP K 1039 8.96 60.03 13.04
N PRO K 1040 8.22 59.22 13.81
CA PRO K 1040 8.41 59.23 15.28
C PRO K 1040 9.79 58.79 15.71
N LEU K 1041 10.46 57.93 14.92
CA LEU K 1041 11.80 57.49 15.28
C LEU K 1041 12.80 58.63 15.13
N LYS K 1042 12.75 59.35 14.02
CA LYS K 1042 13.65 60.49 13.80
C LYS K 1042 13.23 61.64 14.72
N PHE K 1043 13.80 61.69 15.91
CA PHE K 1043 13.44 62.67 16.92
C PHE K 1043 14.71 63.29 17.52
N SER K 1044 14.65 64.59 17.81
CA SER K 1044 15.80 65.33 18.30
C SER K 1044 15.39 66.13 19.53
N LEU K 1045 16.04 65.85 20.66
CA LEU K 1045 15.78 66.60 21.87
C LEU K 1045 16.42 67.98 21.79
N GLY K 1046 16.22 68.78 22.84
CA GLY K 1046 16.77 70.13 22.85
C GLY K 1046 18.28 70.12 22.99
N ASN K 1047 18.90 71.21 22.53
CA ASN K 1047 20.36 71.32 22.60
C ASN K 1047 20.84 71.28 24.04
N ASN K 1048 20.14 71.96 24.95
CA ASN K 1048 20.46 71.84 26.36
C ASN K 1048 20.16 70.43 26.86
N THR K 1049 21.08 69.89 27.66
CA THR K 1049 20.95 68.51 28.11
C THR K 1049 20.73 68.46 29.61
N PRO K 1050 19.72 67.74 30.08
CA PRO K 1050 19.54 67.58 31.53
C PRO K 1050 20.69 66.81 32.14
N LYS K 1051 20.83 66.95 33.46
CA LYS K 1051 21.87 66.25 34.21
C LYS K 1051 21.68 64.74 34.04
N PRO K 1052 22.78 63.96 34.04
CA PRO K 1052 22.64 62.52 33.83
C PRO K 1052 21.94 61.81 34.97
N VAL K 1053 21.79 60.48 34.85
CA VAL K 1053 21.12 59.67 35.86
C VAL K 1053 22.06 59.45 37.03
N GLN K 1054 21.65 58.59 37.96
CA GLN K 1054 22.46 58.26 39.13
C GLN K 1054 23.33 57.03 38.89
N ASN K 1055 24.12 57.08 37.82
CA ASN K 1055 25.08 56.03 37.47
C ASN K 1055 24.39 54.67 37.30
N TRP K 1056 23.81 54.43 36.14
CA TRP K 1056 23.16 53.16 35.85
C TRP K 1056 24.18 52.15 35.31
N SER K 1057 23.74 50.90 35.21
CA SER K 1057 24.61 49.83 34.75
C SER K 1057 24.95 49.92 33.26
N SER K 1058 24.28 50.79 32.51
CA SER K 1058 24.53 50.97 31.10
C SER K 1058 25.03 52.39 30.84
N ASN K 1059 25.54 52.62 29.63
CA ASN K 1059 26.02 53.94 29.23
C ASN K 1059 24.82 54.78 28.79
N TRP K 1060 24.05 55.22 29.78
CA TRP K 1060 22.83 55.97 29.54
C TRP K 1060 23.20 57.40 29.18
N THR K 1061 23.21 57.70 27.89
CA THR K 1061 23.55 59.01 27.38
C THR K 1061 22.27 59.77 27.02
N LYS K 1062 22.37 60.75 26.11
CA LYS K 1062 21.21 61.54 25.74
C LYS K 1062 20.32 60.79 24.75
N GLU K 1063 20.93 60.00 23.85
CA GLU K 1063 20.15 59.22 22.89
C GLU K 1063 19.25 58.22 23.60
N GLU K 1064 19.71 57.64 24.72
CA GLU K 1064 18.86 56.76 25.49
C GLU K 1064 17.64 57.49 26.04
N ASP K 1065 17.82 58.74 26.48
CA ASP K 1065 16.69 59.54 26.95
C ASP K 1065 15.70 59.82 25.81
N GLU K 1066 16.20 60.18 24.63
CA GLU K 1066 15.31 60.45 23.50
C GLU K 1066 14.52 59.19 23.11
N LYS K 1067 15.20 58.05 23.05
CA LYS K 1067 14.51 56.81 22.71
C LYS K 1067 13.47 56.44 23.76
N LEU K 1068 13.76 56.71 25.04
CA LEU K 1068 12.76 56.47 26.08
C LEU K 1068 11.53 57.36 25.89
N LEU K 1069 11.75 58.62 25.51
CA LEU K 1069 10.63 59.50 25.22
C LEU K 1069 9.78 58.98 24.07
N ILE K 1070 10.40 58.42 23.03
CA ILE K 1070 9.60 57.83 21.95
C ILE K 1070 8.92 56.53 22.39
N GLY K 1071 9.53 55.77 23.29
CA GLY K 1071 8.94 54.53 23.73
C GLY K 1071 7.67 54.72 24.52
N VAL K 1072 7.66 55.71 25.42
CA VAL K 1072 6.41 55.99 26.14
C VAL K 1072 5.33 56.49 25.19
N PHE K 1073 5.71 57.12 24.08
CA PHE K 1073 4.73 57.58 23.11
C PHE K 1073 4.13 56.43 22.32
N LYS K 1074 4.94 55.43 21.98
CA LYS K 1074 4.45 54.32 21.15
C LYS K 1074 3.84 53.18 21.96
N TYR K 1075 4.43 52.80 23.08
CA TYR K 1075 3.97 51.66 23.85
C TYR K 1075 3.32 52.03 25.17
N GLY K 1076 3.40 53.28 25.60
CA GLY K 1076 2.72 53.72 26.80
C GLY K 1076 3.56 53.56 28.06
N TYR K 1077 2.93 53.93 29.17
CA TYR K 1077 3.57 53.88 30.47
C TYR K 1077 3.25 52.55 31.16
N GLY K 1078 4.19 52.09 31.98
CA GLY K 1078 4.02 50.85 32.71
C GLY K 1078 4.39 49.62 31.91
N SER K 1079 4.16 49.67 30.60
CA SER K 1079 4.52 48.58 29.69
C SER K 1079 6.00 48.67 29.37
N TRP K 1080 6.81 48.27 30.36
CA TRP K 1080 8.26 48.34 30.20
C TRP K 1080 8.81 47.15 29.42
N THR K 1081 8.15 46.00 29.49
CA THR K 1081 8.58 44.85 28.71
C THR K 1081 8.43 45.10 27.22
N GLN K 1082 7.45 45.93 26.83
CA GLN K 1082 7.29 46.28 25.42
C GLN K 1082 8.38 47.24 24.96
N ILE K 1083 8.73 48.21 25.81
CA ILE K 1083 9.78 49.15 25.45
C ILE K 1083 11.14 48.46 25.39
N ARG K 1084 11.35 47.49 26.28
CA ARG K 1084 12.63 46.76 26.29
C ARG K 1084 12.80 45.93 25.02
N ASP K 1085 11.72 45.32 24.53
CA ASP K 1085 11.78 44.43 23.38
C ASP K 1085 11.35 45.18 22.12
N ASP K 1086 12.28 45.98 21.60
CA ASP K 1086 12.04 46.72 20.36
C ASP K 1086 13.37 47.23 19.80
N PRO K 1087 13.94 46.54 18.81
CA PRO K 1087 15.24 46.98 18.27
C PRO K 1087 15.17 48.29 17.51
N PHE K 1088 13.98 48.83 17.25
CA PHE K 1088 13.89 50.13 16.60
C PHE K 1088 14.38 51.26 17.48
N LEU K 1089 14.48 51.04 18.80
CA LEU K 1089 14.99 52.04 19.72
C LEU K 1089 16.49 51.85 19.98
N GLY K 1090 16.93 50.61 20.17
CA GLY K 1090 18.32 50.34 20.45
C GLY K 1090 18.67 50.20 21.91
N ILE K 1091 17.71 49.81 22.75
CA ILE K 1091 17.94 49.68 24.18
C ILE K 1091 17.56 48.26 24.61
N THR K 1092 17.87 47.27 23.78
CA THR K 1092 17.51 45.90 24.09
C THR K 1092 18.25 45.38 25.31
N ASP K 1093 19.53 45.70 25.43
CA ASP K 1093 20.37 45.22 26.52
C ASP K 1093 20.67 46.30 27.56
N LYS K 1094 20.08 47.49 27.42
CA LYS K 1094 20.34 48.58 28.34
C LYS K 1094 19.36 48.61 29.52
N ILE K 1095 18.27 47.85 29.44
CA ILE K 1095 17.26 47.80 30.49
C ILE K 1095 17.23 46.39 31.07
N PHE K 1096 17.21 46.29 32.40
CA PHE K 1096 17.27 44.94 33.01
C PHE K 1096 16.13 44.80 34.01
N LEU K 1097 14.89 44.83 33.53
CA LEU K 1097 13.74 44.80 34.46
C LEU K 1097 13.73 43.48 35.25
N ASN K 1098 13.88 42.35 34.56
CA ASN K 1098 13.93 41.03 35.24
C ASN K 1098 14.39 39.97 34.24
N GLU K 1099 14.81 38.80 34.71
CA GLU K 1099 15.16 37.70 33.78
C GLU K 1099 14.19 36.54 34.01
N SER K 1129 23.29 39.87 37.68
CA SER K 1129 23.73 41.17 38.15
C SER K 1129 22.55 42.13 38.30
N LYS K 1130 22.18 42.41 39.55
CA LYS K 1130 21.11 43.36 39.84
C LYS K 1130 21.49 44.76 39.37
N LYS K 1131 20.80 45.25 38.35
CA LYS K 1131 21.14 46.54 37.74
C LYS K 1131 20.45 47.69 38.46
N VAL K 1132 20.94 48.89 38.18
CA VAL K 1132 20.46 50.12 38.84
C VAL K 1132 19.07 50.54 38.35
N PRO K 1133 18.79 50.61 37.04
CA PRO K 1133 17.49 51.13 36.61
C PRO K 1133 16.36 50.14 36.92
N GLY K 1134 15.14 50.64 36.79
CA GLY K 1134 13.98 49.82 37.07
C GLY K 1134 12.70 50.46 36.57
N ALA K 1135 11.58 49.78 36.87
CA ALA K 1135 10.28 50.25 36.41
C ALA K 1135 9.88 51.55 37.11
N ILE K 1136 10.25 51.71 38.38
CA ILE K 1136 9.96 52.97 39.07
C ILE K 1136 10.92 54.05 38.61
N HIS K 1137 12.17 53.70 38.33
CA HIS K 1137 13.17 54.69 37.95
C HIS K 1137 12.94 55.22 36.55
N LEU K 1138 12.53 54.37 35.61
CA LEU K 1138 12.24 54.86 34.26
C LEU K 1138 11.04 55.81 34.27
N GLY K 1139 10.02 55.50 35.06
CA GLY K 1139 8.89 56.41 35.17
C GLY K 1139 9.25 57.72 35.82
N ARG K 1140 9.99 57.67 36.92
CA ARG K 1140 10.45 58.90 37.56
C ARG K 1140 11.39 59.67 36.65
N ARG K 1141 12.18 58.97 35.83
CA ARG K 1141 13.10 59.65 34.93
C ARG K 1141 12.34 60.32 33.80
N VAL K 1142 11.25 59.73 33.34
CA VAL K 1142 10.41 60.41 32.36
C VAL K 1142 9.77 61.64 32.96
N ASP K 1143 9.24 61.51 34.19
CA ASP K 1143 8.64 62.68 34.85
C ASP K 1143 9.67 63.73 35.22
N TYR K 1144 10.95 63.37 35.26
CA TYR K 1144 12.04 64.32 35.48
C TYR K 1144 12.55 64.94 34.18
N LEU K 1145 12.66 64.15 33.11
CA LEU K 1145 13.09 64.66 31.81
C LEU K 1145 12.03 65.56 31.20
N LEU K 1146 10.76 65.16 31.28
CA LEU K 1146 9.69 65.99 30.74
C LEU K 1146 9.54 67.28 31.53
N SER K 1147 9.72 67.22 32.86
CA SER K 1147 9.71 68.43 33.66
C SER K 1147 10.90 69.32 33.34
N PHE K 1148 12.02 68.72 32.95
CA PHE K 1148 13.15 69.51 32.44
C PHE K 1148 12.81 70.16 31.11
N LEU K 1149 11.99 69.50 30.29
CA LEU K 1149 11.60 70.06 29.00
C LEU K 1149 10.58 71.18 29.13
N ARG K 1150 9.65 71.08 30.09
CA ARG K 1150 8.66 72.13 30.26
C ARG K 1150 9.27 73.42 30.80
N GLY K 1151 10.37 73.32 31.53
CA GLY K 1151 11.02 74.48 32.09
C GLY K 1151 11.50 74.29 33.51
#